data_4H1T
#
_entry.id   4H1T
#
_cell.length_a   63.691
_cell.length_b   71.080
_cell.length_c   87.937
_cell.angle_alpha   69.620
_cell.angle_beta   72.560
_cell.angle_gamma   85.740
#
_symmetry.space_group_name_H-M   'P 1'
#
loop_
_entity.id
_entity.type
_entity.pdbx_description
1 polymer 'Uridine phosphorylase'
2 non-polymer 'SODIUM ION'
3 non-polymer 1,2-ETHANEDIOL
4 non-polymer ETHANOL
5 non-polymer DI(HYDROXYETHYL)ETHER
6 non-polymer 'PHOSPHATE ION'
7 non-polymer 'SULFATE ION'
8 non-polymer 'POTASSIUM ION'
9 non-polymer 'CHLORIDE ION'
10 water water
#
_entity_poly.entity_id   1
_entity_poly.type   'polypeptide(L)'
_entity_poly.pdbx_seq_one_letter_code
;MTKTVFHLGVTEADLNGATLAIIPGDPARVQKIAELMDNPVFLASHREYTVYRAELDGQSVVVCSTGIGGPSTSIAVEEL
AQLGVRTFLRVGTTGAIQPHVNVGDMIVTTGSVRLDGASLHFAPMEFPAVPDFDVATAMKAAAQESGATVHMGVTASSDT
FYPGQERYDTFTGRVVRRFQGSMKEWQDMGVLNFEMESATLLTMCASSGLKAGCVAGVIINRTQKEIPDHATLKETEARS
IKVVVEAARKMLK
;
_entity_poly.pdbx_strand_id   A,B,C,D,E,F
#
loop_
_chem_comp.id
_chem_comp.type
_chem_comp.name
_chem_comp.formula
CL non-polymer 'CHLORIDE ION' 'Cl -1'
EDO non-polymer 1,2-ETHANEDIOL 'C2 H6 O2'
EOH non-polymer ETHANOL 'C2 H6 O'
K non-polymer 'POTASSIUM ION' 'K 1'
NA non-polymer 'SODIUM ION' 'Na 1'
PEG non-polymer DI(HYDROXYETHYL)ETHER 'C4 H10 O3'
PO4 non-polymer 'PHOSPHATE ION' 'O4 P -3'
SO4 non-polymer 'SULFATE ION' 'O4 S -2'
#
# COMPACT_ATOMS: atom_id res chain seq x y z
N LYS A 3 23.60 30.90 -0.11
CA LYS A 3 24.20 31.79 0.88
C LYS A 3 23.26 31.98 2.06
N THR A 4 22.07 32.51 1.79
CA THR A 4 21.04 32.67 2.82
C THR A 4 19.88 31.73 2.53
N VAL A 5 19.72 30.71 3.38
CA VAL A 5 18.66 29.71 3.19
C VAL A 5 17.28 30.34 3.19
N PHE A 6 16.36 29.76 2.41
CA PHE A 6 15.10 30.42 2.09
C PHE A 6 14.15 30.66 3.27
N HIS A 7 14.04 29.70 4.17
CA HIS A 7 13.07 29.82 5.25
C HIS A 7 13.69 30.37 6.54
N LEU A 8 14.87 29.87 6.91
CA LEU A 8 15.48 30.23 8.18
C LEU A 8 16.04 31.66 8.20
N GLY A 9 16.41 32.15 7.03
CA GLY A 9 16.89 33.52 6.89
C GLY A 9 18.24 33.73 7.56
N VAL A 10 19.07 32.69 7.51
CA VAL A 10 20.36 32.70 8.19
CA VAL A 10 20.36 32.69 8.19
C VAL A 10 21.46 32.18 7.25
N THR A 11 22.68 32.66 7.45
CA THR A 11 23.81 32.25 6.64
C THR A 11 24.70 31.31 7.42
N GLU A 12 25.66 30.69 6.74
CA GLU A 12 26.61 29.82 7.43
C GLU A 12 27.47 30.63 8.40
N ALA A 13 27.80 31.85 8.00
CA ALA A 13 28.62 32.74 8.82
C ALA A 13 27.97 33.04 10.17
N ASP A 14 26.65 33.20 10.17
CA ASP A 14 25.91 33.48 11.39
C ASP A 14 26.01 32.31 12.37
N LEU A 15 26.23 31.11 11.83
CA LEU A 15 26.27 29.90 12.65
C LEU A 15 27.61 29.72 13.36
N ASN A 16 28.61 30.49 12.93
CA ASN A 16 29.94 30.47 13.55
C ASN A 16 30.56 29.09 13.70
N GLY A 17 30.41 28.25 12.69
CA GLY A 17 31.05 26.94 12.68
C GLY A 17 30.29 25.86 13.43
N ALA A 18 29.07 26.16 13.84
CA ALA A 18 28.25 25.19 14.54
C ALA A 18 27.91 24.00 13.66
N THR A 19 28.06 22.80 14.21
CA THR A 19 27.71 21.58 13.48
C THR A 19 26.61 20.85 14.22
N LEU A 20 26.16 21.46 15.32
CA LEU A 20 25.12 20.86 16.15
C LEU A 20 23.99 21.84 16.39
N ALA A 21 22.76 21.38 16.24
CA ALA A 21 21.60 22.21 16.50
C ALA A 21 20.64 21.53 17.48
N ILE A 22 20.21 22.30 18.48
CA ILE A 22 19.11 21.89 19.33
C ILE A 22 17.83 22.43 18.69
N ILE A 23 16.87 21.55 18.45
CA ILE A 23 15.68 21.94 17.71
C ILE A 23 14.37 21.74 18.48
N PRO A 24 13.94 22.76 19.23
CA PRO A 24 12.63 22.70 19.90
C PRO A 24 11.54 22.95 18.86
N GLY A 25 10.29 22.68 19.22
CA GLY A 25 9.19 22.95 18.32
C GLY A 25 8.72 24.40 18.40
N ASP A 26 8.68 24.92 19.63
CA ASP A 26 8.14 26.26 19.89
C ASP A 26 9.24 27.32 19.78
N PRO A 27 9.02 28.31 18.90
CA PRO A 27 9.96 29.44 18.77
C PRO A 27 10.23 30.17 20.07
N ALA A 28 9.24 30.22 20.96
CA ALA A 28 9.40 30.89 22.25
C ALA A 28 10.36 30.17 23.18
N ARG A 29 10.69 28.92 22.84
CA ARG A 29 11.58 28.12 23.69
CA ARG A 29 11.59 28.12 23.68
C ARG A 29 13.05 28.27 23.27
N VAL A 30 13.27 28.81 22.07
CA VAL A 30 14.62 28.91 21.52
C VAL A 30 15.56 29.76 22.38
N GLN A 31 15.13 30.98 22.73
CA GLN A 31 15.93 31.86 23.56
C GLN A 31 16.23 31.23 24.91
N LYS A 32 15.23 30.60 25.50
CA LYS A 32 15.37 29.93 26.79
C LYS A 32 16.47 28.87 26.76
N ILE A 33 16.50 28.09 25.68
CA ILE A 33 17.52 27.06 25.52
C ILE A 33 18.88 27.70 25.27
N ALA A 34 18.90 28.71 24.40
CA ALA A 34 20.14 29.41 24.06
C ALA A 34 20.80 30.02 25.29
N GLU A 35 19.98 30.55 26.19
CA GLU A 35 20.49 31.22 27.38
C GLU A 35 21.06 30.26 28.43
N LEU A 36 20.82 28.97 28.24
CA LEU A 36 21.42 27.96 29.12
C LEU A 36 22.90 27.84 28.81
N MET A 37 23.27 28.25 27.60
CA MET A 37 24.65 28.19 27.16
C MET A 37 25.29 29.56 27.22
N ASP A 38 26.49 29.70 26.65
CA ASP A 38 27.25 30.94 26.77
C ASP A 38 27.04 31.86 25.58
N ASN A 39 27.01 33.15 25.86
CA ASN A 39 26.89 34.19 24.83
C ASN A 39 25.81 33.92 23.79
N PRO A 40 24.56 33.74 24.25
CA PRO A 40 23.48 33.46 23.29
C PRO A 40 23.25 34.68 22.39
N VAL A 41 23.08 34.42 21.10
CA VAL A 41 22.90 35.49 20.13
C VAL A 41 21.67 35.21 19.27
N PHE A 42 20.76 36.16 19.24
CA PHE A 42 19.62 36.10 18.34
C PHE A 42 20.11 36.23 16.90
N LEU A 43 19.71 35.30 16.05
CA LEU A 43 20.11 35.33 14.66
C LEU A 43 18.96 35.80 13.76
N ALA A 44 17.81 35.15 13.88
CA ALA A 44 16.68 35.49 13.03
C ALA A 44 15.36 34.94 13.57
N SER A 45 14.27 35.50 13.08
CA SER A 45 12.94 34.95 13.35
C SER A 45 12.03 35.17 12.15
N HIS A 46 11.69 34.08 11.49
CA HIS A 46 10.76 34.12 10.36
C HIS A 46 9.84 32.91 10.50
N ARG A 47 8.53 33.15 10.34
CA ARG A 47 7.54 32.10 10.49
C ARG A 47 7.69 31.38 11.84
N GLU A 48 7.66 30.05 11.83
CA GLU A 48 7.84 29.29 13.06
C GLU A 48 9.32 29.07 13.38
N TYR A 49 10.20 29.73 12.64
CA TYR A 49 11.63 29.50 12.78
C TYR A 49 12.36 30.62 13.50
N THR A 50 12.57 30.45 14.79
CA THR A 50 13.42 31.37 15.55
C THR A 50 14.78 30.72 15.73
N VAL A 51 15.82 31.44 15.33
CA VAL A 51 17.17 30.88 15.32
C VAL A 51 18.10 31.66 16.22
N TYR A 52 18.71 30.96 17.17
CA TYR A 52 19.71 31.55 18.04
C TYR A 52 21.01 30.80 17.88
N ARG A 53 22.11 31.45 18.25
CA ARG A 53 23.39 30.78 18.36
C ARG A 53 23.88 30.97 19.78
N ALA A 54 24.57 29.97 20.29
CA ALA A 54 25.17 30.07 21.61
C ALA A 54 26.47 29.29 21.61
N GLU A 55 27.19 29.36 22.72
CA GLU A 55 28.45 28.64 22.82
C GLU A 55 28.44 27.67 23.99
N LEU A 56 28.80 26.42 23.69
CA LEU A 56 28.83 25.37 24.69
C LEU A 56 30.23 24.80 24.76
N ASP A 57 30.89 25.00 25.90
CA ASP A 57 32.28 24.60 26.08
C ASP A 57 33.16 25.14 24.95
N GLY A 58 32.91 26.39 24.57
CA GLY A 58 33.71 27.06 23.56
C GLY A 58 33.32 26.72 22.13
N GLN A 59 32.31 25.87 21.96
CA GLN A 59 31.86 25.49 20.63
C GLN A 59 30.48 26.08 20.32
N SER A 60 30.32 26.55 19.09
CA SER A 60 29.05 27.15 18.69
C SER A 60 27.96 26.10 18.58
N VAL A 61 26.78 26.44 19.09
CA VAL A 61 25.61 25.57 19.01
C VAL A 61 24.44 26.38 18.48
N VAL A 62 23.73 25.82 17.50
CA VAL A 62 22.54 26.47 16.97
C VAL A 62 21.31 26.02 17.73
N VAL A 63 20.43 26.96 18.05
CA VAL A 63 19.11 26.61 18.55
C VAL A 63 18.09 27.14 17.55
N CYS A 64 17.27 26.23 17.03
CA CYS A 64 16.33 26.60 15.98
C CYS A 64 14.99 25.89 16.17
N SER A 65 13.91 26.66 16.26
CA SER A 65 12.59 26.08 16.36
C SER A 65 12.19 25.46 15.03
N THR A 66 11.33 24.44 15.09
CA THR A 66 10.94 23.70 13.91
C THR A 66 9.49 23.97 13.56
N GLY A 67 8.74 24.47 14.53
CA GLY A 67 7.30 24.54 14.41
C GLY A 67 6.74 23.15 14.67
N ILE A 68 5.42 23.02 14.60
CA ILE A 68 4.77 21.73 14.79
C ILE A 68 4.73 20.95 13.48
N GLY A 69 5.13 19.69 13.54
CA GLY A 69 4.98 18.80 12.40
C GLY A 69 6.24 18.54 11.61
N GLY A 70 6.28 17.37 11.00
CA GLY A 70 7.37 16.99 10.11
C GLY A 70 7.72 17.94 8.99
N PRO A 71 6.69 18.45 8.26
CA PRO A 71 6.98 19.38 7.16
C PRO A 71 7.85 20.58 7.55
N SER A 72 7.41 21.37 8.53
CA SER A 72 8.19 22.54 8.92
C SER A 72 9.53 22.12 9.55
N THR A 73 9.54 20.96 10.19
CA THR A 73 10.76 20.41 10.76
C THR A 73 11.76 20.04 9.67
N SER A 74 11.29 19.36 8.63
CA SER A 74 12.15 18.91 7.54
C SER A 74 12.85 20.08 6.86
N ILE A 75 12.16 21.22 6.80
CA ILE A 75 12.74 22.42 6.23
C ILE A 75 13.88 22.95 7.09
N ALA A 76 13.62 23.04 8.39
CA ALA A 76 14.62 23.56 9.32
C ALA A 76 15.88 22.71 9.29
N VAL A 77 15.71 21.39 9.32
CA VAL A 77 16.84 20.46 9.30
C VAL A 77 17.63 20.56 8.00
N GLU A 78 16.93 20.57 6.87
CA GLU A 78 17.57 20.65 5.57
C GLU A 78 18.41 21.92 5.42
N GLU A 79 17.83 23.06 5.79
CA GLU A 79 18.51 24.33 5.62
C GLU A 79 19.67 24.50 6.59
N LEU A 80 19.52 23.98 7.81
CA LEU A 80 20.62 23.96 8.75
C LEU A 80 21.73 23.05 8.25
N ALA A 81 21.34 21.92 7.66
CA ALA A 81 22.31 20.97 7.10
C ALA A 81 23.08 21.60 5.95
N GLN A 82 22.39 22.40 5.14
CA GLN A 82 23.04 23.14 4.06
C GLN A 82 24.10 24.09 4.60
N LEU A 83 23.89 24.57 5.82
CA LEU A 83 24.82 25.51 6.45
C LEU A 83 25.80 24.81 7.38
N GLY A 84 25.92 23.49 7.27
CA GLY A 84 26.96 22.76 7.97
C GLY A 84 26.55 22.00 9.22
N VAL A 85 25.29 22.11 9.63
CA VAL A 85 24.83 21.38 10.81
C VAL A 85 24.64 19.90 10.50
N ARG A 86 25.21 19.04 11.33
CA ARG A 86 25.21 17.61 11.09
C ARG A 86 24.47 16.84 12.18
N THR A 87 24.34 17.45 13.36
CA THR A 87 23.71 16.80 14.49
C THR A 87 22.50 17.59 14.98
N PHE A 88 21.38 16.90 15.14
CA PHE A 88 20.13 17.56 15.50
C PHE A 88 19.51 16.95 16.75
N LEU A 89 19.37 17.78 17.79
CA LEU A 89 18.84 17.31 19.05
CA LEU A 89 18.85 17.31 19.07
C LEU A 89 17.43 17.82 19.28
N ARG A 90 16.46 16.93 19.09
CA ARG A 90 15.06 17.27 19.32
C ARG A 90 14.77 17.28 20.81
N VAL A 91 14.23 18.39 21.29
CA VAL A 91 13.82 18.50 22.68
C VAL A 91 12.40 19.03 22.75
N GLY A 92 11.65 18.57 23.75
CA GLY A 92 10.32 19.09 23.99
C GLY A 92 9.72 18.43 25.20
N THR A 93 8.41 18.56 25.33
CA THR A 93 7.68 17.84 26.36
C THR A 93 6.57 17.05 25.68
N THR A 94 6.12 15.99 26.33
CA THR A 94 5.19 15.07 25.68
C THR A 94 4.21 14.44 26.66
N GLY A 95 3.13 13.88 26.12
CA GLY A 95 2.17 13.14 26.92
C GLY A 95 2.36 11.64 26.72
N ALA A 96 2.59 10.93 27.81
CA ALA A 96 2.82 9.49 27.75
C ALA A 96 1.51 8.72 27.66
N ILE A 97 1.56 7.53 27.07
CA ILE A 97 0.37 6.70 26.95
C ILE A 97 0.53 5.38 27.69
N GLN A 98 1.65 5.23 28.40
CA GLN A 98 1.86 4.07 29.26
C GLN A 98 1.64 4.47 30.71
N PRO A 99 0.91 3.63 31.47
CA PRO A 99 0.58 3.94 32.85
C PRO A 99 1.80 3.98 33.78
N HIS A 100 2.87 3.27 33.38
CA HIS A 100 4.06 3.21 34.22
C HIS A 100 4.97 4.42 34.03
N VAL A 101 4.68 5.23 33.03
CA VAL A 101 5.44 6.45 32.80
C VAL A 101 4.80 7.63 33.53
N ASN A 102 5.57 8.26 34.40
CA ASN A 102 5.06 9.35 35.24
C ASN A 102 5.47 10.72 34.75
N VAL A 103 4.68 11.73 35.12
CA VAL A 103 5.03 13.12 34.85
C VAL A 103 6.36 13.45 35.50
N GLY A 104 7.28 14.01 34.72
CA GLY A 104 8.61 14.31 35.23
C GLY A 104 9.65 13.36 34.68
N ASP A 105 9.21 12.20 34.21
CA ASP A 105 10.11 11.23 33.59
C ASP A 105 10.59 11.76 32.24
N MET A 106 11.69 11.19 31.76
CA MET A 106 12.24 11.56 30.47
C MET A 106 12.07 10.40 29.50
N ILE A 107 11.69 10.72 28.26
CA ILE A 107 11.61 9.72 27.21
C ILE A 107 12.66 10.02 26.15
N VAL A 108 13.52 9.04 25.89
CA VAL A 108 14.45 9.14 24.78
C VAL A 108 14.01 8.16 23.71
N THR A 109 13.71 8.69 22.53
CA THR A 109 13.18 7.88 21.44
C THR A 109 14.23 6.94 20.87
N THR A 110 13.91 5.65 20.85
CA THR A 110 14.80 4.65 20.25
C THR A 110 14.32 4.33 18.85
N GLY A 111 13.05 4.66 18.58
CA GLY A 111 12.46 4.43 17.29
C GLY A 111 11.10 5.10 17.24
N SER A 112 10.67 5.49 16.04
CA SER A 112 9.38 6.16 15.92
C SER A 112 8.43 5.39 15.01
N VAL A 113 7.19 5.26 15.46
CA VAL A 113 6.13 4.79 14.57
C VAL A 113 5.85 5.91 13.59
N ARG A 114 5.98 5.61 12.30
CA ARG A 114 5.87 6.63 11.27
C ARG A 114 4.42 6.87 10.86
N LEU A 115 3.68 7.59 11.69
CA LEU A 115 2.31 7.98 11.36
C LEU A 115 2.33 9.37 10.74
N ASP A 116 3.42 9.66 10.02
CA ASP A 116 3.60 10.94 9.36
C ASP A 116 3.67 10.75 7.85
N GLY A 117 3.91 11.84 7.13
CA GLY A 117 4.04 11.76 5.68
C GLY A 117 5.42 12.17 5.21
N ALA A 118 6.03 13.10 5.94
CA ALA A 118 7.30 13.67 5.52
C ALA A 118 8.45 12.67 5.55
N SER A 119 8.39 11.69 6.46
CA SER A 119 9.42 10.65 6.51
C SER A 119 9.49 9.89 5.19
N LEU A 120 8.33 9.74 4.54
CA LEU A 120 8.24 9.05 3.27
C LEU A 120 8.92 9.79 2.13
N HIS A 121 9.22 11.07 2.36
CA HIS A 121 9.88 11.88 1.34
C HIS A 121 11.39 11.72 1.39
N PHE A 122 11.87 10.90 2.32
CA PHE A 122 13.29 10.66 2.47
C PHE A 122 13.63 9.18 2.39
N ALA A 123 12.70 8.34 2.81
CA ALA A 123 12.91 6.90 2.77
C ALA A 123 11.56 6.19 2.76
N PRO A 124 11.48 5.04 2.08
CA PRO A 124 10.23 4.28 2.06
C PRO A 124 9.85 3.83 3.47
N MET A 125 8.59 3.44 3.64
CA MET A 125 8.05 3.16 4.97
C MET A 125 8.81 2.08 5.73
N GLU A 126 9.40 1.14 5.00
N GLU A 126 9.40 1.13 5.01
CA GLU A 126 10.13 0.04 5.63
CA GLU A 126 10.12 0.04 5.64
C GLU A 126 11.39 0.50 6.35
C GLU A 126 11.39 0.50 6.35
N PHE A 127 11.87 1.69 5.99
CA PHE A 127 13.06 2.25 6.63
C PHE A 127 12.73 2.64 8.07
N PRO A 128 13.63 2.32 9.02
CA PRO A 128 13.36 2.60 10.42
C PRO A 128 13.57 4.07 10.79
N ALA A 129 12.57 4.66 11.44
CA ALA A 129 12.75 6.00 12.01
C ALA A 129 13.53 5.83 13.30
N VAL A 130 14.85 5.76 13.17
CA VAL A 130 15.71 5.51 14.31
CA VAL A 130 15.74 5.47 14.29
C VAL A 130 16.73 6.61 14.51
N PRO A 131 17.00 6.96 15.78
CA PRO A 131 17.98 7.99 16.07
C PRO A 131 19.40 7.48 15.87
N ASP A 132 20.34 8.40 15.70
CA ASP A 132 21.74 8.06 15.72
C ASP A 132 22.06 7.47 17.09
N PHE A 133 22.88 6.41 17.11
CA PHE A 133 23.17 5.71 18.35
C PHE A 133 23.90 6.60 19.36
N ASP A 134 24.86 7.37 18.87
CA ASP A 134 25.62 8.28 19.74
C ASP A 134 24.70 9.32 20.37
N VAL A 135 23.77 9.83 19.59
CA VAL A 135 22.84 10.85 20.10
C VAL A 135 21.90 10.27 21.14
N ALA A 136 21.32 9.11 20.84
CA ALA A 136 20.45 8.43 21.78
C ALA A 136 21.20 8.10 23.07
N THR A 137 22.46 7.68 22.92
CA THR A 137 23.30 7.37 24.06
C THR A 137 23.57 8.62 24.91
N ALA A 138 23.88 9.72 24.23
CA ALA A 138 24.16 10.98 24.90
C ALA A 138 22.92 11.51 25.61
N MET A 139 21.77 11.34 24.97
CA MET A 139 20.50 11.76 25.54
C MET A 139 20.13 10.93 26.75
N LYS A 140 20.30 9.61 26.65
CA LYS A 140 20.03 8.74 27.79
C LYS A 140 20.92 9.12 28.96
N ALA A 141 22.21 9.30 28.67
CA ALA A 141 23.17 9.68 29.69
C ALA A 141 22.80 10.98 30.39
N ALA A 142 22.48 12.00 29.60
CA ALA A 142 22.10 13.31 30.15
C ALA A 142 20.81 13.24 30.95
N ALA A 143 19.84 12.50 30.44
CA ALA A 143 18.54 12.36 31.11
C ALA A 143 18.68 11.65 32.44
N GLN A 144 19.46 10.58 32.46
CA GLN A 144 19.68 9.80 33.68
C GLN A 144 20.52 10.59 34.68
N GLU A 145 21.49 11.35 34.20
CA GLU A 145 22.33 12.16 35.06
C GLU A 145 21.53 13.30 35.70
N SER A 146 20.39 13.63 35.10
CA SER A 146 19.52 14.66 35.65
C SER A 146 18.83 14.18 36.92
N GLY A 147 18.78 12.86 37.10
CA GLY A 147 18.15 12.26 38.26
C GLY A 147 16.75 11.75 37.94
N ALA A 148 16.25 12.12 36.77
CA ALA A 148 14.92 11.73 36.36
C ALA A 148 14.86 10.25 35.97
N THR A 149 13.69 9.66 36.07
CA THR A 149 13.47 8.32 35.55
C THR A 149 13.43 8.39 34.03
N VAL A 150 14.21 7.56 33.38
CA VAL A 150 14.36 7.64 31.93
C VAL A 150 13.82 6.41 31.22
N HIS A 151 12.98 6.64 30.22
CA HIS A 151 12.41 5.55 29.44
C HIS A 151 12.98 5.56 28.03
N MET A 152 13.66 4.47 27.68
CA MET A 152 14.16 4.29 26.33
C MET A 152 13.14 3.45 25.57
N GLY A 153 12.50 4.03 24.57
CA GLY A 153 11.46 3.31 23.87
C GLY A 153 10.93 3.95 22.61
N VAL A 154 9.91 3.30 22.05
CA VAL A 154 9.34 3.74 20.79
CA VAL A 154 9.31 3.70 20.79
C VAL A 154 8.28 4.82 20.98
N THR A 155 8.29 5.78 20.06
CA THR A 155 7.34 6.88 20.12
CA THR A 155 7.37 6.90 20.11
C THR A 155 6.47 6.88 18.88
N ALA A 156 5.17 7.10 19.07
CA ALA A 156 4.26 7.16 17.93
C ALA A 156 4.25 8.60 17.41
N SER A 157 4.73 8.78 16.18
CA SER A 157 4.88 10.12 15.63
C SER A 157 3.81 10.43 14.60
N SER A 158 2.84 11.24 14.99
CA SER A 158 1.64 11.48 14.20
C SER A 158 1.64 12.83 13.47
N ASP A 159 1.10 12.82 12.26
CA ASP A 159 0.96 14.04 11.48
C ASP A 159 -0.21 14.88 11.98
N THR A 160 -0.96 14.36 12.95
CA THR A 160 -2.01 15.16 13.56
C THR A 160 -1.95 15.10 15.07
N PHE A 161 -2.56 16.10 15.70
CA PHE A 161 -2.64 16.14 17.15
C PHE A 161 -3.91 15.42 17.60
N TYR A 162 -4.92 15.41 16.75
CA TYR A 162 -6.23 14.89 17.16
C TYR A 162 -6.55 13.46 16.68
N PRO A 163 -6.92 13.28 15.39
CA PRO A 163 -7.35 11.91 15.06
C PRO A 163 -6.21 10.90 15.07
N GLY A 164 -5.00 11.34 14.75
CA GLY A 164 -3.85 10.47 14.71
C GLY A 164 -3.37 10.03 16.08
N GLN A 165 -3.79 10.76 17.11
CA GLN A 165 -3.51 10.37 18.49
C GLN A 165 -4.80 9.88 19.13
N GLU A 166 -5.73 9.44 18.27
CA GLU A 166 -7.05 8.96 18.65
C GLU A 166 -7.78 9.81 19.68
N ARG A 167 -7.86 11.11 19.43
CA ARG A 167 -8.64 11.99 20.27
CA ARG A 167 -8.64 12.00 20.28
C ARG A 167 -10.05 12.12 19.71
N TYR A 168 -11.05 11.97 20.57
CA TYR A 168 -12.44 12.02 20.14
C TYR A 168 -13.15 13.28 20.61
N ASP A 169 -12.52 14.01 21.52
CA ASP A 169 -13.07 15.27 22.01
C ASP A 169 -12.86 16.37 20.99
N THR A 170 -13.44 16.17 19.80
CA THR A 170 -13.16 17.03 18.67
C THR A 170 -14.43 17.55 18.02
N PHE A 171 -14.27 18.31 16.95
CA PHE A 171 -15.41 18.85 16.22
C PHE A 171 -16.30 17.75 15.65
N THR A 172 -15.71 16.78 14.97
CA THR A 172 -16.50 15.69 14.40
C THR A 172 -16.71 14.57 15.40
N GLY A 173 -15.79 14.46 16.36
CA GLY A 173 -15.90 13.43 17.39
C GLY A 173 -15.65 12.04 16.86
N ARG A 174 -15.11 11.94 15.66
CA ARG A 174 -14.81 10.65 15.08
C ARG A 174 -13.39 10.60 14.55
N VAL A 175 -12.93 9.38 14.28
CA VAL A 175 -11.56 9.14 13.88
C VAL A 175 -11.57 8.16 12.73
N VAL A 176 -10.77 8.45 11.71
CA VAL A 176 -10.72 7.60 10.52
C VAL A 176 -10.40 6.15 10.90
N ARG A 177 -10.91 5.22 10.10
CA ARG A 177 -10.79 3.79 10.31
C ARG A 177 -9.40 3.34 10.77
N ARG A 178 -8.37 3.84 10.10
CA ARG A 178 -6.98 3.50 10.39
C ARG A 178 -6.59 3.76 11.85
N PHE A 179 -7.12 4.83 12.44
CA PHE A 179 -6.71 5.21 13.78
C PHE A 179 -7.71 4.84 14.88
N GLN A 180 -8.82 4.20 14.50
CA GLN A 180 -9.76 3.72 15.50
C GLN A 180 -9.15 2.57 16.30
N GLY A 181 -9.09 2.76 17.61
CA GLY A 181 -8.49 1.77 18.49
C GLY A 181 -6.97 1.73 18.39
N SER A 182 -6.39 2.75 17.76
CA SER A 182 -4.94 2.78 17.54
C SER A 182 -4.14 3.02 18.82
N MET A 183 -4.66 3.84 19.72
CA MET A 183 -3.92 4.14 20.94
C MET A 183 -3.72 2.89 21.79
N LYS A 184 -4.78 2.10 21.92
CA LYS A 184 -4.70 0.83 22.64
C LYS A 184 -3.70 -0.10 21.96
N GLU A 185 -3.72 -0.12 20.64
CA GLU A 185 -2.79 -0.93 19.86
C GLU A 185 -1.34 -0.51 20.14
N TRP A 186 -1.08 0.79 20.13
CA TRP A 186 0.26 1.28 20.42
C TRP A 186 0.64 0.99 21.87
N GLN A 187 -0.31 1.21 22.78
CA GLN A 187 -0.09 0.92 24.19
C GLN A 187 0.31 -0.53 24.41
N ASP A 188 -0.38 -1.44 23.73
CA ASP A 188 -0.09 -2.86 23.87
C ASP A 188 1.26 -3.22 23.26
N MET A 189 1.68 -2.46 22.25
CA MET A 189 2.96 -2.68 21.61
C MET A 189 4.11 -2.00 22.35
N GLY A 190 3.80 -1.39 23.49
CA GLY A 190 4.82 -0.80 24.34
C GLY A 190 5.22 0.61 23.96
N VAL A 191 4.47 1.22 23.05
CA VAL A 191 4.74 2.60 22.64
C VAL A 191 4.60 3.55 23.82
N LEU A 192 5.58 4.42 24.00
CA LEU A 192 5.65 5.27 25.19
C LEU A 192 4.78 6.51 25.12
N ASN A 193 4.76 7.16 23.94
CA ASN A 193 4.09 8.44 23.82
C ASN A 193 3.77 8.81 22.38
N PHE A 194 2.91 9.81 22.23
CA PHE A 194 2.67 10.45 20.95
C PHE A 194 3.45 11.75 20.90
N GLU A 195 3.96 12.06 19.71
CA GLU A 195 4.36 13.41 19.37
C GLU A 195 4.25 13.56 17.85
N MET A 196 4.76 14.65 17.29
CA MET A 196 4.43 14.96 15.91
C MET A 196 5.59 15.27 14.97
N GLU A 197 6.82 15.02 15.40
CA GLU A 197 7.97 15.39 14.57
C GLU A 197 9.07 14.34 14.45
N SER A 198 9.09 13.37 15.37
CA SER A 198 10.22 12.44 15.45
C SER A 198 10.38 11.52 14.23
N ALA A 199 9.27 11.03 13.69
CA ALA A 199 9.35 10.14 12.53
C ALA A 199 10.02 10.83 11.35
N THR A 200 9.60 12.06 11.08
CA THR A 200 10.20 12.85 10.03
C THR A 200 11.67 13.10 10.33
N LEU A 201 11.94 13.63 11.52
CA LEU A 201 13.30 13.99 11.90
C LEU A 201 14.25 12.81 11.86
N LEU A 202 13.86 11.71 12.49
CA LEU A 202 14.74 10.54 12.58
C LEU A 202 14.96 9.89 11.21
N THR A 203 13.88 9.71 10.45
CA THR A 203 13.99 9.09 9.13
C THR A 203 14.83 9.94 8.18
N MET A 204 14.52 11.24 8.14
CA MET A 204 15.24 12.18 7.31
C MET A 204 16.74 12.14 7.61
N CYS A 205 17.09 12.23 8.88
CA CYS A 205 18.50 12.29 9.26
C CYS A 205 19.21 10.96 9.08
N ALA A 206 18.57 9.87 9.52
CA ALA A 206 19.18 8.55 9.43
C ALA A 206 19.39 8.11 7.99
N SER A 207 18.65 8.71 7.07
CA SER A 207 18.80 8.41 5.65
C SER A 207 19.58 9.48 4.88
N SER A 208 20.07 10.49 5.59
CA SER A 208 20.75 11.61 4.93
C SER A 208 22.13 11.91 5.50
N GLY A 209 22.63 11.03 6.37
CA GLY A 209 23.96 11.20 6.92
C GLY A 209 24.01 12.26 8.00
N LEU A 210 22.88 12.46 8.66
CA LEU A 210 22.81 13.39 9.77
C LEU A 210 22.54 12.61 11.03
N LYS A 211 23.03 13.12 12.15
CA LYS A 211 22.80 12.47 13.44
C LYS A 211 21.64 13.15 14.14
N ALA A 212 20.63 12.36 14.53
CA ALA A 212 19.47 12.92 15.21
C ALA A 212 19.01 12.05 16.36
N GLY A 213 18.27 12.67 17.27
CA GLY A 213 17.70 11.99 18.40
C GLY A 213 16.61 12.84 19.01
N CYS A 214 15.76 12.23 19.81
CA CYS A 214 14.64 12.93 20.41
CA CYS A 214 14.64 12.94 20.42
C CYS A 214 14.58 12.66 21.91
N VAL A 215 14.48 13.73 22.69
CA VAL A 215 14.34 13.61 24.13
C VAL A 215 13.18 14.50 24.56
N ALA A 216 12.39 14.01 25.50
CA ALA A 216 11.21 14.77 25.93
C ALA A 216 10.89 14.50 27.40
N GLY A 217 10.46 15.56 28.09
CA GLY A 217 9.98 15.42 29.45
C GLY A 217 8.49 15.11 29.42
N VAL A 218 8.05 14.21 30.27
CA VAL A 218 6.64 13.84 30.31
C VAL A 218 5.88 14.83 31.19
N ILE A 219 4.97 15.59 30.57
CA ILE A 219 4.20 16.59 31.31
C ILE A 219 2.76 16.17 31.56
N ILE A 220 2.37 15.02 31.01
CA ILE A 220 1.03 14.49 31.24
C ILE A 220 0.97 13.03 30.83
N ASN A 221 0.01 12.30 31.41
CA ASN A 221 -0.22 10.91 31.05
C ASN A 221 -1.70 10.71 30.74
N ARG A 222 -1.99 10.33 29.50
CA ARG A 222 -3.38 10.18 29.05
C ARG A 222 -4.13 9.05 29.74
N THR A 223 -3.41 8.17 30.41
CA THR A 223 -4.05 7.07 31.14
C THR A 223 -4.36 7.49 32.57
N GLN A 224 -3.78 8.61 32.98
CA GLN A 224 -3.98 9.12 34.34
C GLN A 224 -4.92 10.32 34.34
N LYS A 225 -5.81 10.38 35.32
CA LYS A 225 -6.78 11.45 35.41
C LYS A 225 -6.25 12.62 36.24
N GLU A 226 -5.20 12.35 37.02
CA GLU A 226 -4.60 13.38 37.86
C GLU A 226 -3.91 14.46 37.03
N ILE A 227 -4.18 15.71 37.36
CA ILE A 227 -3.59 16.85 36.65
C ILE A 227 -2.33 17.32 37.36
N PRO A 228 -1.20 17.35 36.65
CA PRO A 228 0.07 17.81 37.21
C PRO A 228 0.00 19.28 37.61
N ASP A 229 0.64 19.64 38.71
CA ASP A 229 0.64 21.03 39.17
C ASP A 229 1.64 21.86 38.39
N HIS A 230 1.47 23.19 38.47
CA HIS A 230 2.29 24.12 37.70
C HIS A 230 3.78 24.00 38.04
N ALA A 231 4.06 23.64 39.29
CA ALA A 231 5.44 23.50 39.76
C ALA A 231 6.14 22.31 39.09
N THR A 232 5.45 21.18 39.01
CA THR A 232 6.00 19.98 38.40
C THR A 232 6.19 20.17 36.90
N LEU A 233 5.24 20.86 36.27
CA LEU A 233 5.31 21.14 34.84
C LEU A 233 6.49 22.05 34.53
N LYS A 234 6.69 23.07 35.36
CA LYS A 234 7.78 24.01 35.17
C LYS A 234 9.14 23.31 35.34
N GLU A 235 9.23 22.46 36.35
CA GLU A 235 10.45 21.69 36.59
C GLU A 235 10.75 20.73 35.45
N THR A 236 9.70 20.13 34.90
CA THR A 236 9.85 19.15 33.83
C THR A 236 10.31 19.82 32.53
N GLU A 237 9.75 21.00 32.27
CA GLU A 237 10.14 21.78 31.10
C GLU A 237 11.60 22.19 31.19
N ALA A 238 11.99 22.67 32.37
CA ALA A 238 13.34 23.13 32.61
C ALA A 238 14.35 21.98 32.56
N ARG A 239 13.98 20.85 33.14
CA ARG A 239 14.86 19.69 33.13
C ARG A 239 15.06 19.20 31.69
N SER A 240 14.00 19.25 30.90
CA SER A 240 14.05 18.77 29.52
C SER A 240 15.08 19.55 28.70
N ILE A 241 15.10 20.88 28.87
CA ILE A 241 16.06 21.69 28.13
C ILE A 241 17.46 21.65 28.75
N LYS A 242 17.53 21.42 30.06
CA LYS A 242 18.82 21.22 30.71
C LYS A 242 19.42 19.93 30.17
N VAL A 243 18.58 18.90 30.08
CA VAL A 243 19.02 17.60 29.60
C VAL A 243 19.52 17.64 28.16
N VAL A 244 18.80 18.35 27.30
CA VAL A 244 19.19 18.40 25.89
C VAL A 244 20.51 19.15 25.69
N VAL A 245 20.75 20.16 26.53
CA VAL A 245 21.98 20.92 26.45
C VAL A 245 23.16 20.07 26.89
N GLU A 246 22.96 19.27 27.93
CA GLU A 246 24.01 18.37 28.41
CA GLU A 246 24.01 18.37 28.41
C GLU A 246 24.25 17.25 27.40
N ALA A 247 23.19 16.84 26.70
CA ALA A 247 23.32 15.84 25.65
C ALA A 247 24.17 16.42 24.54
N ALA A 248 23.95 17.69 24.23
CA ALA A 248 24.75 18.40 23.24
C ALA A 248 26.22 18.42 23.66
N ARG A 249 26.46 18.69 24.94
CA ARG A 249 27.80 18.71 25.48
C ARG A 249 28.51 17.38 25.27
N LYS A 250 27.78 16.29 25.49
CA LYS A 250 28.31 14.95 25.32
C LYS A 250 28.56 14.63 23.85
N MET A 251 27.83 15.29 22.96
CA MET A 251 27.98 15.07 21.52
C MET A 251 29.15 15.86 20.94
N LEU A 252 29.50 16.97 21.56
CA LEU A 252 30.57 17.82 21.06
C LEU A 252 31.94 17.21 21.30
N LYS A 253 32.86 17.47 20.39
CA LYS A 253 34.19 16.87 20.43
C LYS A 253 35.28 17.92 20.64
N LYS B 3 -13.39 28.24 28.08
CA LYS B 3 -13.12 27.14 27.16
C LYS B 3 -12.18 27.59 26.04
N THR B 4 -10.88 27.51 26.31
CA THR B 4 -9.88 27.90 25.32
C THR B 4 -9.31 26.65 24.64
N VAL B 5 -9.13 26.71 23.34
CA VAL B 5 -8.55 25.59 22.61
C VAL B 5 -7.06 25.47 22.93
N PHE B 6 -6.53 24.26 22.80
CA PHE B 6 -5.20 23.92 23.29
C PHE B 6 -4.07 24.78 22.72
N HIS B 7 -4.04 24.90 21.39
CA HIS B 7 -2.92 25.56 20.73
C HIS B 7 -3.16 27.04 20.42
N LEU B 8 -4.35 27.34 19.89
CA LEU B 8 -4.63 28.68 19.39
C LEU B 8 -4.81 29.73 20.48
N GLY B 9 -5.10 29.27 21.70
CA GLY B 9 -5.23 30.16 22.83
C GLY B 9 -6.37 31.16 22.74
N VAL B 10 -7.40 30.80 21.97
CA VAL B 10 -8.57 31.66 21.85
C VAL B 10 -9.83 30.94 22.29
N THR B 11 -10.87 31.71 22.58
CA THR B 11 -12.16 31.16 22.98
C THR B 11 -13.20 31.44 21.91
N GLU B 12 -14.37 30.82 22.05
CA GLU B 12 -15.46 31.07 21.12
C GLU B 12 -15.92 32.52 21.23
N ALA B 13 -15.86 33.06 22.44
CA ALA B 13 -16.23 34.45 22.68
C ALA B 13 -15.26 35.42 21.98
N ASP B 14 -13.98 35.04 21.94
CA ASP B 14 -12.97 35.84 21.27
C ASP B 14 -13.26 36.00 19.78
N LEU B 15 -13.98 35.04 19.21
CA LEU B 15 -14.24 35.02 17.77
C LEU B 15 -15.42 35.89 17.35
N ASN B 16 -16.23 36.31 18.33
CA ASN B 16 -17.40 37.15 18.07
C ASN B 16 -18.34 36.62 17.00
N GLY B 17 -18.60 35.31 17.03
CA GLY B 17 -19.56 34.70 16.12
C GLY B 17 -19.02 34.39 14.73
N ALA B 18 -17.71 34.52 14.55
CA ALA B 18 -17.11 34.24 13.25
C ALA B 18 -17.30 32.79 12.85
N THR B 19 -17.72 32.57 11.61
CA THR B 19 -17.91 31.22 11.08
C THR B 19 -16.97 30.98 9.91
N LEU B 20 -16.22 32.02 9.54
CA LEU B 20 -15.27 31.92 8.45
C LEU B 20 -13.89 32.31 8.93
N ALA B 21 -12.88 31.58 8.48
CA ALA B 21 -11.50 31.90 8.82
C ALA B 21 -10.64 31.99 7.57
N ILE B 22 -9.77 32.99 7.54
CA ILE B 22 -8.75 33.06 6.51
C ILE B 22 -7.46 32.55 7.12
N ILE B 23 -6.86 31.55 6.47
CA ILE B 23 -5.72 30.87 7.07
C ILE B 23 -4.46 30.91 6.22
N PRO B 24 -3.63 31.96 6.42
CA PRO B 24 -2.33 32.05 5.77
C PRO B 24 -1.35 31.13 6.49
N GLY B 25 -0.25 30.77 5.83
CA GLY B 25 0.76 29.95 6.46
C GLY B 25 1.67 30.77 7.34
N ASP B 26 1.95 31.99 6.89
CA ASP B 26 2.89 32.89 7.56
C ASP B 26 2.18 33.72 8.63
N PRO B 27 2.64 33.61 9.89
CA PRO B 27 2.12 34.43 11.00
C PRO B 27 2.19 35.93 10.71
N ALA B 28 3.23 36.36 10.00
CA ALA B 28 3.38 37.78 9.66
C ALA B 28 2.27 38.27 8.73
N ARG B 29 1.67 37.34 7.99
CA ARG B 29 0.66 37.71 7.01
C ARG B 29 -0.72 37.89 7.64
N VAL B 30 -0.86 37.44 8.88
CA VAL B 30 -2.15 37.51 9.57
C VAL B 30 -2.64 38.95 9.76
N GLN B 31 -1.81 39.80 10.34
CA GLN B 31 -2.18 41.19 10.54
C GLN B 31 -2.45 41.87 9.20
N LYS B 32 -1.61 41.54 8.22
CA LYS B 32 -1.74 42.12 6.88
C LYS B 32 -3.10 41.82 6.25
N ILE B 33 -3.63 40.63 6.53
CA ILE B 33 -4.95 40.25 6.04
C ILE B 33 -6.05 40.93 6.84
N ALA B 34 -5.94 40.87 8.16
CA ALA B 34 -6.93 41.48 9.04
C ALA B 34 -7.04 42.98 8.76
N GLU B 35 -5.92 43.57 8.36
CA GLU B 35 -5.83 45.01 8.08
C GLU B 35 -6.74 45.43 6.93
N LEU B 36 -6.98 44.52 5.99
CA LEU B 36 -7.84 44.80 4.84
C LEU B 36 -9.31 44.79 5.23
N MET B 37 -9.59 44.37 6.46
CA MET B 37 -10.95 44.32 6.95
C MET B 37 -11.20 45.33 8.06
N ASP B 38 -12.42 45.38 8.56
CA ASP B 38 -12.80 46.37 9.57
C ASP B 38 -12.49 45.91 10.98
N ASN B 39 -12.10 46.86 11.82
CA ASN B 39 -11.81 46.63 13.23
C ASN B 39 -10.93 45.41 13.52
N PRO B 40 -9.74 45.35 12.89
CA PRO B 40 -8.88 44.18 13.15
C PRO B 40 -8.39 44.20 14.59
N VAL B 41 -8.40 43.04 15.25
CA VAL B 41 -7.95 42.95 16.63
C VAL B 41 -7.07 41.72 16.81
N PHE B 42 -5.90 41.93 17.40
CA PHE B 42 -5.03 40.82 17.79
C PHE B 42 -5.74 40.00 18.86
N LEU B 43 -5.78 38.68 18.68
CA LEU B 43 -6.39 37.80 19.67
C LEU B 43 -5.33 37.07 20.48
N ALA B 44 -4.43 36.39 19.79
CA ALA B 44 -3.42 35.57 20.45
C ALA B 44 -2.28 35.22 19.52
N SER B 45 -1.12 34.94 20.09
CA SER B 45 0.00 34.44 19.33
C SER B 45 0.75 33.38 20.13
N HIS B 46 0.64 32.13 19.68
CA HIS B 46 1.35 31.03 20.30
C HIS B 46 1.92 30.16 19.19
N ARG B 47 3.23 29.90 19.27
CA ARG B 47 3.91 29.12 18.24
C ARG B 47 3.68 29.73 16.86
N GLU B 48 3.36 28.89 15.88
CA GLU B 48 3.12 29.39 14.52
C GLU B 48 1.70 29.93 14.35
N TYR B 49 0.96 30.03 15.45
CA TYR B 49 -0.43 30.45 15.39
C TYR B 49 -0.64 31.88 15.89
N THR B 50 -0.76 32.81 14.96
CA THR B 50 -1.16 34.16 15.29
C THR B 50 -2.61 34.34 14.86
N VAL B 51 -3.45 34.77 15.79
CA VAL B 51 -4.88 34.87 15.53
C VAL B 51 -5.37 36.30 15.65
N TYR B 52 -6.00 36.79 14.60
CA TYR B 52 -6.66 38.09 14.62
C TYR B 52 -8.14 37.89 14.34
N ARG B 53 -8.95 38.81 14.84
CA ARG B 53 -10.35 38.86 14.48
C ARG B 53 -10.59 40.17 13.74
N ALA B 54 -11.47 40.14 12.75
CA ALA B 54 -11.83 41.36 12.04
C ALA B 54 -13.28 41.27 11.61
N GLU B 55 -13.77 42.32 10.94
CA GLU B 55 -15.14 42.37 10.50
C GLU B 55 -15.23 42.65 9.01
N LEU B 56 -16.05 41.86 8.33
CA LEU B 56 -16.23 41.99 6.89
C LEU B 56 -17.71 42.09 6.58
N ASP B 57 -18.12 43.24 6.06
CA ASP B 57 -19.54 43.54 5.83
C ASP B 57 -20.38 43.31 7.08
N GLY B 58 -19.82 43.67 8.23
CA GLY B 58 -20.54 43.56 9.49
C GLY B 58 -20.50 42.18 10.11
N GLN B 59 -19.74 41.27 9.51
CA GLN B 59 -19.61 39.91 10.04
C GLN B 59 -18.19 39.61 10.50
N SER B 60 -18.08 38.98 11.65
CA SER B 60 -16.78 38.64 12.21
C SER B 60 -16.06 37.60 11.37
N VAL B 61 -14.78 37.84 11.14
CA VAL B 61 -13.94 36.92 10.39
C VAL B 61 -12.65 36.68 11.16
N VAL B 62 -12.23 35.42 11.24
CA VAL B 62 -10.98 35.07 11.89
C VAL B 62 -9.86 35.00 10.87
N VAL B 63 -8.69 35.51 11.24
CA VAL B 63 -7.49 35.29 10.46
C VAL B 63 -6.50 34.59 11.37
N CYS B 64 -6.06 33.41 10.94
CA CYS B 64 -5.24 32.57 11.79
C CYS B 64 -4.16 31.88 10.96
N SER B 65 -2.90 32.08 11.32
CA SER B 65 -1.82 31.42 10.62
C SER B 65 -1.82 29.94 10.93
N THR B 66 -1.31 29.14 10.00
CA THR B 66 -1.31 27.69 10.15
C THR B 66 0.10 27.17 10.35
N GLY B 67 1.09 28.02 10.07
CA GLY B 67 2.46 27.57 10.00
C GLY B 67 2.63 26.78 8.72
N ILE B 68 3.80 26.19 8.52
CA ILE B 68 4.06 25.38 7.35
C ILE B 68 3.68 23.92 7.61
N GLY B 69 2.92 23.34 6.69
CA GLY B 69 2.66 21.91 6.72
C GLY B 69 1.28 21.49 7.19
N GLY B 70 0.83 20.35 6.67
CA GLY B 70 -0.43 19.75 7.09
C GLY B 70 -0.66 19.59 8.59
N PRO B 71 0.35 19.08 9.33
CA PRO B 71 0.17 18.91 10.77
C PRO B 71 -0.25 20.17 11.53
N SER B 72 0.51 21.25 11.42
CA SER B 72 0.18 22.46 12.15
C SER B 72 -1.12 23.09 11.62
N THR B 73 -1.39 22.89 10.33
CA THR B 73 -2.62 23.35 9.72
C THR B 73 -3.84 22.61 10.30
N SER B 74 -3.72 21.29 10.40
CA SER B 74 -4.83 20.46 10.89
C SER B 74 -5.21 20.82 12.33
N ILE B 75 -4.23 21.25 13.11
CA ILE B 75 -4.49 21.70 14.47
C ILE B 75 -5.31 23.00 14.46
N ALA B 76 -4.88 23.95 13.65
CA ALA B 76 -5.55 25.24 13.55
C ALA B 76 -6.99 25.07 13.10
N VAL B 77 -7.19 24.27 12.05
CA VAL B 77 -8.52 24.05 11.49
C VAL B 77 -9.46 23.37 12.49
N GLU B 78 -8.96 22.35 13.17
CA GLU B 78 -9.75 21.62 14.15
C GLU B 78 -10.19 22.52 15.31
N GLU B 79 -9.26 23.30 15.83
CA GLU B 79 -9.55 24.14 16.98
C GLU B 79 -10.44 25.32 16.61
N LEU B 80 -10.27 25.86 15.41
CA LEU B 80 -11.17 26.88 14.91
C LEU B 80 -12.56 26.30 14.69
N ALA B 81 -12.62 25.06 14.22
CA ALA B 81 -13.89 24.38 14.02
C ALA B 81 -14.62 24.15 15.33
N GLN B 82 -13.87 23.81 16.37
CA GLN B 82 -14.44 23.62 17.70
C GLN B 82 -15.10 24.89 18.20
N LEU B 83 -14.61 26.03 17.70
CA LEU B 83 -15.09 27.34 18.14
C LEU B 83 -16.12 27.93 17.19
N GLY B 84 -16.64 27.12 16.28
CA GLY B 84 -17.73 27.55 15.43
C GLY B 84 -17.38 27.92 14.00
N VAL B 85 -16.10 27.93 13.66
CA VAL B 85 -15.70 28.22 12.28
C VAL B 85 -16.05 27.03 11.38
N ARG B 86 -16.66 27.32 10.23
CA ARG B 86 -17.10 26.28 9.32
C ARG B 86 -16.48 26.43 7.93
N THR B 87 -15.95 27.61 7.65
CA THR B 87 -15.36 27.88 6.35
C THR B 87 -13.92 28.37 6.49
N PHE B 88 -13.03 27.75 5.74
CA PHE B 88 -11.60 28.07 5.83
C PHE B 88 -11.03 28.41 4.47
N LEU B 89 -10.46 29.61 4.37
CA LEU B 89 -9.86 30.06 3.11
CA LEU B 89 -9.86 30.06 3.11
C LEU B 89 -8.35 30.14 3.26
N ARG B 90 -7.64 29.22 2.63
CA ARG B 90 -6.19 29.29 2.65
C ARG B 90 -5.71 30.26 1.58
N VAL B 91 -4.83 31.17 1.99
CA VAL B 91 -4.12 32.03 1.06
C VAL B 91 -2.63 31.81 1.32
N GLY B 92 -1.86 31.53 0.28
CA GLY B 92 -0.47 31.21 0.48
C GLY B 92 0.46 31.51 -0.67
N THR B 93 1.66 30.94 -0.58
CA THR B 93 2.67 31.06 -1.62
C THR B 93 2.82 29.71 -2.30
N THR B 94 3.23 29.72 -3.57
CA THR B 94 3.33 28.49 -4.33
C THR B 94 4.33 28.55 -5.46
N GLY B 95 4.85 27.39 -5.82
CA GLY B 95 5.73 27.27 -6.97
C GLY B 95 5.02 26.59 -8.12
N ALA B 96 4.74 27.36 -9.18
CA ALA B 96 4.09 26.81 -10.35
C ALA B 96 5.07 25.92 -11.12
N ILE B 97 4.56 24.82 -11.68
CA ILE B 97 5.40 23.90 -12.42
C ILE B 97 5.05 23.87 -13.90
N GLN B 98 4.01 24.61 -14.27
CA GLN B 98 3.63 24.74 -15.67
C GLN B 98 4.29 25.98 -16.26
N PRO B 99 4.87 25.85 -17.46
CA PRO B 99 5.61 26.94 -18.12
C PRO B 99 4.73 28.16 -18.41
N HIS B 100 3.44 27.94 -18.62
CA HIS B 100 2.55 29.04 -19.01
C HIS B 100 2.05 29.86 -17.81
N VAL B 101 2.33 29.38 -16.60
CA VAL B 101 1.96 30.10 -15.40
C VAL B 101 3.12 30.98 -14.95
N ASN B 102 2.85 32.27 -14.76
CA ASN B 102 3.90 33.23 -14.44
C ASN B 102 3.95 33.57 -12.96
N VAL B 103 5.12 34.02 -12.51
CA VAL B 103 5.27 34.51 -11.14
C VAL B 103 4.36 35.71 -10.95
N GLY B 104 3.54 35.67 -9.90
CA GLY B 104 2.59 36.72 -9.65
C GLY B 104 1.16 36.31 -9.98
N ASP B 105 1.03 35.20 -10.71
CA ASP B 105 -0.28 34.66 -11.02
C ASP B 105 -0.91 34.08 -9.76
N MET B 106 -2.20 33.78 -9.84
CA MET B 106 -2.94 33.17 -8.74
CA MET B 106 -2.86 33.12 -8.73
C MET B 106 -3.54 31.84 -9.17
N ILE B 107 -3.51 30.86 -8.28
CA ILE B 107 -4.04 29.54 -8.58
C ILE B 107 -5.09 29.14 -7.55
N VAL B 108 -6.31 28.91 -8.01
CA VAL B 108 -7.35 28.37 -7.15
C VAL B 108 -7.37 26.86 -7.32
N THR B 109 -7.00 26.15 -6.25
CA THR B 109 -6.91 24.70 -6.28
C THR B 109 -8.27 24.04 -6.43
N THR B 110 -8.43 23.23 -7.46
CA THR B 110 -9.66 22.49 -7.68
C THR B 110 -9.55 21.09 -7.08
N GLY B 111 -8.31 20.70 -6.77
CA GLY B 111 -8.04 19.39 -6.21
C GLY B 111 -6.57 19.29 -5.90
N SER B 112 -6.25 18.53 -4.86
CA SER B 112 -4.85 18.42 -4.47
C SER B 112 -4.32 17.00 -4.60
N VAL B 113 -3.12 16.87 -5.14
CA VAL B 113 -2.41 15.61 -5.09
C VAL B 113 -1.94 15.45 -3.65
N ARG B 114 -2.32 14.34 -3.03
CA ARG B 114 -2.09 14.16 -1.60
C ARG B 114 -0.72 13.57 -1.32
N LEU B 115 0.30 14.41 -1.44
CA LEU B 115 1.68 14.00 -1.14
C LEU B 115 2.00 14.34 0.30
N ASP B 116 0.98 14.29 1.15
CA ASP B 116 1.12 14.60 2.56
C ASP B 116 0.78 13.37 3.39
N GLY B 117 0.76 13.52 4.71
CA GLY B 117 0.41 12.43 5.59
C GLY B 117 -0.81 12.74 6.42
N ALA B 118 -1.03 14.02 6.71
CA ALA B 118 -2.11 14.44 7.58
C ALA B 118 -3.50 14.16 6.98
N SER B 119 -3.60 14.25 5.65
CA SER B 119 -4.86 13.97 4.97
C SER B 119 -5.33 12.56 5.27
N LEU B 120 -4.39 11.63 5.41
CA LEU B 120 -4.72 10.23 5.70
C LEU B 120 -5.29 10.05 7.10
N HIS B 121 -5.11 11.04 7.95
CA HIS B 121 -5.63 10.98 9.32
C HIS B 121 -7.11 11.37 9.35
N PHE B 122 -7.64 11.79 8.19
CA PHE B 122 -9.03 12.19 8.10
C PHE B 122 -9.80 11.34 7.11
N ALA B 123 -9.11 10.89 6.06
CA ALA B 123 -9.75 10.07 5.05
C ALA B 123 -8.68 9.26 4.33
N PRO B 124 -9.04 8.03 3.91
CA PRO B 124 -8.07 7.20 3.17
C PRO B 124 -7.66 7.88 1.88
N MET B 125 -6.58 7.40 1.27
CA MET B 125 -6.00 8.05 0.10
C MET B 125 -6.98 8.19 -1.08
N GLU B 126 -7.94 7.27 -1.16
N GLU B 126 -7.94 7.27 -1.16
CA GLU B 126 -8.92 7.27 -2.24
CA GLU B 126 -8.91 7.26 -2.25
C GLU B 126 -9.76 8.54 -2.24
C GLU B 126 -9.81 8.51 -2.23
N PHE B 127 -9.98 9.09 -1.05
CA PHE B 127 -10.82 10.28 -0.90
C PHE B 127 -10.17 11.48 -1.58
N PRO B 128 -10.97 12.25 -2.34
CA PRO B 128 -10.42 13.38 -3.09
C PRO B 128 -10.11 14.58 -2.20
N ALA B 129 -8.91 15.12 -2.32
CA ALA B 129 -8.57 16.37 -1.68
C ALA B 129 -9.19 17.48 -2.51
N VAL B 130 -10.47 17.73 -2.30
CA VAL B 130 -11.23 18.66 -3.11
CA VAL B 130 -11.22 18.67 -3.11
C VAL B 130 -11.82 19.78 -2.26
N PRO B 131 -11.70 21.03 -2.74
CA PRO B 131 -12.28 22.19 -2.02
C PRO B 131 -13.79 22.21 -2.10
N ASP B 132 -14.42 22.96 -1.20
CA ASP B 132 -15.84 23.23 -1.29
C ASP B 132 -16.09 24.00 -2.59
N PHE B 133 -17.13 23.62 -3.31
CA PHE B 133 -17.40 24.21 -4.62
C PHE B 133 -17.70 25.70 -4.53
N ASP B 134 -18.47 26.10 -3.52
CA ASP B 134 -18.80 27.51 -3.31
C ASP B 134 -17.55 28.34 -3.05
N VAL B 135 -16.61 27.77 -2.29
CA VAL B 135 -15.38 28.48 -1.97
C VAL B 135 -14.49 28.66 -3.20
N ALA B 136 -14.34 27.58 -3.97
CA ALA B 136 -13.55 27.63 -5.19
C ALA B 136 -14.16 28.64 -6.16
N THR B 137 -15.49 28.64 -6.22
CA THR B 137 -16.22 29.57 -7.05
C THR B 137 -15.95 31.01 -6.61
N ALA B 138 -16.08 31.25 -5.32
CA ALA B 138 -15.84 32.58 -4.75
C ALA B 138 -14.41 33.03 -4.96
N MET B 139 -13.47 32.10 -4.84
CA MET B 139 -12.06 32.42 -5.02
C MET B 139 -11.75 32.77 -6.47
N LYS B 140 -12.35 32.04 -7.39
CA LYS B 140 -12.14 32.29 -8.81
C LYS B 140 -12.64 33.69 -9.18
N ALA B 141 -13.84 34.01 -8.73
CA ALA B 141 -14.45 35.30 -9.03
C ALA B 141 -13.67 36.44 -8.39
N ALA B 142 -13.29 36.27 -7.12
CA ALA B 142 -12.51 37.27 -6.41
C ALA B 142 -11.17 37.52 -7.12
N ALA B 143 -10.54 36.44 -7.54
CA ALA B 143 -9.26 36.53 -8.24
C ALA B 143 -9.39 37.27 -9.56
N GLN B 144 -10.45 36.96 -10.31
CA GLN B 144 -10.71 37.62 -11.59
C GLN B 144 -11.03 39.09 -11.40
N GLU B 145 -11.88 39.38 -10.41
CA GLU B 145 -12.31 40.74 -10.14
C GLU B 145 -11.17 41.61 -9.60
N SER B 146 -10.08 40.98 -9.22
CA SER B 146 -8.90 41.70 -8.75
C SER B 146 -7.98 42.07 -9.90
N GLY B 147 -8.35 41.65 -11.11
CA GLY B 147 -7.62 42.02 -12.31
C GLY B 147 -6.43 41.14 -12.62
N ALA B 148 -6.20 40.14 -11.77
CA ALA B 148 -5.06 39.25 -11.95
C ALA B 148 -5.44 38.02 -12.77
N THR B 149 -4.44 37.37 -13.36
CA THR B 149 -4.67 36.16 -14.14
C THR B 149 -4.79 34.94 -13.21
N VAL B 150 -5.94 34.28 -13.27
CA VAL B 150 -6.23 33.18 -12.37
C VAL B 150 -6.23 31.84 -13.11
N HIS B 151 -5.73 30.81 -12.44
CA HIS B 151 -5.72 29.46 -12.98
C HIS B 151 -6.45 28.50 -12.07
N MET B 152 -7.45 27.81 -12.60
CA MET B 152 -8.14 26.77 -11.86
C MET B 152 -7.47 25.45 -12.20
N GLY B 153 -7.12 24.67 -11.17
CA GLY B 153 -6.50 23.39 -11.43
C GLY B 153 -5.94 22.66 -10.23
N VAL B 154 -5.27 21.54 -10.52
CA VAL B 154 -4.78 20.63 -9.51
C VAL B 154 -3.46 21.10 -8.92
N THR B 155 -3.32 20.95 -7.61
CA THR B 155 -2.11 21.34 -6.92
C THR B 155 -1.46 20.11 -6.30
N ALA B 156 -0.15 19.98 -6.46
CA ALA B 156 0.57 18.91 -5.77
C ALA B 156 0.95 19.39 -4.38
N SER B 157 0.39 18.75 -3.36
CA SER B 157 0.57 19.21 -1.99
C SER B 157 1.51 18.30 -1.21
N SER B 158 2.71 18.80 -0.94
CA SER B 158 3.81 17.98 -0.44
C SER B 158 4.12 18.21 1.03
N ASP B 159 4.42 17.13 1.75
CA ASP B 159 4.83 17.23 3.15
C ASP B 159 6.25 17.76 3.31
N THR B 160 6.95 17.96 2.19
CA THR B 160 8.27 18.57 2.24
C THR B 160 8.43 19.66 1.20
N PHE B 161 9.35 20.58 1.47
CA PHE B 161 9.65 21.66 0.55
C PHE B 161 10.70 21.21 -0.45
N TYR B 162 11.53 20.25 -0.04
CA TYR B 162 12.68 19.88 -0.86
C TYR B 162 12.50 18.58 -1.68
N PRO B 163 12.58 17.39 -1.04
CA PRO B 163 12.51 16.22 -1.94
C PRO B 163 11.12 15.98 -2.51
N GLY B 164 10.08 16.32 -1.77
CA GLY B 164 8.71 16.09 -2.20
C GLY B 164 8.29 16.99 -3.35
N GLN B 165 9.08 18.04 -3.57
CA GLN B 165 8.85 18.93 -4.70
C GLN B 165 10.01 18.77 -5.67
N GLU B 166 10.73 17.65 -5.50
CA GLU B 166 11.87 17.28 -6.32
C GLU B 166 12.91 18.39 -6.50
N ARG B 167 13.34 18.98 -5.39
CA ARG B 167 14.46 19.91 -5.40
C ARG B 167 15.75 19.13 -5.19
N TYR B 168 16.74 19.37 -6.04
CA TYR B 168 18.01 18.65 -5.95
C TYR B 168 19.14 19.50 -5.36
N ASP B 169 18.96 20.81 -5.34
CA ASP B 169 19.96 21.71 -4.78
C ASP B 169 19.87 21.67 -3.25
N THR B 170 20.19 20.51 -2.68
CA THR B 170 20.02 20.29 -1.26
C THR B 170 21.32 19.75 -0.65
N PHE B 171 21.27 19.47 0.65
CA PHE B 171 22.43 18.96 1.36
C PHE B 171 22.90 17.62 0.78
N THR B 172 21.98 16.68 0.62
CA THR B 172 22.35 15.38 0.07
C THR B 172 22.34 15.38 -1.45
N GLY B 173 21.52 16.25 -2.04
CA GLY B 173 21.36 16.31 -3.47
C GLY B 173 20.62 15.10 -4.00
N ARG B 174 20.01 14.36 -3.09
CA ARG B 174 19.29 13.16 -3.45
CA ARG B 174 19.28 13.13 -3.41
C ARG B 174 17.79 13.33 -3.24
N VAL B 175 17.02 12.54 -3.99
CA VAL B 175 15.57 12.52 -3.87
C VAL B 175 15.16 11.06 -3.86
N VAL B 176 14.38 10.68 -2.86
CA VAL B 176 13.96 9.28 -2.70
C VAL B 176 13.24 8.80 -3.95
N ARG B 177 13.41 7.51 -4.25
CA ARG B 177 12.87 6.86 -5.45
C ARG B 177 11.46 7.29 -5.82
N ARG B 178 10.58 7.35 -4.82
CA ARG B 178 9.20 7.76 -5.02
C ARG B 178 9.08 9.09 -5.75
N PHE B 179 9.91 10.06 -5.37
CA PHE B 179 9.77 11.41 -5.92
C PHE B 179 10.74 11.73 -7.06
N GLN B 180 11.57 10.76 -7.44
CA GLN B 180 12.43 10.93 -8.60
C GLN B 180 11.58 11.03 -9.86
N GLY B 181 11.74 12.14 -10.58
CA GLY B 181 10.99 12.38 -11.80
C GLY B 181 9.54 12.74 -11.55
N SER B 182 9.19 13.01 -10.30
CA SER B 182 7.80 13.29 -9.94
C SER B 182 7.30 14.61 -10.50
N MET B 183 8.15 15.64 -10.52
CA MET B 183 7.71 16.95 -11.01
C MET B 183 7.27 16.87 -12.48
N LYS B 184 8.03 16.12 -13.28
CA LYS B 184 7.70 15.92 -14.68
C LYS B 184 6.38 15.15 -14.80
N GLU B 185 6.19 14.17 -13.94
CA GLU B 185 4.94 13.41 -13.89
C GLU B 185 3.76 14.33 -13.65
N TRP B 186 3.85 15.16 -12.61
CA TRP B 186 2.78 16.11 -12.30
C TRP B 186 2.58 17.11 -13.43
N GLN B 187 3.68 17.61 -13.98
CA GLN B 187 3.62 18.53 -15.10
C GLN B 187 2.86 17.93 -16.27
N ASP B 188 3.17 16.68 -16.59
CA ASP B 188 2.50 15.98 -17.68
C ASP B 188 1.03 15.72 -17.39
N MET B 189 0.68 15.66 -16.10
CA MET B 189 -0.69 15.40 -15.70
C MET B 189 -1.48 16.70 -15.55
N GLY B 190 -0.84 17.82 -15.88
CA GLY B 190 -1.51 19.11 -15.86
C GLY B 190 -1.55 19.77 -14.50
N VAL B 191 -0.83 19.22 -13.54
CA VAL B 191 -0.75 19.82 -12.21
C VAL B 191 -0.13 21.21 -12.32
N LEU B 192 -0.72 22.18 -11.63
CA LEU B 192 -0.33 23.58 -11.79
C LEU B 192 0.85 24.00 -10.91
N ASN B 193 0.87 23.51 -9.67
CA ASN B 193 1.81 24.03 -8.70
C ASN B 193 2.08 23.11 -7.52
N PHE B 194 3.10 23.49 -6.76
CA PHE B 194 3.43 22.84 -5.50
C PHE B 194 3.10 23.77 -4.35
N GLU B 195 2.53 23.20 -3.29
CA GLU B 195 2.52 23.85 -1.99
C GLU B 195 2.43 22.76 -0.94
N MET B 196 2.21 23.12 0.33
CA MET B 196 2.41 22.13 1.39
C MET B 196 1.24 21.89 2.34
N GLU B 197 0.11 22.55 2.11
CA GLU B 197 -0.98 22.46 3.08
C GLU B 197 -2.35 22.08 2.51
N SER B 198 -2.53 22.23 1.20
CA SER B 198 -3.85 22.06 0.61
C SER B 198 -4.43 20.65 0.73
N ALA B 199 -3.62 19.62 0.51
CA ALA B 199 -4.10 18.25 0.60
C ALA B 199 -4.67 17.98 1.99
N THR B 200 -3.94 18.41 3.01
CA THR B 200 -4.40 18.25 4.38
C THR B 200 -5.67 19.06 4.61
N LEU B 201 -5.60 20.36 4.29
CA LEU B 201 -6.74 21.24 4.49
C LEU B 201 -7.99 20.74 3.77
N LEU B 202 -7.88 20.50 2.47
CA LEU B 202 -9.04 20.12 1.68
C LEU B 202 -9.62 18.77 2.10
N THR B 203 -8.77 17.78 2.34
CA THR B 203 -9.25 16.45 2.72
C THR B 203 -9.94 16.50 4.07
N MET B 204 -9.28 17.16 5.03
CA MET B 204 -9.82 17.30 6.37
C MET B 204 -11.20 17.94 6.34
N CYS B 205 -11.32 19.06 5.63
CA CYS B 205 -12.58 19.79 5.59
C CYS B 205 -13.67 19.07 4.80
N ALA B 206 -13.30 18.55 3.62
CA ALA B 206 -14.27 17.86 2.76
C ALA B 206 -14.83 16.61 3.42
N SER B 207 -14.14 16.09 4.43
CA SER B 207 -14.59 14.89 5.12
C SER B 207 -15.10 15.19 6.53
N SER B 208 -15.15 16.47 6.89
CA SER B 208 -15.55 16.86 8.24
C SER B 208 -16.70 17.88 8.25
N GLY B 209 -17.33 18.09 7.10
CA GLY B 209 -18.44 19.00 7.01
C GLY B 209 -18.01 20.44 7.11
N LEU B 210 -16.76 20.71 6.71
CA LEU B 210 -16.24 22.06 6.69
C LEU B 210 -15.99 22.48 5.25
N LYS B 211 -16.13 23.76 4.96
CA LYS B 211 -15.89 24.29 3.63
C LYS B 211 -14.49 24.86 3.55
N ALA B 212 -13.72 24.42 2.55
CA ALA B 212 -12.36 24.90 2.40
C ALA B 212 -12.01 25.19 0.95
N GLY B 213 -11.01 26.04 0.77
CA GLY B 213 -10.49 26.34 -0.55
C GLY B 213 -9.08 26.86 -0.39
N CYS B 214 -8.33 26.85 -1.48
CA CYS B 214 -6.95 27.31 -1.47
CA CYS B 214 -6.95 27.30 -1.47
C CYS B 214 -6.65 28.19 -2.68
N VAL B 215 -6.23 29.42 -2.41
CA VAL B 215 -5.77 30.31 -3.45
C VAL B 215 -4.34 30.69 -3.10
N ALA B 216 -3.44 30.68 -4.07
CA ALA B 216 -2.03 30.90 -3.77
C ALA B 216 -1.33 31.74 -4.82
N GLY B 217 -0.48 32.65 -4.36
CA GLY B 217 0.32 33.48 -5.25
C GLY B 217 1.57 32.76 -5.67
N VAL B 218 1.81 32.73 -6.98
CA VAL B 218 3.00 32.10 -7.52
C VAL B 218 4.22 32.98 -7.27
N ILE B 219 5.19 32.45 -6.54
CA ILE B 219 6.38 33.21 -6.19
C ILE B 219 7.61 32.67 -6.92
N ILE B 220 7.41 31.60 -7.68
CA ILE B 220 8.48 30.96 -8.42
C ILE B 220 7.93 29.99 -9.46
N ASN B 221 8.57 29.93 -10.62
CA ASN B 221 8.23 28.93 -11.63
C ASN B 221 9.33 27.87 -11.67
N ARG B 222 8.98 26.67 -11.23
CA ARG B 222 9.96 25.59 -11.05
C ARG B 222 10.62 25.11 -12.33
N THR B 223 10.16 25.61 -13.47
CA THR B 223 10.82 25.30 -14.74
C THR B 223 12.09 26.14 -14.87
N GLN B 224 12.21 27.15 -14.01
CA GLN B 224 13.34 28.07 -14.05
C GLN B 224 14.37 27.77 -12.97
N LYS B 225 13.92 27.68 -11.72
CA LYS B 225 14.82 27.46 -10.59
C LYS B 225 14.11 26.83 -9.40
N GLU B 226 14.85 26.59 -8.32
CA GLU B 226 14.29 25.93 -7.14
C GLU B 226 13.98 26.89 -5.99
N ILE B 227 14.82 27.91 -5.82
CA ILE B 227 14.61 28.88 -4.75
C ILE B 227 14.02 30.17 -5.26
N PRO B 228 12.82 30.55 -4.76
CA PRO B 228 12.08 31.74 -5.21
C PRO B 228 12.88 33.02 -5.06
N ASP B 229 12.77 33.92 -6.04
CA ASP B 229 13.39 35.23 -5.96
C ASP B 229 12.74 36.02 -4.83
N HIS B 230 13.54 36.77 -4.09
CA HIS B 230 13.00 37.58 -3.00
C HIS B 230 12.28 38.79 -3.58
N ALA B 231 12.60 39.13 -4.83
CA ALA B 231 11.92 40.20 -5.54
C ALA B 231 10.50 39.78 -5.88
N THR B 232 9.58 40.74 -5.82
CA THR B 232 8.16 40.51 -6.12
C THR B 232 7.47 39.52 -5.18
N LEU B 233 8.18 39.07 -4.14
CA LEU B 233 7.57 38.24 -3.11
C LEU B 233 6.49 39.02 -2.39
N LYS B 234 6.74 40.32 -2.21
CA LYS B 234 5.84 41.20 -1.48
C LYS B 234 4.58 41.55 -2.29
N GLU B 235 4.76 41.94 -3.54
CA GLU B 235 3.63 42.34 -4.38
C GLU B 235 2.75 41.15 -4.76
N THR B 236 3.36 39.97 -4.85
CA THR B 236 2.59 38.75 -5.11
C THR B 236 1.73 38.43 -3.89
N GLU B 237 2.32 38.61 -2.71
CA GLU B 237 1.63 38.39 -1.44
C GLU B 237 0.48 39.37 -1.29
N ALA B 238 0.70 40.61 -1.71
CA ALA B 238 -0.29 41.67 -1.58
C ALA B 238 -1.55 41.38 -2.39
N ARG B 239 -1.37 40.86 -3.60
CA ARG B 239 -2.50 40.53 -4.47
C ARG B 239 -3.32 39.37 -3.91
N SER B 240 -2.63 38.34 -3.45
CA SER B 240 -3.28 37.13 -2.95
C SER B 240 -4.21 37.41 -1.78
N ILE B 241 -3.76 38.25 -0.84
CA ILE B 241 -4.58 38.55 0.33
C ILE B 241 -5.73 39.48 -0.01
N LYS B 242 -5.53 40.34 -1.00
CA LYS B 242 -6.61 41.16 -1.54
C LYS B 242 -7.71 40.24 -2.05
N VAL B 243 -7.29 39.22 -2.79
CA VAL B 243 -8.22 38.27 -3.39
C VAL B 243 -8.96 37.44 -2.34
N VAL B 244 -8.22 36.90 -1.37
CA VAL B 244 -8.82 36.03 -0.37
C VAL B 244 -9.85 36.75 0.50
N VAL B 245 -9.64 38.04 0.73
CA VAL B 245 -10.58 38.84 1.50
C VAL B 245 -11.87 39.02 0.68
N GLU B 246 -11.72 39.26 -0.61
CA GLU B 246 -12.87 39.40 -1.48
C GLU B 246 -13.57 38.05 -1.64
N ALA B 247 -12.79 36.98 -1.61
CA ALA B 247 -13.35 35.63 -1.63
C ALA B 247 -14.17 35.38 -0.37
N ALA B 248 -13.68 35.85 0.75
CA ALA B 248 -14.39 35.74 2.03
C ALA B 248 -15.68 36.54 1.99
N ARG B 249 -15.61 37.74 1.41
CA ARG B 249 -16.78 38.59 1.27
C ARG B 249 -17.87 37.90 0.45
N LYS B 250 -17.46 37.17 -0.57
CA LYS B 250 -18.41 36.45 -1.41
C LYS B 250 -19.05 35.27 -0.68
N MET B 251 -18.29 34.65 0.22
CA MET B 251 -18.78 33.52 0.99
C MET B 251 -19.75 33.93 2.08
N LEU B 252 -19.62 35.16 2.56
CA LEU B 252 -20.46 35.66 3.64
C LEU B 252 -21.74 36.29 3.11
N LYS B 253 -21.74 36.64 1.83
CA LYS B 253 -22.88 37.30 1.19
C LYS B 253 -24.18 36.51 1.37
N LYS C 3 -9.00 3.91 -40.09
CA LYS C 3 -9.35 5.24 -39.59
C LYS C 3 -10.49 5.16 -38.59
N THR C 4 -11.00 3.95 -38.37
CA THR C 4 -12.03 3.73 -37.36
C THR C 4 -11.39 3.29 -36.05
N VAL C 5 -11.78 3.93 -34.95
CA VAL C 5 -11.23 3.59 -33.64
C VAL C 5 -11.60 2.15 -33.25
N PHE C 6 -10.70 1.53 -32.51
CA PHE C 6 -10.76 0.09 -32.24
C PHE C 6 -12.11 -0.42 -31.73
N HIS C 7 -12.62 0.23 -30.69
CA HIS C 7 -13.83 -0.26 -30.02
C HIS C 7 -15.11 0.46 -30.45
N LEU C 8 -15.03 1.78 -30.63
CA LEU C 8 -16.22 2.59 -30.84
C LEU C 8 -16.78 2.48 -32.27
N GLY C 9 -15.96 2.00 -33.19
CA GLY C 9 -16.40 1.81 -34.56
C GLY C 9 -16.81 3.08 -35.27
N VAL C 10 -16.26 4.21 -34.85
CA VAL C 10 -16.53 5.49 -35.49
C VAL C 10 -15.25 6.15 -35.98
N THR C 11 -15.39 7.07 -36.92
CA THR C 11 -14.27 7.82 -37.45
C THR C 11 -14.39 9.26 -36.98
N GLU C 12 -13.36 10.06 -37.20
CA GLU C 12 -13.44 11.47 -36.86
C GLU C 12 -14.48 12.16 -37.74
N ALA C 13 -14.59 11.72 -38.98
CA ALA C 13 -15.58 12.26 -39.90
C ALA C 13 -17.00 12.01 -39.40
N ASP C 14 -17.22 10.85 -38.79
CA ASP C 14 -18.51 10.52 -38.21
C ASP C 14 -18.95 11.53 -37.15
N LEU C 15 -17.97 12.08 -36.44
CA LEU C 15 -18.25 12.99 -35.34
C LEU C 15 -18.57 14.41 -35.82
N ASN C 16 -18.27 14.68 -37.09
CA ASN C 16 -18.59 15.95 -37.72
C ASN C 16 -18.08 17.17 -36.95
N GLY C 17 -16.86 17.06 -36.41
CA GLY C 17 -16.22 18.17 -35.73
C GLY C 17 -16.56 18.31 -34.26
N ALA C 18 -17.23 17.31 -33.69
CA ALA C 18 -17.59 17.36 -32.27
C ALA C 18 -16.36 17.37 -31.38
N THR C 19 -16.33 18.29 -30.41
CA THR C 19 -15.23 18.36 -29.45
C THR C 19 -15.76 18.03 -28.05
N LEU C 20 -17.05 17.76 -27.97
CA LEU C 20 -17.70 17.48 -26.70
C LEU C 20 -18.52 16.21 -26.79
N ALA C 21 -18.38 15.35 -25.79
CA ALA C 21 -19.15 14.11 -25.74
C ALA C 21 -20.03 14.06 -24.50
N ILE C 22 -21.26 13.60 -24.69
CA ILE C 22 -22.10 13.23 -23.56
C ILE C 22 -21.99 11.72 -23.44
N ILE C 23 -21.59 11.25 -22.26
CA ILE C 23 -21.29 9.83 -22.08
C ILE C 23 -22.11 9.17 -20.97
N PRO C 24 -23.30 8.65 -21.34
CA PRO C 24 -24.11 7.90 -20.39
C PRO C 24 -23.54 6.50 -20.25
N GLY C 25 -23.92 5.77 -19.20
CA GLY C 25 -23.48 4.40 -19.07
C GLY C 25 -24.35 3.45 -19.87
N ASP C 26 -25.64 3.75 -19.92
CA ASP C 26 -26.62 2.88 -20.56
C ASP C 26 -26.70 3.19 -22.05
N PRO C 27 -26.43 2.19 -22.91
CA PRO C 27 -26.52 2.31 -24.36
C PRO C 27 -27.89 2.83 -24.83
N ALA C 28 -28.95 2.45 -24.12
CA ALA C 28 -30.30 2.87 -24.49
C ALA C 28 -30.53 4.36 -24.25
N ARG C 29 -29.70 4.96 -23.41
CA ARG C 29 -29.86 6.37 -23.06
C ARG C 29 -29.28 7.28 -24.14
N VAL C 30 -28.45 6.71 -25.02
CA VAL C 30 -27.77 7.48 -26.05
C VAL C 30 -28.75 8.13 -27.03
N GLN C 31 -29.67 7.33 -27.57
CA GLN C 31 -30.67 7.85 -28.49
C GLN C 31 -31.52 8.92 -27.82
N LYS C 32 -31.88 8.69 -26.55
CA LYS C 32 -32.72 9.61 -25.80
C LYS C 32 -32.04 10.96 -25.64
N ILE C 33 -30.74 10.95 -25.36
CA ILE C 33 -29.96 12.17 -25.25
C ILE C 33 -29.87 12.89 -26.59
N ALA C 34 -29.52 12.13 -27.62
CA ALA C 34 -29.33 12.70 -28.95
C ALA C 34 -30.59 13.37 -29.48
N GLU C 35 -31.75 12.78 -29.18
CA GLU C 35 -33.02 13.30 -29.69
C GLU C 35 -33.47 14.56 -28.95
N LEU C 36 -32.80 14.89 -27.86
CA LEU C 36 -33.03 16.17 -27.19
C LEU C 36 -32.39 17.29 -27.97
N MET C 37 -31.47 16.95 -28.87
CA MET C 37 -30.76 17.94 -29.67
C MET C 37 -31.18 17.89 -31.14
N ASP C 38 -30.50 18.68 -31.97
CA ASP C 38 -30.87 18.79 -33.38
C ASP C 38 -30.19 17.76 -34.26
N ASN C 39 -30.91 17.31 -35.29
CA ASN C 39 -30.40 16.35 -36.26
CA ASN C 39 -30.39 16.37 -36.26
C ASN C 39 -29.69 15.15 -35.62
N PRO C 40 -30.41 14.39 -34.79
CA PRO C 40 -29.77 13.23 -34.17
C PRO C 40 -29.54 12.14 -35.21
N VAL C 41 -28.35 11.54 -35.19
CA VAL C 41 -28.02 10.50 -36.15
C VAL C 41 -27.28 9.34 -35.50
N PHE C 42 -27.76 8.13 -35.76
CA PHE C 42 -27.08 6.93 -35.31
C PHE C 42 -25.77 6.77 -36.05
N LEU C 43 -24.69 6.55 -35.31
CA LEU C 43 -23.38 6.34 -35.92
C LEU C 43 -23.00 4.87 -35.90
N ALA C 44 -22.96 4.29 -34.71
CA ALA C 44 -22.55 2.90 -34.57
C ALA C 44 -22.99 2.33 -33.23
N SER C 45 -23.10 1.01 -33.18
CA SER C 45 -23.37 0.31 -31.94
C SER C 45 -22.60 -1.01 -31.95
N HIS C 46 -21.61 -1.10 -31.08
CA HIS C 46 -20.83 -2.33 -30.91
C HIS C 46 -20.58 -2.48 -29.43
N ARG C 47 -20.78 -3.69 -28.92
CA ARG C 47 -20.62 -3.98 -27.50
C ARG C 47 -21.46 -3.00 -26.68
N GLU C 48 -20.87 -2.40 -25.65
CA GLU C 48 -21.60 -1.45 -24.83
C GLU C 48 -21.49 -0.02 -25.37
N TYR C 49 -20.97 0.10 -26.58
CA TYR C 49 -20.74 1.43 -27.15
C TYR C 49 -21.73 1.79 -28.25
N THR C 50 -22.82 2.44 -27.87
CA THR C 50 -23.75 3.00 -28.83
C THR C 50 -23.37 4.46 -29.04
N VAL C 51 -23.15 4.85 -30.29
CA VAL C 51 -22.66 6.18 -30.58
C VAL C 51 -23.63 6.93 -31.48
N TYR C 52 -24.06 8.10 -31.02
CA TYR C 52 -24.92 8.99 -31.80
C TYR C 52 -24.23 10.31 -32.00
N ARG C 53 -24.66 11.05 -33.00
CA ARG C 53 -24.22 12.42 -33.18
C ARG C 53 -25.45 13.31 -33.25
N ALA C 54 -25.32 14.54 -32.78
CA ALA C 54 -26.41 15.50 -32.87
C ALA C 54 -25.82 16.89 -32.93
N GLU C 55 -26.69 17.89 -33.02
CA GLU C 55 -26.25 19.27 -33.08
C GLU C 55 -26.90 20.08 -31.98
N LEU C 56 -26.10 20.88 -31.29
CA LEU C 56 -26.58 21.72 -30.23
C LEU C 56 -26.08 23.13 -30.49
N ASP C 57 -27.02 24.03 -30.80
CA ASP C 57 -26.70 25.40 -31.19
C ASP C 57 -25.73 25.45 -32.37
N GLY C 58 -25.95 24.56 -33.33
CA GLY C 58 -25.14 24.53 -34.54
C GLY C 58 -23.80 23.86 -34.38
N GLN C 59 -23.52 23.36 -33.18
CA GLN C 59 -22.27 22.65 -32.94
C GLN C 59 -22.52 21.15 -32.77
N SER C 60 -21.67 20.34 -33.39
N SER C 60 -21.66 20.34 -33.38
CA SER C 60 -21.82 18.89 -33.32
CA SER C 60 -21.81 18.89 -33.33
C SER C 60 -21.48 18.37 -31.93
C SER C 60 -21.47 18.36 -31.93
N VAL C 61 -22.32 17.46 -31.45
CA VAL C 61 -22.11 16.82 -30.15
C VAL C 61 -22.21 15.31 -30.35
N VAL C 62 -21.25 14.57 -29.83
CA VAL C 62 -21.31 13.11 -29.91
C VAL C 62 -21.83 12.54 -28.59
N VAL C 63 -22.75 11.58 -28.71
CA VAL C 63 -23.27 10.90 -27.54
C VAL C 63 -22.80 9.45 -27.61
N CYS C 64 -22.12 9.00 -26.57
CA CYS C 64 -21.52 7.68 -26.59
C CYS C 64 -21.65 6.99 -25.24
N SER C 65 -22.31 5.83 -25.22
CA SER C 65 -22.42 5.05 -24.01
C SER C 65 -21.05 4.51 -23.62
N THR C 66 -20.83 4.37 -22.32
CA THR C 66 -19.54 3.89 -21.82
C THR C 66 -19.68 2.47 -21.30
N GLY C 67 -20.93 2.03 -21.14
CA GLY C 67 -21.20 0.82 -20.39
C GLY C 67 -20.95 1.08 -18.91
N ILE C 68 -21.13 0.04 -18.10
CA ILE C 68 -20.82 0.11 -16.68
C ILE C 68 -19.33 -0.13 -16.40
N GLY C 69 -18.73 0.77 -15.64
CA GLY C 69 -17.39 0.54 -15.13
C GLY C 69 -16.30 1.39 -15.74
N GLY C 70 -15.31 1.71 -14.92
CA GLY C 70 -14.12 2.42 -15.36
C GLY C 70 -13.39 1.86 -16.58
N PRO C 71 -13.23 0.52 -16.66
CA PRO C 71 -12.58 -0.06 -17.83
C PRO C 71 -13.21 0.31 -19.17
N SER C 72 -14.49 0.00 -19.36
CA SER C 72 -15.15 0.31 -20.62
C SER C 72 -15.27 1.82 -20.83
N THR C 73 -15.34 2.56 -19.72
CA THR C 73 -15.37 4.01 -19.78
C THR C 73 -14.04 4.56 -20.31
N SER C 74 -12.94 4.06 -19.77
CA SER C 74 -11.60 4.53 -20.14
C SER C 74 -11.35 4.33 -21.64
N ILE C 75 -11.87 3.23 -22.18
CA ILE C 75 -11.75 2.95 -23.59
C ILE C 75 -12.50 3.99 -24.42
N ALA C 76 -13.74 4.26 -24.03
CA ALA C 76 -14.57 5.21 -24.75
C ALA C 76 -13.97 6.61 -24.73
N VAL C 77 -13.52 7.05 -23.56
CA VAL C 77 -12.92 8.37 -23.42
C VAL C 77 -11.67 8.51 -24.29
N GLU C 78 -10.81 7.50 -24.21
CA GLU C 78 -9.56 7.49 -24.98
C GLU C 78 -9.81 7.56 -26.48
N GLU C 79 -10.72 6.73 -26.97
CA GLU C 79 -10.94 6.66 -28.41
C GLU C 79 -11.67 7.88 -28.95
N LEU C 80 -12.53 8.48 -28.12
CA LEU C 80 -13.16 9.74 -28.48
C LEU C 80 -12.13 10.86 -28.46
N ALA C 81 -11.23 10.83 -27.49
CA ALA C 81 -10.15 11.81 -27.42
C ALA C 81 -9.24 11.70 -28.63
N GLN C 82 -9.09 10.48 -29.16
CA GLN C 82 -8.28 10.26 -30.35
C GLN C 82 -8.93 10.93 -31.56
N LEU C 83 -10.24 11.11 -31.51
CA LEU C 83 -10.99 11.68 -32.62
C LEU C 83 -11.29 13.16 -32.41
N GLY C 84 -10.69 13.75 -31.37
CA GLY C 84 -10.78 15.18 -31.17
C GLY C 84 -11.70 15.65 -30.05
N VAL C 85 -12.35 14.71 -29.38
CA VAL C 85 -13.21 15.10 -28.25
C VAL C 85 -12.34 15.51 -27.07
N ARG C 86 -12.68 16.64 -26.45
CA ARG C 86 -11.89 17.18 -25.36
C ARG C 86 -12.71 17.34 -24.08
N THR C 87 -14.03 17.39 -24.24
CA THR C 87 -14.91 17.55 -23.09
C THR C 87 -15.86 16.36 -22.97
N PHE C 88 -15.95 15.80 -21.77
CA PHE C 88 -16.75 14.61 -21.53
C PHE C 88 -17.74 14.82 -20.40
N LEU C 89 -19.02 14.75 -20.73
CA LEU C 89 -20.07 14.93 -19.73
CA LEU C 89 -20.08 14.92 -19.74
C LEU C 89 -20.74 13.61 -19.41
N ARG C 90 -20.39 13.03 -18.27
CA ARG C 90 -21.06 11.82 -17.85
C ARG C 90 -22.41 12.15 -17.24
N VAL C 91 -23.45 11.50 -17.76
CA VAL C 91 -24.76 11.55 -17.13
C VAL C 91 -25.13 10.12 -16.74
N GLY C 92 -25.30 9.90 -15.44
CA GLY C 92 -25.49 8.55 -14.96
C GLY C 92 -26.63 8.38 -13.99
N THR C 93 -26.72 7.19 -13.43
CA THR C 93 -27.66 6.90 -12.35
C THR C 93 -26.84 6.66 -11.09
N THR C 94 -27.42 6.98 -9.94
CA THR C 94 -26.64 6.95 -8.72
C THR C 94 -27.50 6.60 -7.50
N GLY C 95 -26.86 6.08 -6.47
CA GLY C 95 -27.52 5.79 -5.22
C GLY C 95 -27.12 6.79 -4.16
N ALA C 96 -28.10 7.41 -3.52
CA ALA C 96 -27.84 8.40 -2.49
C ALA C 96 -27.32 7.74 -1.22
N ILE C 97 -26.25 8.30 -0.66
CA ILE C 97 -25.71 7.82 0.61
C ILE C 97 -26.28 8.62 1.78
N GLN C 98 -26.50 9.91 1.55
CA GLN C 98 -27.09 10.78 2.55
C GLN C 98 -28.59 10.56 2.65
N PRO C 99 -29.15 10.66 3.87
CA PRO C 99 -30.57 10.36 4.11
C PRO C 99 -31.55 11.28 3.40
N HIS C 100 -31.18 12.55 3.21
CA HIS C 100 -32.12 13.51 2.65
C HIS C 100 -31.81 13.90 1.21
N VAL C 101 -31.02 13.07 0.54
CA VAL C 101 -30.89 13.15 -0.91
C VAL C 101 -31.90 12.17 -1.48
N ASN C 102 -32.92 12.71 -2.14
CA ASN C 102 -34.06 11.90 -2.56
C ASN C 102 -33.97 11.41 -4.00
N VAL C 103 -34.69 10.34 -4.30
CA VAL C 103 -34.82 9.85 -5.65
C VAL C 103 -35.33 10.99 -6.54
N GLY C 104 -34.68 11.18 -7.68
CA GLY C 104 -35.06 12.24 -8.58
C GLY C 104 -34.16 13.46 -8.48
N ASP C 105 -33.43 13.57 -7.37
CA ASP C 105 -32.46 14.63 -7.19
C ASP C 105 -31.30 14.45 -8.16
N MET C 106 -30.61 15.54 -8.45
CA MET C 106 -29.43 15.50 -9.30
C MET C 106 -28.18 15.72 -8.45
N ILE C 107 -27.15 14.93 -8.71
CA ILE C 107 -25.90 15.10 -8.00
C ILE C 107 -24.75 15.42 -8.95
N VAL C 108 -24.14 16.59 -8.75
CA VAL C 108 -22.96 16.94 -9.52
C VAL C 108 -21.72 16.66 -8.68
N THR C 109 -20.85 15.82 -9.22
CA THR C 109 -19.66 15.38 -8.51
C THR C 109 -18.58 16.45 -8.47
N THR C 110 -18.18 16.85 -7.27
CA THR C 110 -17.08 17.80 -7.12
C THR C 110 -15.76 17.07 -6.95
N GLY C 111 -15.85 15.78 -6.65
CA GLY C 111 -14.68 14.94 -6.44
C GLY C 111 -15.12 13.52 -6.19
N SER C 112 -14.29 12.56 -6.56
CA SER C 112 -14.67 11.17 -6.41
C SER C 112 -13.75 10.41 -5.45
N VAL C 113 -14.35 9.61 -4.59
CA VAL C 113 -13.58 8.63 -3.82
C VAL C 113 -13.20 7.53 -4.80
N ARG C 114 -11.91 7.31 -4.96
CA ARG C 114 -11.42 6.38 -5.98
C ARG C 114 -11.46 4.94 -5.50
N LEU C 115 -12.64 4.34 -5.52
CA LEU C 115 -12.82 2.94 -5.16
C LEU C 115 -12.80 2.09 -6.43
N ASP C 116 -11.97 2.51 -7.38
CA ASP C 116 -11.86 1.83 -8.66
C ASP C 116 -10.42 1.42 -8.90
N GLY C 117 -10.18 0.79 -10.05
CA GLY C 117 -8.83 0.40 -10.40
C GLY C 117 -8.29 1.19 -11.58
N ALA C 118 -9.18 1.52 -12.51
CA ALA C 118 -8.78 2.15 -13.76
C ALA C 118 -8.15 3.54 -13.58
N SER C 119 -8.58 4.27 -12.56
CA SER C 119 -7.99 5.58 -12.28
C SER C 119 -6.50 5.45 -12.02
N LEU C 120 -6.10 4.35 -11.38
CA LEU C 120 -4.70 4.09 -11.07
C LEU C 120 -3.85 3.88 -12.32
N HIS C 121 -4.52 3.66 -13.45
CA HIS C 121 -3.82 3.45 -14.71
C HIS C 121 -3.51 4.77 -15.38
N PHE C 122 -3.94 5.87 -14.76
CA PHE C 122 -3.68 7.20 -15.31
C PHE C 122 -2.96 8.09 -14.31
N ALA C 123 -3.20 7.86 -13.03
CA ALA C 123 -2.57 8.64 -11.98
C ALA C 123 -2.55 7.84 -10.69
N PRO C 124 -1.49 8.03 -9.88
CA PRO C 124 -1.42 7.32 -8.60
C PRO C 124 -2.57 7.77 -7.69
N MET C 125 -2.82 7.01 -6.63
CA MET C 125 -3.97 7.25 -5.77
C MET C 125 -3.98 8.66 -5.14
N GLU C 126 -2.80 9.26 -4.98
CA GLU C 126 -2.71 10.58 -4.38
CA GLU C 126 -2.68 10.58 -4.39
C GLU C 126 -3.38 11.63 -5.24
N PHE C 127 -3.46 11.37 -6.53
CA PHE C 127 -4.07 12.32 -7.47
C PHE C 127 -5.58 12.42 -7.25
N PRO C 128 -6.10 13.66 -7.23
CA PRO C 128 -7.53 13.88 -6.98
C PRO C 128 -8.40 13.55 -8.18
N ALA C 129 -9.41 12.72 -7.98
CA ALA C 129 -10.43 12.50 -8.99
C ALA C 129 -11.37 13.70 -8.98
N VAL C 130 -10.96 14.77 -9.64
CA VAL C 130 -11.74 16.00 -9.65
CA VAL C 130 -11.70 16.02 -9.65
C VAL C 130 -12.20 16.35 -11.05
N PRO C 131 -13.41 16.90 -11.16
CA PRO C 131 -13.91 17.31 -12.48
C PRO C 131 -13.24 18.60 -12.93
N ASP C 132 -13.30 18.88 -14.23
CA ASP C 132 -12.92 20.17 -14.74
C ASP C 132 -13.86 21.20 -14.12
N PHE C 133 -13.32 22.34 -13.70
CA PHE C 133 -14.12 23.35 -13.01
C PHE C 133 -15.24 23.92 -13.89
N ASP C 134 -14.93 24.17 -15.17
CA ASP C 134 -15.93 24.71 -16.08
C ASP C 134 -17.09 23.73 -16.27
N VAL C 135 -16.77 22.45 -16.36
CA VAL C 135 -17.79 21.43 -16.53
C VAL C 135 -18.68 21.33 -15.30
N ALA C 136 -18.06 21.29 -14.13
CA ALA C 136 -18.80 21.20 -12.87
C ALA C 136 -19.69 22.43 -12.71
N THR C 137 -19.17 23.58 -13.11
CA THR C 137 -19.90 24.83 -13.08
C THR C 137 -21.11 24.78 -14.02
N ALA C 138 -20.87 24.29 -15.23
CA ALA C 138 -21.92 24.16 -16.24
C ALA C 138 -22.98 23.17 -15.78
N MET C 139 -22.55 22.09 -15.14
CA MET C 139 -23.47 21.07 -14.65
C MET C 139 -24.34 21.60 -13.51
N LYS C 140 -23.73 22.32 -12.57
CA LYS C 140 -24.48 22.92 -11.49
C LYS C 140 -25.49 23.92 -12.02
N ALA C 141 -25.03 24.79 -12.91
CA ALA C 141 -25.88 25.82 -13.50
C ALA C 141 -27.06 25.18 -14.23
N ALA C 142 -26.78 24.20 -15.08
CA ALA C 142 -27.82 23.53 -15.85
C ALA C 142 -28.83 22.85 -14.92
N ALA C 143 -28.34 22.18 -13.90
CA ALA C 143 -29.20 21.46 -12.98
C ALA C 143 -30.08 22.41 -12.16
N GLN C 144 -29.48 23.49 -11.66
CA GLN C 144 -30.22 24.47 -10.89
C GLN C 144 -31.21 25.25 -11.75
N GLU C 145 -30.80 25.62 -12.96
CA GLU C 145 -31.67 26.34 -13.87
C GLU C 145 -32.86 25.47 -14.29
N SER C 146 -32.65 24.16 -14.31
CA SER C 146 -33.69 23.23 -14.73
C SER C 146 -34.79 23.09 -13.67
N GLY C 147 -34.50 23.56 -12.46
CA GLY C 147 -35.46 23.48 -11.37
C GLY C 147 -35.31 22.21 -10.56
N ALA C 148 -34.38 21.35 -10.97
CA ALA C 148 -34.13 20.11 -10.26
C ALA C 148 -33.52 20.39 -8.89
N THR C 149 -33.69 19.45 -7.97
CA THR C 149 -33.02 19.53 -6.68
C THR C 149 -31.60 19.02 -6.87
N VAL C 150 -30.63 19.92 -6.66
CA VAL C 150 -29.24 19.63 -6.99
C VAL C 150 -28.36 19.53 -5.75
N HIS C 151 -27.44 18.56 -5.76
CA HIS C 151 -26.46 18.44 -4.71
C HIS C 151 -25.05 18.47 -5.30
N MET C 152 -24.19 19.32 -4.72
CA MET C 152 -22.79 19.39 -5.13
C MET C 152 -21.96 18.69 -4.07
N GLY C 153 -21.12 17.75 -4.48
CA GLY C 153 -20.27 17.10 -3.50
C GLY C 153 -19.53 15.85 -3.94
N VAL C 154 -18.96 15.16 -2.96
CA VAL C 154 -18.09 14.03 -3.20
C VAL C 154 -18.90 12.78 -3.52
N THR C 155 -18.44 12.03 -4.51
CA THR C 155 -19.11 10.81 -4.94
C THR C 155 -18.20 9.61 -4.70
N ALA C 156 -18.72 8.58 -4.04
CA ALA C 156 -17.97 7.34 -3.89
C ALA C 156 -18.10 6.54 -5.17
N SER C 157 -16.99 6.36 -5.88
CA SER C 157 -17.02 5.71 -7.19
C SER C 157 -16.37 4.34 -7.15
N SER C 158 -17.21 3.30 -7.24
CA SER C 158 -16.81 1.94 -6.94
C SER C 158 -16.68 1.07 -8.19
N ASP C 159 -15.70 0.17 -8.17
CA ASP C 159 -15.53 -0.80 -9.25
C ASP C 159 -16.54 -1.93 -9.19
N THR C 160 -17.38 -1.94 -8.15
CA THR C 160 -18.47 -2.92 -8.08
C THR C 160 -19.77 -2.25 -7.69
N PHE C 161 -20.88 -2.88 -8.04
CA PHE C 161 -22.20 -2.41 -7.69
C PHE C 161 -22.55 -2.95 -6.32
N TYR C 162 -22.06 -4.16 -6.04
CA TYR C 162 -22.48 -4.86 -4.82
C TYR C 162 -21.56 -4.65 -3.60
N PRO C 163 -20.41 -5.35 -3.52
CA PRO C 163 -19.68 -5.20 -2.24
C PRO C 163 -19.03 -3.82 -2.07
N GLY C 164 -18.63 -3.21 -3.17
CA GLY C 164 -17.97 -1.91 -3.12
C GLY C 164 -18.90 -0.77 -2.76
N GLN C 165 -20.20 -1.03 -2.85
CA GLN C 165 -21.21 -0.07 -2.42
C GLN C 165 -21.93 -0.63 -1.19
N GLU C 166 -21.21 -1.51 -0.49
CA GLU C 166 -21.69 -2.21 0.69
C GLU C 166 -23.12 -2.75 0.59
N ARG C 167 -23.41 -3.48 -0.48
CA ARG C 167 -24.67 -4.17 -0.61
C ARG C 167 -24.54 -5.57 -0.02
N TYR C 168 -25.51 -5.95 0.82
CA TYR C 168 -25.45 -7.23 1.50
C TYR C 168 -26.44 -8.25 0.96
N ASP C 169 -27.50 -7.79 0.30
CA ASP C 169 -28.49 -8.70 -0.23
C ASP C 169 -27.94 -9.35 -1.50
N THR C 170 -26.93 -10.18 -1.33
CA THR C 170 -26.21 -10.76 -2.45
C THR C 170 -26.11 -12.26 -2.27
N PHE C 171 -25.49 -12.93 -3.24
CA PHE C 171 -25.33 -14.37 -3.20
C PHE C 171 -24.61 -14.84 -1.94
N THR C 172 -23.50 -14.19 -1.60
CA THR C 172 -22.75 -14.59 -0.41
C THR C 172 -23.20 -13.81 0.81
N GLY C 173 -23.75 -12.63 0.59
CA GLY C 173 -24.14 -11.74 1.67
C GLY C 173 -22.91 -11.25 2.42
N ARG C 174 -21.74 -11.44 1.83
N ARG C 174 -21.76 -11.37 1.78
CA ARG C 174 -20.51 -11.02 2.48
CA ARG C 174 -20.47 -11.07 2.38
C ARG C 174 -19.95 -9.79 1.79
C ARG C 174 -19.86 -9.83 1.75
N VAL C 175 -19.26 -8.97 2.58
CA VAL C 175 -18.58 -7.79 2.07
C VAL C 175 -17.17 -7.81 2.63
N VAL C 176 -16.18 -7.68 1.74
CA VAL C 176 -14.78 -7.74 2.14
C VAL C 176 -14.49 -6.71 3.23
N ARG C 177 -13.53 -7.03 4.08
CA ARG C 177 -13.12 -6.21 5.23
CA ARG C 177 -13.15 -6.21 5.23
C ARG C 177 -13.06 -4.72 4.88
N ARG C 178 -12.41 -4.41 3.76
CA ARG C 178 -12.23 -3.04 3.31
C ARG C 178 -13.53 -2.24 3.25
N PHE C 179 -14.61 -2.89 2.82
CA PHE C 179 -15.85 -2.17 2.60
C PHE C 179 -16.90 -2.38 3.70
N GLN C 180 -16.56 -3.20 4.69
CA GLN C 180 -17.43 -3.37 5.84
C GLN C 180 -17.55 -2.05 6.59
N GLY C 181 -18.77 -1.55 6.70
CA GLY C 181 -19.02 -0.29 7.40
C GLY C 181 -18.56 0.91 6.60
N SER C 182 -18.24 0.71 5.34
CA SER C 182 -17.72 1.79 4.50
C SER C 182 -18.78 2.82 4.15
N MET C 183 -20.02 2.37 3.97
CA MET C 183 -21.10 3.28 3.60
C MET C 183 -21.36 4.32 4.69
N LYS C 184 -21.34 3.90 5.95
CA LYS C 184 -21.50 4.84 7.04
C LYS C 184 -20.31 5.78 7.12
N GLU C 185 -19.12 5.23 6.87
CA GLU C 185 -17.91 6.04 6.84
C GLU C 185 -18.03 7.14 5.79
N TRP C 186 -18.44 6.77 4.60
CA TRP C 186 -18.63 7.75 3.53
C TRP C 186 -19.72 8.75 3.91
N GLN C 187 -20.81 8.25 4.49
CA GLN C 187 -21.91 9.10 4.89
C GLN C 187 -21.48 10.13 5.93
N ASP C 188 -20.73 9.67 6.91
CA ASP C 188 -20.23 10.56 7.97
C ASP C 188 -19.25 11.59 7.42
N MET C 189 -18.55 11.21 6.35
CA MET C 189 -17.60 12.10 5.70
C MET C 189 -18.29 13.04 4.70
N GLY C 190 -19.61 12.95 4.61
CA GLY C 190 -20.37 13.86 3.77
C GLY C 190 -20.45 13.45 2.31
N VAL C 191 -20.04 12.23 2.01
CA VAL C 191 -20.13 11.71 0.64
C VAL C 191 -21.60 11.58 0.24
N LEU C 192 -21.93 12.05 -0.95
CA LEU C 192 -23.32 12.16 -1.37
C LEU C 192 -23.90 10.87 -1.94
N ASN C 193 -23.10 10.15 -2.71
CA ASN C 193 -23.65 9.08 -3.53
C ASN C 193 -22.66 8.03 -3.98
N PHE C 194 -23.21 6.90 -4.44
CA PHE C 194 -22.44 5.83 -5.06
C PHE C 194 -22.67 5.85 -6.56
N GLU C 195 -21.63 5.51 -7.30
CA GLU C 195 -21.67 5.46 -8.74
C GLU C 195 -20.41 4.68 -9.14
N MET C 196 -20.23 4.34 -10.41
CA MET C 196 -19.13 3.43 -10.76
C MET C 196 -18.09 3.95 -11.77
N GLU C 197 -18.33 5.11 -12.35
CA GLU C 197 -17.47 5.57 -13.43
C GLU C 197 -16.73 6.88 -13.17
N SER C 198 -17.19 7.66 -12.20
CA SER C 198 -16.64 9.01 -12.00
C SER C 198 -15.17 9.03 -11.59
N ALA C 199 -14.73 8.09 -10.76
CA ALA C 199 -13.33 8.06 -10.35
C ALA C 199 -12.42 7.88 -11.56
N THR C 200 -12.74 6.88 -12.38
CA THR C 200 -11.97 6.63 -13.59
C THR C 200 -12.02 7.80 -14.55
N LEU C 201 -13.23 8.24 -14.85
CA LEU C 201 -13.44 9.34 -15.79
C LEU C 201 -12.71 10.61 -15.38
N LEU C 202 -12.91 11.02 -14.13
CA LEU C 202 -12.37 12.28 -13.65
C LEU C 202 -10.84 12.23 -13.52
N THR C 203 -10.32 11.14 -12.99
CA THR C 203 -8.87 10.98 -12.84
C THR C 203 -8.19 10.95 -14.20
N MET C 204 -8.72 10.11 -15.09
CA MET C 204 -8.21 10.00 -16.45
C MET C 204 -8.15 11.35 -17.15
N CYS C 205 -9.25 12.09 -17.12
CA CYS C 205 -9.31 13.37 -17.83
C CYS C 205 -8.48 14.47 -17.18
N ALA C 206 -8.55 14.58 -15.85
CA ALA C 206 -7.80 15.60 -15.14
C ALA C 206 -6.29 15.42 -15.29
N SER C 207 -5.88 14.19 -15.58
CA SER C 207 -4.46 13.89 -15.75
C SER C 207 -4.06 13.79 -17.23
N SER C 208 -5.02 14.00 -18.13
CA SER C 208 -4.76 13.82 -19.56
C SER C 208 -5.12 15.05 -20.39
N GLY C 209 -5.38 16.17 -19.74
CA GLY C 209 -5.68 17.41 -20.44
C GLY C 209 -7.05 17.40 -21.06
N LEU C 210 -7.94 16.59 -20.51
CA LEU C 210 -9.33 16.52 -20.96
C LEU C 210 -10.23 17.12 -19.90
N LYS C 211 -11.37 17.65 -20.32
CA LYS C 211 -12.34 18.23 -19.39
C LYS C 211 -13.47 17.26 -19.13
N ALA C 212 -13.69 16.93 -17.86
CA ALA C 212 -14.73 15.98 -17.51
C ALA C 212 -15.54 16.41 -16.30
N GLY C 213 -16.73 15.83 -16.18
CA GLY C 213 -17.58 16.05 -15.04
C GLY C 213 -18.61 14.95 -15.00
N CYS C 214 -19.24 14.76 -13.85
CA CYS C 214 -20.25 13.75 -13.71
C CYS C 214 -21.49 14.31 -13.04
N VAL C 215 -22.63 14.17 -13.70
CA VAL C 215 -23.91 14.48 -13.10
C VAL C 215 -24.75 13.21 -13.13
N ALA C 216 -25.45 12.93 -12.05
CA ALA C 216 -26.20 11.69 -11.98
C ALA C 216 -27.55 11.88 -11.31
N GLY C 217 -28.56 11.21 -11.85
CA GLY C 217 -29.88 11.22 -11.25
C GLY C 217 -29.97 10.15 -10.18
N VAL C 218 -30.44 10.54 -8.99
CA VAL C 218 -30.59 9.62 -7.88
C VAL C 218 -31.77 8.68 -8.13
N ILE C 219 -31.50 7.38 -8.18
CA ILE C 219 -32.54 6.40 -8.44
C ILE C 219 -32.84 5.55 -7.21
N ILE C 220 -32.10 5.80 -6.14
CA ILE C 220 -32.30 5.05 -4.90
C ILE C 220 -31.62 5.74 -3.73
N ASN C 221 -32.26 5.70 -2.56
CA ASN C 221 -31.61 6.13 -1.34
C ASN C 221 -31.15 4.91 -0.56
N ARG C 222 -29.84 4.81 -0.35
CA ARG C 222 -29.25 3.61 0.22
C ARG C 222 -29.44 3.48 1.73
N THR C 223 -29.95 4.54 2.36
CA THR C 223 -30.28 4.45 3.78
C THR C 223 -31.58 3.66 3.95
N GLN C 224 -32.25 3.39 2.83
CA GLN C 224 -33.52 2.66 2.84
C GLN C 224 -33.37 1.23 2.32
N LYS C 225 -32.89 1.09 1.09
CA LYS C 225 -32.80 -0.24 0.48
C LYS C 225 -31.63 -0.35 -0.49
N GLU C 226 -31.44 -1.54 -1.06
CA GLU C 226 -30.29 -1.78 -1.93
C GLU C 226 -30.62 -1.80 -3.42
N ILE C 227 -31.83 -2.23 -3.78
CA ILE C 227 -32.22 -2.26 -5.20
C ILE C 227 -33.19 -1.16 -5.57
N PRO C 228 -32.82 -0.37 -6.59
CA PRO C 228 -33.64 0.76 -7.04
C PRO C 228 -35.02 0.31 -7.52
N ASP C 229 -36.04 1.04 -7.10
CA ASP C 229 -37.40 0.80 -7.60
C ASP C 229 -37.44 1.18 -9.07
N HIS C 230 -38.13 0.37 -9.85
CA HIS C 230 -38.19 0.57 -11.30
C HIS C 230 -39.07 1.77 -11.68
N ALA C 231 -40.07 2.05 -10.85
CA ALA C 231 -41.10 3.03 -11.18
C ALA C 231 -40.57 4.43 -11.48
N THR C 232 -39.54 4.85 -10.73
CA THR C 232 -39.03 6.21 -10.83
C THR C 232 -37.80 6.32 -11.71
N LEU C 233 -37.43 5.23 -12.37
CA LEU C 233 -36.22 5.20 -13.19
C LEU C 233 -36.32 6.11 -14.41
N LYS C 234 -37.36 5.92 -15.21
CA LYS C 234 -37.52 6.65 -16.47
C LYS C 234 -37.58 8.16 -16.26
N GLU C 235 -38.37 8.58 -15.28
CA GLU C 235 -38.53 10.00 -14.97
C GLU C 235 -37.22 10.64 -14.51
N THR C 236 -36.50 9.92 -13.66
CA THR C 236 -35.22 10.43 -13.15
C THR C 236 -34.20 10.56 -14.28
N GLU C 237 -34.18 9.55 -15.15
CA GLU C 237 -33.28 9.58 -16.31
C GLU C 237 -33.62 10.74 -17.23
N ALA C 238 -34.91 10.97 -17.46
CA ALA C 238 -35.36 12.04 -18.34
C ALA C 238 -34.89 13.41 -17.87
N ARG C 239 -35.00 13.65 -16.56
CA ARG C 239 -34.55 14.92 -16.01
C ARG C 239 -33.03 15.06 -16.13
N SER C 240 -32.32 13.97 -15.85
CA SER C 240 -30.86 14.01 -15.88
C SER C 240 -30.31 14.33 -17.26
N ILE C 241 -30.91 13.78 -18.30
CA ILE C 241 -30.42 14.01 -19.66
C ILE C 241 -30.79 15.41 -20.16
N LYS C 242 -31.93 15.92 -19.71
CA LYS C 242 -32.30 17.31 -19.98
C LYS C 242 -31.23 18.22 -19.39
N VAL C 243 -30.79 17.89 -18.18
CA VAL C 243 -29.77 18.67 -17.48
C VAL C 243 -28.41 18.61 -18.19
N VAL C 244 -28.00 17.41 -18.58
CA VAL C 244 -26.67 17.25 -19.19
C VAL C 244 -26.59 17.89 -20.57
N VAL C 245 -27.70 17.89 -21.30
CA VAL C 245 -27.74 18.54 -22.61
C VAL C 245 -27.60 20.05 -22.43
N GLU C 246 -28.27 20.59 -21.41
CA GLU C 246 -28.17 22.01 -21.11
C GLU C 246 -26.76 22.33 -20.61
N ALA C 247 -26.15 21.38 -19.90
CA ALA C 247 -24.78 21.54 -19.45
C ALA C 247 -23.82 21.55 -20.64
N ALA C 248 -24.14 20.74 -21.64
CA ALA C 248 -23.36 20.71 -22.88
C ALA C 248 -23.43 22.07 -23.57
N ARG C 249 -24.64 22.62 -23.63
CA ARG C 249 -24.86 23.94 -24.22
C ARG C 249 -23.98 24.99 -23.56
N LYS C 250 -23.89 24.93 -22.24
CA LYS C 250 -23.10 25.91 -21.49
C LYS C 250 -21.61 25.74 -21.75
N MET C 251 -21.18 24.52 -22.04
CA MET C 251 -19.77 24.25 -22.31
C MET C 251 -19.36 24.66 -23.73
N LEU C 252 -20.31 24.61 -24.65
CA LEU C 252 -20.04 25.00 -26.03
C LEU C 252 -19.96 26.52 -26.16
N LYS C 253 -19.11 27.00 -27.06
CA LYS C 253 -18.95 28.43 -27.27
C LYS C 253 -18.30 28.71 -28.62
N LYS D 3 -39.25 -11.83 -9.27
CA LYS D 3 -37.92 -11.59 -8.71
C LYS D 3 -36.87 -11.50 -9.80
N THR D 4 -36.78 -10.35 -10.46
CA THR D 4 -35.82 -10.16 -11.53
C THR D 4 -34.61 -9.37 -11.04
N VAL D 5 -33.42 -9.87 -11.33
CA VAL D 5 -32.19 -9.19 -10.94
C VAL D 5 -32.09 -7.85 -11.66
N PHE D 6 -31.53 -6.86 -10.97
CA PHE D 6 -31.62 -5.47 -11.40
C PHE D 6 -31.03 -5.16 -12.79
N HIS D 7 -29.80 -5.62 -13.04
CA HIS D 7 -29.14 -5.30 -14.29
C HIS D 7 -29.45 -6.28 -15.43
N LEU D 8 -29.45 -7.57 -15.12
CA LEU D 8 -29.64 -8.58 -16.15
C LEU D 8 -31.09 -8.66 -16.60
N GLY D 9 -32.01 -8.31 -15.71
CA GLY D 9 -33.43 -8.30 -16.03
C GLY D 9 -33.99 -9.68 -16.27
N VAL D 10 -33.42 -10.68 -15.60
CA VAL D 10 -33.91 -12.05 -15.71
C VAL D 10 -34.29 -12.60 -14.35
N THR D 11 -35.07 -13.68 -14.35
CA THR D 11 -35.49 -14.33 -13.12
C THR D 11 -34.86 -15.71 -13.05
N GLU D 12 -34.96 -16.34 -11.88
CA GLU D 12 -34.43 -17.69 -11.72
C GLU D 12 -35.17 -18.66 -12.63
N ALA D 13 -36.48 -18.45 -12.78
CA ALA D 13 -37.29 -19.29 -13.65
C ALA D 13 -36.84 -19.19 -15.11
N ASP D 14 -36.39 -18.00 -15.50
CA ASP D 14 -35.91 -17.76 -16.86
C ASP D 14 -34.74 -18.67 -17.21
N LEU D 15 -33.94 -19.03 -16.22
CA LEU D 15 -32.73 -19.80 -16.44
C LEU D 15 -32.99 -21.31 -16.51
N ASN D 16 -34.21 -21.71 -16.19
CA ASN D 16 -34.62 -23.12 -16.24
C ASN D 16 -33.65 -24.09 -15.56
N GLY D 17 -33.15 -23.70 -14.39
CA GLY D 17 -32.31 -24.59 -13.60
C GLY D 17 -30.84 -24.58 -13.98
N ALA D 18 -30.44 -23.64 -14.85
CA ALA D 18 -29.05 -23.54 -15.25
C ALA D 18 -28.15 -23.25 -14.06
N THR D 19 -27.07 -24.01 -13.94
CA THR D 19 -26.09 -23.81 -12.87
C THR D 19 -24.74 -23.42 -13.45
N LEU D 20 -24.68 -23.38 -14.79
CA LEU D 20 -23.45 -23.01 -15.47
C LEU D 20 -23.72 -21.88 -16.46
N ALA D 21 -22.84 -20.89 -16.48
CA ALA D 21 -22.94 -19.81 -17.44
C ALA D 21 -21.66 -19.69 -18.26
N ILE D 22 -21.83 -19.43 -19.56
CA ILE D 22 -20.72 -19.05 -20.41
C ILE D 22 -20.80 -17.55 -20.59
N ILE D 23 -19.71 -16.85 -20.26
CA ILE D 23 -19.76 -15.41 -20.21
C ILE D 23 -18.73 -14.73 -21.13
N PRO D 24 -19.15 -14.44 -22.36
CA PRO D 24 -18.32 -13.67 -23.28
C PRO D 24 -18.41 -12.19 -22.93
N GLY D 25 -17.50 -11.38 -23.42
CA GLY D 25 -17.55 -9.95 -23.17
C GLY D 25 -18.51 -9.25 -24.11
N ASP D 26 -18.56 -9.73 -25.35
CA ASP D 26 -19.35 -9.10 -26.40
C ASP D 26 -20.77 -9.65 -26.42
N PRO D 27 -21.76 -8.77 -26.24
CA PRO D 27 -23.18 -9.16 -26.33
C PRO D 27 -23.52 -9.83 -27.66
N ALA D 28 -22.86 -9.42 -28.74
CA ALA D 28 -23.11 -9.99 -30.05
C ALA D 28 -22.66 -11.44 -30.16
N ARG D 29 -21.80 -11.87 -29.24
CA ARG D 29 -21.29 -13.24 -29.27
C ARG D 29 -22.15 -14.21 -28.49
N VAL D 30 -23.11 -13.69 -27.72
CA VAL D 30 -23.96 -14.53 -26.89
C VAL D 30 -24.80 -15.51 -27.71
N GLN D 31 -25.49 -14.99 -28.72
CA GLN D 31 -26.28 -15.84 -29.61
C GLN D 31 -25.40 -16.83 -30.36
N LYS D 32 -24.21 -16.38 -30.75
CA LYS D 32 -23.27 -17.23 -31.49
C LYS D 32 -22.84 -18.42 -30.64
N ILE D 33 -22.76 -18.22 -29.33
CA ILE D 33 -22.43 -19.30 -28.42
C ILE D 33 -23.64 -20.17 -28.17
N ALA D 34 -24.79 -19.53 -27.90
CA ALA D 34 -26.02 -20.25 -27.59
C ALA D 34 -26.44 -21.20 -28.72
N GLU D 35 -26.21 -20.78 -29.96
CA GLU D 35 -26.63 -21.58 -31.10
C GLU D 35 -25.78 -22.82 -31.33
N LEU D 36 -24.67 -22.92 -30.61
CA LEU D 36 -23.85 -24.14 -30.64
C LEU D 36 -24.51 -25.21 -29.77
N MET D 37 -25.49 -24.79 -28.98
CA MET D 37 -26.17 -25.69 -28.08
C MET D 37 -27.62 -25.90 -28.53
N ASP D 38 -28.39 -26.64 -27.73
CA ASP D 38 -29.75 -26.97 -28.10
C ASP D 38 -30.76 -25.97 -27.54
N ASN D 39 -31.83 -25.75 -28.31
CA ASN D 39 -32.92 -24.85 -27.91
C ASN D 39 -32.48 -23.51 -27.34
N PRO D 40 -31.67 -22.75 -28.10
CA PRO D 40 -31.26 -21.44 -27.58
C PRO D 40 -32.45 -20.49 -27.53
N VAL D 41 -32.56 -19.73 -26.46
CA VAL D 41 -33.67 -18.80 -26.30
C VAL D 41 -33.17 -17.47 -25.74
N PHE D 42 -33.54 -16.38 -26.40
CA PHE D 42 -33.24 -15.04 -25.92
C PHE D 42 -34.02 -14.76 -24.64
N LEU D 43 -33.32 -14.40 -23.58
CA LEU D 43 -33.97 -14.08 -22.31
C LEU D 43 -34.15 -12.57 -22.14
N ALA D 44 -33.05 -11.84 -22.28
CA ALA D 44 -33.09 -10.40 -22.06
C ALA D 44 -31.87 -9.71 -22.65
N SER D 45 -32.02 -8.41 -22.89
CA SER D 45 -30.91 -7.58 -23.33
C SER D 45 -31.04 -6.20 -22.70
N HIS D 46 -30.18 -5.92 -21.74
CA HIS D 46 -30.13 -4.61 -21.10
C HIS D 46 -28.68 -4.23 -20.97
N ARG D 47 -28.36 -2.99 -21.36
CA ARG D 47 -26.99 -2.51 -21.31
C ARG D 47 -26.06 -3.46 -22.07
N GLU D 48 -24.91 -3.78 -21.48
CA GLU D 48 -23.98 -4.69 -22.13
C GLU D 48 -24.33 -6.16 -21.87
N TYR D 49 -25.48 -6.38 -21.24
CA TYR D 49 -25.86 -7.72 -20.80
C TYR D 49 -26.91 -8.35 -21.69
N THR D 50 -26.46 -9.17 -22.63
CA THR D 50 -27.39 -9.97 -23.43
C THR D 50 -27.40 -11.37 -22.87
N VAL D 51 -28.59 -11.85 -22.53
CA VAL D 51 -28.71 -13.13 -21.84
C VAL D 51 -29.51 -14.12 -22.67
N TYR D 52 -28.89 -15.26 -22.95
CA TYR D 52 -29.58 -16.35 -23.61
C TYR D 52 -29.60 -17.56 -22.69
N ARG D 53 -30.57 -18.43 -22.89
CA ARG D 53 -30.57 -19.73 -22.25
C ARG D 53 -30.47 -20.77 -23.35
N ALA D 54 -29.76 -21.86 -23.09
CA ALA D 54 -29.66 -22.94 -24.04
C ALA D 54 -29.57 -24.27 -23.31
N GLU D 55 -29.51 -25.35 -24.08
CA GLU D 55 -29.46 -26.67 -23.47
C GLU D 55 -28.27 -27.48 -24.01
N LEU D 56 -27.49 -28.01 -23.08
CA LEU D 56 -26.31 -28.78 -23.42
C LEU D 56 -26.43 -30.15 -22.77
N ASP D 57 -26.59 -31.18 -23.61
CA ASP D 57 -26.81 -32.55 -23.14
C ASP D 57 -27.95 -32.66 -22.14
N GLY D 58 -29.04 -31.98 -22.42
CA GLY D 58 -30.23 -32.05 -21.59
C GLY D 58 -30.23 -31.13 -20.39
N GLN D 59 -29.12 -30.42 -20.18
CA GLN D 59 -29.01 -29.50 -19.05
C GLN D 59 -29.06 -28.05 -19.47
N SER D 60 -29.75 -27.22 -18.70
CA SER D 60 -29.84 -25.80 -19.01
C SER D 60 -28.52 -25.09 -18.78
N VAL D 61 -28.13 -24.28 -19.76
CA VAL D 61 -26.93 -23.46 -19.68
C VAL D 61 -27.27 -22.03 -20.08
N VAL D 62 -26.81 -21.06 -19.30
CA VAL D 62 -27.03 -19.66 -19.63
C VAL D 62 -25.80 -19.08 -20.34
N VAL D 63 -26.05 -18.27 -21.37
CA VAL D 63 -24.99 -17.49 -21.98
C VAL D 63 -25.31 -16.02 -21.72
N CYS D 64 -24.35 -15.31 -21.14
CA CYS D 64 -24.58 -13.94 -20.71
C CYS D 64 -23.33 -13.11 -20.96
N SER D 65 -23.49 -12.00 -21.68
CA SER D 65 -22.35 -11.12 -21.91
C SER D 65 -22.07 -10.30 -20.66
N THR D 66 -20.81 -9.89 -20.51
CA THR D 66 -20.38 -9.19 -19.31
C THR D 66 -20.02 -7.75 -19.65
N GLY D 67 -19.78 -7.49 -20.93
CA GLY D 67 -19.21 -6.23 -21.34
C GLY D 67 -17.72 -6.25 -21.04
N ILE D 68 -17.03 -5.17 -21.40
CA ILE D 68 -15.61 -5.01 -21.09
C ILE D 68 -15.36 -4.59 -19.64
N GLY D 69 -14.47 -5.30 -18.97
CA GLY D 69 -14.00 -4.89 -17.66
C GLY D 69 -14.59 -5.61 -16.48
N GLY D 70 -13.79 -5.70 -15.42
CA GLY D 70 -14.21 -6.31 -14.17
C GLY D 70 -15.51 -5.83 -13.54
N PRO D 71 -15.71 -4.50 -13.44
CA PRO D 71 -16.94 -3.97 -12.87
C PRO D 71 -18.23 -4.52 -13.48
N SER D 72 -18.38 -4.44 -14.80
CA SER D 72 -19.60 -4.91 -15.43
C SER D 72 -19.67 -6.43 -15.34
N THR D 73 -18.52 -7.08 -15.39
CA THR D 73 -18.45 -8.54 -15.23
C THR D 73 -18.93 -8.97 -13.84
N SER D 74 -18.50 -8.25 -12.82
CA SER D 74 -18.85 -8.60 -11.44
C SER D 74 -20.36 -8.54 -11.22
N ILE D 75 -21.01 -7.59 -11.88
CA ILE D 75 -22.46 -7.47 -11.79
C ILE D 75 -23.14 -8.71 -12.36
N ALA D 76 -22.75 -9.09 -13.57
CA ALA D 76 -23.34 -10.25 -14.23
C ALA D 76 -23.12 -11.54 -13.44
N VAL D 77 -21.90 -11.73 -12.94
CA VAL D 77 -21.59 -12.92 -12.17
C VAL D 77 -22.44 -12.97 -10.90
N GLU D 78 -22.49 -11.85 -10.19
CA GLU D 78 -23.28 -11.76 -8.95
C GLU D 78 -24.75 -12.04 -9.20
N GLU D 79 -25.33 -11.38 -10.19
CA GLU D 79 -26.77 -11.51 -10.43
C GLU D 79 -27.14 -12.89 -10.95
N LEU D 80 -26.25 -13.49 -11.74
CA LEU D 80 -26.45 -14.87 -12.16
C LEU D 80 -26.32 -15.82 -10.97
N ALA D 81 -25.39 -15.52 -10.07
CA ALA D 81 -25.17 -16.34 -8.89
C ALA D 81 -26.37 -16.30 -7.95
N GLN D 82 -27.03 -15.14 -7.89
CA GLN D 82 -28.25 -15.01 -7.11
C GLN D 82 -29.34 -15.92 -7.67
N LEU D 83 -29.24 -16.20 -8.96
CA LEU D 83 -30.26 -16.99 -9.66
C LEU D 83 -29.86 -18.45 -9.83
N GLY D 84 -28.85 -18.88 -9.07
CA GLY D 84 -28.49 -20.28 -9.02
C GLY D 84 -27.28 -20.71 -9.84
N VAL D 85 -26.71 -19.79 -10.60
CA VAL D 85 -25.53 -20.13 -11.40
C VAL D 85 -24.31 -20.24 -10.49
N ARG D 86 -23.56 -21.33 -10.65
CA ARG D 86 -22.43 -21.60 -9.76
C ARG D 86 -21.11 -21.74 -10.52
N THR D 87 -21.21 -21.98 -11.83
CA THR D 87 -20.01 -22.15 -12.64
C THR D 87 -20.01 -21.17 -13.80
N PHE D 88 -18.88 -20.47 -13.97
CA PHE D 88 -18.78 -19.40 -14.96
C PHE D 88 -17.59 -19.60 -15.88
N LEU D 89 -17.86 -19.76 -17.17
CA LEU D 89 -16.81 -19.98 -18.15
C LEU D 89 -16.65 -18.74 -19.01
N ARG D 90 -15.56 -18.01 -18.79
CA ARG D 90 -15.28 -16.87 -19.65
C ARG D 90 -14.65 -17.35 -20.96
N VAL D 91 -15.17 -16.84 -22.07
CA VAL D 91 -14.59 -17.09 -23.38
C VAL D 91 -14.37 -15.76 -24.08
N GLY D 92 -13.32 -15.70 -24.89
CA GLY D 92 -13.04 -14.50 -25.66
C GLY D 92 -11.84 -14.68 -26.56
N THR D 93 -11.32 -13.57 -27.05
CA THR D 93 -10.08 -13.58 -27.83
C THR D 93 -9.13 -12.56 -27.22
N THR D 94 -7.84 -12.81 -27.35
CA THR D 94 -6.86 -12.01 -26.62
C THR D 94 -5.57 -11.77 -27.41
N GLY D 95 -4.79 -10.81 -26.93
CA GLY D 95 -3.49 -10.53 -27.51
C GLY D 95 -2.37 -11.04 -26.62
N ALA D 96 -1.56 -11.93 -27.18
CA ALA D 96 -0.46 -12.53 -26.43
C ALA D 96 0.75 -11.63 -26.39
N ILE D 97 1.56 -11.77 -25.34
CA ILE D 97 2.77 -10.97 -25.20
C ILE D 97 4.02 -11.83 -25.20
N GLN D 98 3.85 -13.13 -25.43
CA GLN D 98 4.97 -14.05 -25.55
C GLN D 98 5.19 -14.46 -27.00
N PRO D 99 6.46 -14.41 -27.45
CA PRO D 99 6.84 -14.78 -28.82
C PRO D 99 6.39 -16.18 -29.23
N HIS D 100 6.37 -17.11 -28.29
CA HIS D 100 6.05 -18.50 -28.61
C HIS D 100 4.54 -18.74 -28.71
N VAL D 101 3.75 -17.73 -28.42
CA VAL D 101 2.30 -17.84 -28.53
C VAL D 101 1.82 -17.26 -29.85
N ASN D 102 1.37 -18.13 -30.75
CA ASN D 102 0.96 -17.71 -32.08
C ASN D 102 -0.54 -17.44 -32.16
N VAL D 103 -0.94 -16.65 -33.14
CA VAL D 103 -2.35 -16.42 -33.42
C VAL D 103 -2.99 -17.75 -33.81
N GLY D 104 -4.12 -18.07 -33.19
CA GLY D 104 -4.78 -19.35 -33.42
C GLY D 104 -4.65 -20.25 -32.21
N ASP D 105 -3.64 -19.99 -31.39
CA ASP D 105 -3.44 -20.76 -30.15
C ASP D 105 -4.50 -20.40 -29.13
N MET D 106 -4.64 -21.26 -28.12
CA MET D 106 -5.59 -21.03 -27.05
CA MET D 106 -5.59 -21.03 -27.05
C MET D 106 -4.87 -20.85 -25.72
N ILE D 107 -5.34 -19.89 -24.93
CA ILE D 107 -4.76 -19.66 -23.61
C ILE D 107 -5.81 -19.99 -22.55
N VAL D 108 -5.46 -20.87 -21.63
CA VAL D 108 -6.29 -21.13 -20.48
C VAL D 108 -5.59 -20.57 -19.24
N THR D 109 -6.22 -19.56 -18.64
CA THR D 109 -5.63 -18.85 -17.51
C THR D 109 -5.51 -19.76 -16.29
N THR D 110 -4.31 -19.84 -15.74
CA THR D 110 -4.07 -20.61 -14.51
C THR D 110 -4.04 -19.65 -13.33
N GLY D 111 -3.88 -18.37 -13.62
CA GLY D 111 -3.83 -17.34 -12.59
C GLY D 111 -3.73 -15.99 -13.27
N SER D 112 -4.26 -14.95 -12.62
CA SER D 112 -4.24 -13.63 -13.23
C SER D 112 -3.50 -12.59 -12.41
N VAL D 113 -2.68 -11.79 -13.07
CA VAL D 113 -2.08 -10.63 -12.42
C VAL D 113 -3.20 -9.62 -12.24
N ARG D 114 -3.47 -9.27 -10.99
CA ARG D 114 -4.62 -8.42 -10.68
C ARG D 114 -4.31 -6.95 -10.87
N LEU D 115 -4.29 -6.52 -12.13
CA LEU D 115 -4.09 -5.12 -12.46
C LEU D 115 -5.45 -4.44 -12.60
N ASP D 116 -6.39 -4.88 -11.78
CA ASP D 116 -7.75 -4.35 -11.81
C ASP D 116 -8.08 -3.74 -10.45
N GLY D 117 -9.35 -3.36 -10.28
CA GLY D 117 -9.79 -2.80 -9.02
C GLY D 117 -10.91 -3.63 -8.40
N ALA D 118 -11.75 -4.20 -9.24
CA ALA D 118 -12.94 -4.93 -8.78
C ALA D 118 -12.58 -6.17 -7.96
N SER D 119 -11.45 -6.80 -8.28
CA SER D 119 -11.02 -7.99 -7.54
C SER D 119 -10.83 -7.66 -6.06
N LEU D 120 -10.34 -6.46 -5.77
CA LEU D 120 -10.12 -6.01 -4.40
C LEU D 120 -11.42 -5.86 -3.62
N HIS D 121 -12.54 -5.80 -4.33
CA HIS D 121 -13.84 -5.67 -3.68
C HIS D 121 -14.34 -7.03 -3.19
N PHE D 122 -13.60 -8.09 -3.52
CA PHE D 122 -13.98 -9.43 -3.09
C PHE D 122 -12.92 -10.06 -2.20
N ALA D 123 -11.67 -9.69 -2.43
CA ALA D 123 -10.58 -10.22 -1.63
C ALA D 123 -9.39 -9.28 -1.70
N PRO D 124 -8.63 -9.17 -0.61
CA PRO D 124 -7.44 -8.31 -0.63
C PRO D 124 -6.45 -8.82 -1.67
N MET D 125 -5.49 -7.97 -2.05
CA MET D 125 -4.59 -8.26 -3.15
C MET D 125 -3.78 -9.56 -2.98
N GLU D 126 -3.55 -9.96 -1.74
N GLU D 126 -3.55 -9.96 -1.74
CA GLU D 126 -2.79 -11.17 -1.45
CA GLU D 126 -2.79 -11.17 -1.46
C GLU D 126 -3.48 -12.41 -1.99
C GLU D 126 -3.48 -12.41 -2.02
N PHE D 127 -4.80 -12.36 -2.10
CA PHE D 127 -5.60 -13.49 -2.59
C PHE D 127 -5.32 -13.74 -4.07
N PRO D 128 -5.11 -15.01 -4.44
CA PRO D 128 -4.75 -15.34 -5.82
C PRO D 128 -5.97 -15.35 -6.75
N ALA D 129 -5.86 -14.67 -7.88
CA ALA D 129 -6.88 -14.73 -8.91
C ALA D 129 -6.71 -16.05 -9.66
N VAL D 130 -7.26 -17.11 -9.07
CA VAL D 130 -7.09 -18.47 -9.59
CA VAL D 130 -7.10 -18.47 -9.60
C VAL D 130 -8.42 -19.04 -10.09
N PRO D 131 -8.38 -19.75 -11.22
CA PRO D 131 -9.60 -20.41 -11.69
C PRO D 131 -9.86 -21.69 -10.90
N ASP D 132 -11.09 -22.18 -10.96
CA ASP D 132 -11.40 -23.48 -10.43
C ASP D 132 -10.63 -24.52 -11.22
N PHE D 133 -10.04 -25.50 -10.54
CA PHE D 133 -9.17 -26.46 -11.20
C PHE D 133 -9.90 -27.33 -12.21
N ASP D 134 -11.15 -27.69 -11.91
CA ASP D 134 -11.94 -28.50 -12.83
C ASP D 134 -12.24 -27.71 -14.10
N VAL D 135 -12.55 -26.43 -13.95
CA VAL D 135 -12.85 -25.59 -15.11
C VAL D 135 -11.63 -25.43 -16.00
N ALA D 136 -10.49 -25.13 -15.39
CA ALA D 136 -9.24 -24.99 -16.15
C ALA D 136 -8.89 -26.29 -16.84
N THR D 137 -9.10 -27.40 -16.14
CA THR D 137 -8.84 -28.73 -16.68
C THR D 137 -9.75 -29.02 -17.87
N ALA D 138 -11.04 -28.72 -17.70
CA ALA D 138 -12.01 -28.93 -18.76
C ALA D 138 -11.70 -28.04 -19.96
N MET D 139 -11.25 -26.82 -19.70
CA MET D 139 -10.91 -25.90 -20.77
C MET D 139 -9.68 -26.35 -21.55
N LYS D 140 -8.66 -26.81 -20.84
CA LYS D 140 -7.45 -27.31 -21.49
C LYS D 140 -7.79 -28.48 -22.40
N ALA D 141 -8.58 -29.41 -21.87
CA ALA D 141 -8.99 -30.60 -22.61
C ALA D 141 -9.79 -30.22 -23.86
N ALA D 142 -10.81 -29.37 -23.68
CA ALA D 142 -11.64 -28.91 -24.79
C ALA D 142 -10.81 -28.20 -25.85
N ALA D 143 -9.88 -27.37 -25.40
CA ALA D 143 -9.02 -26.63 -26.30
C ALA D 143 -8.10 -27.57 -27.08
N GLN D 144 -7.58 -28.59 -26.40
CA GLN D 144 -6.71 -29.56 -27.06
C GLN D 144 -7.47 -30.40 -28.08
N GLU D 145 -8.70 -30.76 -27.73
CA GLU D 145 -9.53 -31.58 -28.60
C GLU D 145 -9.96 -30.86 -29.87
N SER D 146 -9.87 -29.53 -29.84
CA SER D 146 -10.20 -28.72 -31.02
C SER D 146 -9.07 -28.73 -32.04
N GLY D 147 -7.86 -29.09 -31.58
CA GLY D 147 -6.72 -29.19 -32.45
C GLY D 147 -5.75 -28.03 -32.33
N ALA D 148 -6.14 -27.01 -31.57
CA ALA D 148 -5.29 -25.84 -31.38
C ALA D 148 -4.19 -26.11 -30.37
N THR D 149 -3.08 -25.40 -30.51
CA THR D 149 -2.03 -25.43 -29.51
C THR D 149 -2.53 -24.69 -28.28
N VAL D 150 -2.40 -25.31 -27.12
CA VAL D 150 -2.96 -24.72 -25.89
C VAL D 150 -1.86 -24.27 -24.94
N HIS D 151 -2.04 -23.08 -24.38
CA HIS D 151 -1.11 -22.56 -23.40
C HIS D 151 -1.78 -22.39 -22.05
N MET D 152 -1.23 -23.04 -21.03
CA MET D 152 -1.66 -22.84 -19.66
C MET D 152 -0.70 -21.84 -19.04
N GLY D 153 -1.23 -20.76 -18.47
CA GLY D 153 -0.36 -19.80 -17.84
C GLY D 153 -1.03 -18.58 -17.27
N VAL D 154 -0.20 -17.67 -16.78
CA VAL D 154 -0.67 -16.46 -16.12
C VAL D 154 -1.08 -15.40 -17.13
N THR D 155 -2.17 -14.72 -16.82
CA THR D 155 -2.69 -13.66 -17.67
C THR D 155 -2.65 -12.34 -16.90
N ALA D 156 -2.17 -11.30 -17.54
CA ALA D 156 -2.18 -9.97 -16.93
C ALA D 156 -3.53 -9.31 -17.20
N SER D 157 -4.32 -9.13 -16.15
CA SER D 157 -5.69 -8.65 -16.30
C SER D 157 -5.77 -7.18 -15.91
N SER D 158 -5.94 -6.32 -16.91
CA SER D 158 -5.83 -4.87 -16.73
C SER D 158 -7.19 -4.16 -16.75
N ASP D 159 -7.33 -3.16 -15.88
CA ASP D 159 -8.55 -2.36 -15.84
C ASP D 159 -8.63 -1.41 -17.03
N THR D 160 -7.54 -1.28 -17.78
CA THR D 160 -7.59 -0.47 -18.99
C THR D 160 -7.10 -1.25 -20.20
N PHE D 161 -7.45 -0.77 -21.38
CA PHE D 161 -7.02 -1.37 -22.62
C PHE D 161 -5.71 -0.74 -23.05
N TYR D 162 -5.50 0.52 -22.68
CA TYR D 162 -4.35 1.27 -23.17
C TYR D 162 -3.17 1.37 -22.20
N PRO D 163 -3.25 2.22 -21.15
CA PRO D 163 -2.01 2.36 -20.37
C PRO D 163 -1.68 1.12 -19.52
N GLY D 164 -2.70 0.39 -19.09
CA GLY D 164 -2.50 -0.80 -18.28
C GLY D 164 -1.90 -1.95 -19.06
N GLN D 165 -1.94 -1.85 -20.38
CA GLN D 165 -1.33 -2.83 -21.26
C GLN D 165 -0.14 -2.17 -21.95
N GLU D 166 0.35 -1.11 -21.32
CA GLU D 166 1.47 -0.30 -21.78
C GLU D 166 1.43 0.07 -23.26
N ARG D 167 0.30 0.63 -23.69
CA ARG D 167 0.17 1.13 -25.05
CA ARG D 167 0.15 1.14 -25.05
C ARG D 167 0.48 2.63 -25.08
N TYR D 168 1.36 3.02 -25.99
CA TYR D 168 1.77 4.42 -26.09
C TYR D 168 1.15 5.13 -27.28
N ASP D 169 0.53 4.36 -28.18
CA ASP D 169 -0.14 4.95 -29.34
C ASP D 169 -1.52 5.48 -28.95
N THR D 170 -1.51 6.46 -28.06
CA THR D 170 -2.74 6.97 -27.46
C THR D 170 -2.80 8.49 -27.57
N PHE D 171 -3.92 9.05 -27.13
CA PHE D 171 -4.12 10.50 -27.17
C PHE D 171 -3.01 11.29 -26.49
N THR D 172 -2.61 10.85 -25.30
CA THR D 172 -1.54 11.53 -24.57
C THR D 172 -0.18 10.92 -24.88
N GLY D 173 -0.18 9.66 -25.28
CA GLY D 173 1.05 8.94 -25.53
C GLY D 173 1.80 8.66 -24.23
N ARG D 174 1.10 8.84 -23.12
CA ARG D 174 1.71 8.72 -21.81
C ARG D 174 1.22 7.47 -21.09
N VAL D 175 2.13 6.84 -20.36
CA VAL D 175 1.78 5.72 -19.49
C VAL D 175 2.27 6.04 -18.08
N VAL D 176 1.36 5.93 -17.11
CA VAL D 176 1.67 6.25 -15.73
C VAL D 176 2.85 5.39 -15.22
N ARG D 177 3.62 5.96 -14.31
CA ARG D 177 4.84 5.33 -13.78
C ARG D 177 4.69 3.86 -13.43
N ARG D 178 3.58 3.52 -12.79
CA ARG D 178 3.29 2.14 -12.39
C ARG D 178 3.40 1.15 -13.54
N PHE D 179 2.93 1.56 -14.73
CA PHE D 179 2.87 0.65 -15.86
C PHE D 179 3.97 0.87 -16.89
N GLN D 180 4.85 1.84 -16.65
CA GLN D 180 6.01 2.00 -17.50
C GLN D 180 6.92 0.79 -17.37
N GLY D 181 7.21 0.15 -18.50
CA GLY D 181 8.06 -1.03 -18.53
C GLY D 181 7.36 -2.29 -18.05
N SER D 182 6.05 -2.18 -17.81
CA SER D 182 5.29 -3.29 -17.23
C SER D 182 5.14 -4.49 -18.15
N MET D 183 4.98 -4.26 -19.46
CA MET D 183 4.83 -5.36 -20.40
C MET D 183 6.06 -6.26 -20.39
N LYS D 184 7.25 -5.64 -20.38
CA LYS D 184 8.50 -6.38 -20.33
C LYS D 184 8.61 -7.15 -19.02
N GLU D 185 8.15 -6.53 -17.94
CA GLU D 185 8.12 -7.19 -16.64
C GLU D 185 7.30 -8.46 -16.69
N TRP D 186 6.07 -8.37 -17.19
CA TRP D 186 5.21 -9.54 -17.28
C TRP D 186 5.77 -10.58 -18.24
N GLN D 187 6.32 -10.11 -19.36
CA GLN D 187 6.94 -11.01 -20.33
C GLN D 187 8.05 -11.82 -19.68
N ASP D 188 8.90 -11.15 -18.92
CA ASP D 188 10.01 -11.81 -18.25
C ASP D 188 9.52 -12.78 -17.18
N MET D 189 8.34 -12.51 -16.64
CA MET D 189 7.75 -13.36 -15.62
C MET D 189 6.93 -14.49 -16.25
N GLY D 190 6.94 -14.57 -17.57
CA GLY D 190 6.26 -15.64 -18.28
C GLY D 190 4.77 -15.43 -18.47
N VAL D 191 4.28 -14.22 -18.19
CA VAL D 191 2.87 -13.92 -18.43
C VAL D 191 2.58 -14.04 -19.92
N LEU D 192 1.44 -14.66 -20.23
CA LEU D 192 1.13 -15.03 -21.61
C LEU D 192 0.44 -13.93 -22.39
N ASN D 193 -0.47 -13.23 -21.74
CA ASN D 193 -1.33 -12.27 -22.44
C ASN D 193 -1.90 -11.18 -21.56
N PHE D 194 -2.44 -10.16 -22.21
CA PHE D 194 -3.21 -9.13 -21.54
C PHE D 194 -4.69 -9.38 -21.77
N GLU D 195 -5.50 -9.00 -20.79
CA GLU D 195 -6.92 -9.26 -20.81
C GLU D 195 -7.52 -8.28 -19.80
N MET D 196 -8.84 -8.13 -19.75
CA MET D 196 -9.42 -7.09 -18.91
C MET D 196 -10.49 -7.54 -17.92
N GLU D 197 -10.72 -8.86 -17.80
CA GLU D 197 -11.82 -9.33 -16.95
C GLU D 197 -11.46 -10.44 -15.98
N SER D 198 -10.40 -11.19 -16.26
CA SER D 198 -10.11 -12.42 -15.53
C SER D 198 -9.77 -12.24 -14.05
N ALA D 199 -9.01 -11.19 -13.72
CA ALA D 199 -8.65 -10.95 -12.32
C ALA D 199 -9.90 -10.77 -11.47
N THR D 200 -10.84 -9.99 -11.98
CA THR D 200 -12.09 -9.77 -11.28
C THR D 200 -12.89 -11.07 -11.20
N LEU D 201 -13.11 -11.70 -12.35
CA LEU D 201 -13.88 -12.94 -12.41
C LEU D 201 -13.33 -14.03 -11.49
N LEU D 202 -12.04 -14.32 -11.65
CA LEU D 202 -11.41 -15.40 -10.89
C LEU D 202 -11.36 -15.11 -9.39
N THR D 203 -11.02 -13.88 -9.00
CA THR D 203 -10.94 -13.54 -7.59
C THR D 203 -12.31 -13.59 -6.95
N MET D 204 -13.29 -13.00 -7.63
CA MET D 204 -14.66 -13.00 -7.17
C MET D 204 -15.17 -14.41 -6.93
N CYS D 205 -15.00 -15.27 -7.93
CA CYS D 205 -15.53 -16.63 -7.85
C CYS D 205 -14.77 -17.51 -6.86
N ALA D 206 -13.44 -17.45 -6.89
CA ALA D 206 -12.63 -18.27 -6.00
C ALA D 206 -12.85 -17.91 -4.53
N SER D 207 -13.32 -16.69 -4.29
CA SER D 207 -13.54 -16.23 -2.93
C SER D 207 -15.01 -16.26 -2.53
N SER D 208 -15.86 -16.75 -3.43
CA SER D 208 -17.30 -16.74 -3.20
C SER D 208 -17.97 -18.09 -3.45
N GLY D 209 -17.16 -19.15 -3.51
CA GLY D 209 -17.69 -20.49 -3.68
C GLY D 209 -18.29 -20.70 -5.06
N LEU D 210 -17.78 -19.95 -6.03
CA LEU D 210 -18.19 -20.10 -7.41
C LEU D 210 -17.03 -20.68 -8.22
N LYS D 211 -17.36 -21.42 -9.26
CA LYS D 211 -16.35 -22.07 -10.09
C LYS D 211 -16.16 -21.23 -11.35
N ALA D 212 -14.94 -20.78 -11.60
CA ALA D 212 -14.69 -19.95 -12.77
C ALA D 212 -13.42 -20.34 -13.50
N GLY D 213 -13.37 -19.96 -14.77
CA GLY D 213 -12.20 -20.17 -15.59
C GLY D 213 -12.25 -19.28 -16.81
N CYS D 214 -11.11 -19.11 -17.45
CA CYS D 214 -11.01 -18.24 -18.62
CA CYS D 214 -11.01 -18.24 -18.62
C CYS D 214 -10.27 -18.94 -19.75
N VAL D 215 -10.86 -18.92 -20.93
CA VAL D 215 -10.21 -19.45 -22.12
C VAL D 215 -10.33 -18.41 -23.22
N ALA D 216 -9.27 -18.25 -24.00
CA ALA D 216 -9.27 -17.24 -25.04
C ALA D 216 -8.41 -17.66 -26.22
N GLY D 217 -8.91 -17.40 -27.43
CA GLY D 217 -8.13 -17.62 -28.63
C GLY D 217 -7.23 -16.43 -28.85
N VAL D 218 -6.00 -16.68 -29.28
CA VAL D 218 -5.09 -15.58 -29.55
C VAL D 218 -5.29 -15.06 -30.97
N ILE D 219 -5.57 -13.77 -31.10
CA ILE D 219 -5.84 -13.18 -32.39
C ILE D 219 -4.78 -12.17 -32.79
N ILE D 220 -3.89 -11.85 -31.86
CA ILE D 220 -2.79 -10.94 -32.14
C ILE D 220 -1.65 -11.15 -31.15
N ASN D 221 -0.43 -10.86 -31.60
CA ASN D 221 0.75 -10.97 -30.74
C ASN D 221 1.51 -9.66 -30.74
N ARG D 222 1.66 -9.07 -29.55
CA ARG D 222 2.33 -7.78 -29.40
C ARG D 222 3.78 -7.83 -29.90
N THR D 223 4.38 -9.01 -29.89
CA THR D 223 5.79 -9.16 -30.25
C THR D 223 6.01 -9.54 -31.71
N GLN D 224 4.92 -9.70 -32.46
CA GLN D 224 5.03 -10.14 -33.86
C GLN D 224 4.61 -9.05 -34.84
N LYS D 225 5.46 -8.81 -35.84
CA LYS D 225 5.17 -7.83 -36.89
C LYS D 225 4.06 -8.31 -37.80
N GLU D 226 4.07 -9.60 -38.09
CA GLU D 226 3.12 -10.20 -39.05
C GLU D 226 1.67 -9.92 -38.70
N ILE D 227 0.90 -9.55 -39.71
CA ILE D 227 -0.53 -9.32 -39.54
C ILE D 227 -1.32 -10.57 -39.93
N PRO D 228 -2.06 -11.15 -38.98
CA PRO D 228 -2.85 -12.36 -39.21
C PRO D 228 -3.91 -12.15 -40.28
N ASP D 229 -4.09 -13.14 -41.15
CA ASP D 229 -5.07 -13.04 -42.23
C ASP D 229 -6.49 -13.26 -41.70
N HIS D 230 -7.47 -12.81 -42.47
CA HIS D 230 -8.87 -12.84 -42.08
C HIS D 230 -9.37 -14.25 -41.79
N ALA D 231 -8.85 -15.23 -42.52
CA ALA D 231 -9.27 -16.62 -42.38
C ALA D 231 -8.89 -17.20 -41.02
N THR D 232 -7.64 -16.97 -40.60
CA THR D 232 -7.16 -17.50 -39.33
C THR D 232 -7.85 -16.82 -38.15
N LEU D 233 -8.09 -15.52 -38.30
CA LEU D 233 -8.80 -14.75 -37.28
C LEU D 233 -10.20 -15.32 -37.08
N LYS D 234 -10.95 -15.42 -38.18
CA LYS D 234 -12.30 -15.98 -38.18
C LYS D 234 -12.32 -17.38 -37.57
N GLU D 235 -11.34 -18.19 -37.95
CA GLU D 235 -11.23 -19.55 -37.45
C GLU D 235 -10.97 -19.58 -35.95
N THR D 236 -10.24 -18.58 -35.46
CA THR D 236 -9.85 -18.53 -34.05
C THR D 236 -11.01 -18.15 -33.12
N GLU D 237 -11.77 -17.12 -33.51
CA GLU D 237 -12.93 -16.74 -32.70
C GLU D 237 -14.02 -17.80 -32.72
N ALA D 238 -14.13 -18.51 -33.84
CA ALA D 238 -15.07 -19.61 -33.96
C ALA D 238 -14.62 -20.78 -33.09
N ARG D 239 -13.32 -21.05 -33.08
CA ARG D 239 -12.78 -22.14 -32.30
C ARG D 239 -12.92 -21.87 -30.80
N SER D 240 -12.76 -20.61 -30.41
CA SER D 240 -12.81 -20.23 -29.00
C SER D 240 -14.17 -20.56 -28.38
N ILE D 241 -15.24 -20.24 -29.10
CA ILE D 241 -16.58 -20.51 -28.60
C ILE D 241 -16.95 -21.99 -28.70
N LYS D 242 -16.41 -22.67 -29.70
CA LYS D 242 -16.58 -24.11 -29.80
C LYS D 242 -15.93 -24.76 -28.60
N VAL D 243 -14.72 -24.31 -28.27
CA VAL D 243 -13.97 -24.83 -27.14
C VAL D 243 -14.69 -24.60 -25.81
N VAL D 244 -15.21 -23.40 -25.60
CA VAL D 244 -15.85 -23.09 -24.32
C VAL D 244 -17.14 -23.89 -24.12
N VAL D 245 -17.84 -24.19 -25.22
CA VAL D 245 -19.04 -25.01 -25.15
C VAL D 245 -18.67 -26.44 -24.78
N GLU D 246 -17.60 -26.95 -25.39
CA GLU D 246 -17.12 -28.29 -25.06
C GLU D 246 -16.60 -28.32 -23.62
N ALA D 247 -15.99 -27.23 -23.18
CA ALA D 247 -15.54 -27.11 -21.79
C ALA D 247 -16.73 -27.18 -20.84
N ALA D 248 -17.81 -26.49 -21.21
CA ALA D 248 -19.05 -26.53 -20.44
C ALA D 248 -19.60 -27.95 -20.38
N ARG D 249 -19.53 -28.65 -21.50
CA ARG D 249 -20.01 -30.02 -21.60
C ARG D 249 -19.27 -30.93 -20.62
N LYS D 250 -17.96 -30.75 -20.55
CA LYS D 250 -17.14 -31.54 -19.63
C LYS D 250 -17.47 -31.21 -18.18
N MET D 251 -17.84 -29.96 -17.92
CA MET D 251 -18.18 -29.53 -16.57
C MET D 251 -19.51 -30.11 -16.11
N LEU D 252 -20.45 -30.27 -17.03
CA LEU D 252 -21.77 -30.80 -16.70
C LEU D 252 -21.72 -32.31 -16.51
N LYS E 3 31.06 -23.56 -8.55
CA LYS E 3 30.56 -24.92 -8.69
C LYS E 3 29.67 -25.32 -7.51
N THR E 4 30.06 -24.92 -6.31
CA THR E 4 29.31 -25.28 -5.10
C THR E 4 28.41 -24.13 -4.65
N VAL E 5 27.12 -24.40 -4.53
CA VAL E 5 26.18 -23.37 -4.08
C VAL E 5 26.38 -23.07 -2.60
N PHE E 6 26.27 -21.80 -2.24
CA PHE E 6 26.70 -21.33 -0.94
C PHE E 6 25.97 -21.95 0.26
N HIS E 7 24.65 -22.01 0.21
CA HIS E 7 23.87 -22.51 1.34
C HIS E 7 23.70 -24.03 1.33
N LEU E 8 23.39 -24.59 0.17
CA LEU E 8 23.10 -26.02 0.07
C LEU E 8 24.35 -26.88 0.11
N GLY E 9 25.47 -26.30 -0.33
CA GLY E 9 26.75 -26.99 -0.27
C GLY E 9 26.86 -28.17 -1.22
N VAL E 10 26.18 -28.09 -2.34
CA VAL E 10 26.26 -29.13 -3.36
C VAL E 10 26.63 -28.55 -4.72
N THR E 11 27.07 -29.40 -5.62
CA THR E 11 27.42 -28.98 -6.97
C THR E 11 26.42 -29.57 -7.95
N GLU E 12 26.49 -29.14 -9.20
CA GLU E 12 25.62 -29.70 -10.23
C GLU E 12 25.92 -31.19 -10.41
N ALA E 13 27.19 -31.56 -10.27
CA ALA E 13 27.61 -32.95 -10.39
C ALA E 13 26.98 -33.83 -9.33
N ASP E 14 26.79 -33.29 -8.13
CA ASP E 14 26.15 -34.02 -7.03
C ASP E 14 24.72 -34.41 -7.38
N LEU E 15 24.10 -33.63 -8.24
CA LEU E 15 22.69 -33.81 -8.58
C LEU E 15 22.48 -34.88 -9.66
N ASN E 16 23.56 -35.26 -10.34
CA ASN E 16 23.51 -36.27 -11.40
C ASN E 16 22.44 -36.05 -12.46
N GLY E 17 22.32 -34.81 -12.93
CA GLY E 17 21.42 -34.49 -14.02
C GLY E 17 19.96 -34.32 -13.62
N ALA E 18 19.69 -34.33 -12.32
CA ALA E 18 18.33 -34.14 -11.84
C ALA E 18 17.80 -32.76 -12.21
N THR E 19 16.56 -32.72 -12.70
CA THR E 19 15.90 -31.47 -13.05
C THR E 19 14.65 -31.29 -12.20
N LEU E 20 14.37 -32.28 -11.37
CA LEU E 20 13.22 -32.25 -10.49
C LEU E 20 13.66 -32.39 -9.04
N ALA E 21 13.11 -31.56 -8.18
CA ALA E 21 13.40 -31.64 -6.76
C ALA E 21 12.12 -31.78 -5.94
N ILE E 22 12.14 -32.71 -5.00
CA ILE E 22 11.08 -32.78 -4.00
C ILE E 22 11.55 -31.98 -2.81
N ILE E 23 10.75 -31.02 -2.35
CA ILE E 23 11.20 -30.11 -1.31
C ILE E 23 10.30 -30.11 -0.08
N PRO E 24 10.62 -30.96 0.90
CA PRO E 24 9.91 -30.95 2.19
C PRO E 24 10.45 -29.82 3.05
N GLY E 25 9.75 -29.49 4.13
CA GLY E 25 10.23 -28.46 5.03
C GLY E 25 11.23 -28.99 6.02
N ASP E 26 11.00 -30.21 6.50
CA ASP E 26 11.79 -30.81 7.57
C ASP E 26 12.96 -31.63 7.02
N PRO E 27 14.19 -31.24 7.39
CA PRO E 27 15.41 -31.96 6.98
C PRO E 27 15.41 -33.44 7.38
N ALA E 28 14.76 -33.77 8.49
CA ALA E 28 14.70 -35.15 8.95
C ALA E 28 13.84 -36.04 8.06
N ARG E 29 13.10 -35.42 7.14
N ARG E 29 13.08 -35.43 7.15
CA ARG E 29 12.17 -36.12 6.27
CA ARG E 29 12.19 -36.17 6.26
C ARG E 29 12.78 -36.41 4.89
C ARG E 29 12.74 -36.35 4.85
N VAL E 30 13.94 -35.81 4.62
CA VAL E 30 14.57 -35.91 3.31
C VAL E 30 14.98 -37.35 2.98
N GLN E 31 15.60 -38.03 3.94
CA GLN E 31 16.04 -39.40 3.73
C GLN E 31 14.85 -40.33 3.49
N LYS E 32 13.77 -40.13 4.25
CA LYS E 32 12.55 -40.91 4.09
C LYS E 32 12.03 -40.86 2.66
N ILE E 33 11.92 -39.64 2.12
CA ILE E 33 11.44 -39.44 0.76
C ILE E 33 12.39 -40.08 -0.26
N ALA E 34 13.69 -39.85 -0.08
CA ALA E 34 14.69 -40.38 -0.99
C ALA E 34 14.69 -41.90 -1.01
N GLU E 35 14.42 -42.52 0.15
CA GLU E 35 14.43 -43.97 0.26
C GLU E 35 13.20 -44.62 -0.36
N LEU E 36 12.21 -43.80 -0.71
CA LEU E 36 11.05 -44.30 -1.45
C LEU E 36 11.46 -44.59 -2.89
N MET E 37 12.53 -43.94 -3.32
CA MET E 37 13.04 -44.09 -4.68
C MET E 37 14.28 -44.98 -4.70
N ASP E 38 14.87 -45.16 -5.87
CA ASP E 38 16.01 -46.06 -6.04
C ASP E 38 17.32 -45.36 -5.75
N ASN E 39 18.27 -46.12 -5.20
CA ASN E 39 19.61 -45.64 -4.92
C ASN E 39 19.66 -44.27 -4.22
N PRO E 40 19.08 -44.18 -3.02
CA PRO E 40 19.14 -42.90 -2.30
C PRO E 40 20.56 -42.59 -1.87
N VAL E 41 20.99 -41.36 -2.08
CA VAL E 41 22.35 -40.95 -1.75
C VAL E 41 22.36 -39.61 -1.02
N PHE E 42 22.90 -39.62 0.19
CA PHE E 42 23.10 -38.40 0.97
C PHE E 42 24.11 -37.50 0.29
N LEU E 43 23.73 -36.25 0.01
CA LEU E 43 24.64 -35.32 -0.64
C LEU E 43 25.25 -34.34 0.35
N ALA E 44 24.40 -33.64 1.09
CA ALA E 44 24.88 -32.67 2.06
C ALA E 44 23.85 -32.34 3.12
N SER E 45 24.32 -31.83 4.24
CA SER E 45 23.45 -31.28 5.27
C SER E 45 24.08 -30.03 5.84
N HIS E 46 23.44 -28.89 5.60
CA HIS E 46 23.89 -27.62 6.14
C HIS E 46 22.67 -26.83 6.53
N ARG E 47 22.69 -26.25 7.73
CA ARG E 47 21.56 -25.47 8.25
C ARG E 47 20.28 -26.29 8.18
N GLU E 48 19.20 -25.70 7.65
CA GLU E 48 17.96 -26.44 7.50
C GLU E 48 17.92 -27.22 6.19
N TYR E 49 19.06 -27.29 5.50
CA TYR E 49 19.11 -27.90 4.19
C TYR E 49 19.78 -29.28 4.18
N THR E 50 18.96 -30.32 4.16
CA THR E 50 19.46 -31.67 3.96
C THR E 50 19.15 -32.09 2.53
N VAL E 51 20.19 -32.45 1.80
CA VAL E 51 20.04 -32.76 0.38
C VAL E 51 20.36 -34.21 0.09
N TYR E 52 19.41 -34.91 -0.51
CA TYR E 52 19.62 -36.29 -0.96
C TYR E 52 19.42 -36.36 -2.46
N ARG E 53 19.97 -37.40 -3.06
CA ARG E 53 19.69 -37.70 -4.45
C ARG E 53 19.14 -39.13 -4.51
N ALA E 54 18.25 -39.37 -5.46
CA ALA E 54 17.72 -40.71 -5.67
C ALA E 54 17.36 -40.86 -7.13
N GLU E 55 16.93 -42.06 -7.50
CA GLU E 55 16.57 -42.32 -8.88
C GLU E 55 15.14 -42.82 -8.99
N LEU E 56 14.40 -42.23 -9.91
CA LEU E 56 13.01 -42.57 -10.13
C LEU E 56 12.81 -42.91 -11.59
N ASP E 57 12.50 -44.18 -11.87
CA ASP E 57 12.40 -44.68 -13.24
C ASP E 57 13.65 -44.36 -14.04
N GLY E 58 14.81 -44.51 -13.41
CA GLY E 58 16.09 -44.30 -14.06
C GLY E 58 16.53 -42.84 -14.11
N GLN E 59 15.68 -41.94 -13.65
CA GLN E 59 16.01 -40.51 -13.68
C GLN E 59 16.36 -39.98 -12.29
N SER E 60 17.40 -39.15 -12.22
CA SER E 60 17.83 -38.58 -10.94
C SER E 60 16.79 -37.60 -10.40
N VAL E 61 16.50 -37.73 -9.11
CA VAL E 61 15.60 -36.83 -8.42
C VAL E 61 16.27 -36.30 -7.16
N VAL E 62 16.17 -34.99 -6.94
CA VAL E 62 16.72 -34.38 -5.75
C VAL E 62 15.66 -34.25 -4.67
N VAL E 63 16.03 -34.58 -3.44
CA VAL E 63 15.20 -34.26 -2.29
C VAL E 63 15.99 -33.29 -1.43
N CYS E 64 15.40 -32.13 -1.15
CA CYS E 64 16.09 -31.09 -0.42
C CYS E 64 15.12 -30.38 0.51
N SER E 65 15.44 -30.37 1.80
CA SER E 65 14.60 -29.67 2.76
C SER E 65 14.76 -28.16 2.57
N THR E 66 13.75 -27.41 2.99
CA THR E 66 13.75 -25.97 2.79
C THR E 66 13.77 -25.23 4.11
N GLY E 67 13.46 -25.94 5.19
CA GLY E 67 13.22 -25.29 6.47
C GLY E 67 11.84 -24.66 6.46
N ILE E 68 11.48 -24.02 7.56
CA ILE E 68 10.20 -23.33 7.66
C ILE E 68 10.29 -21.93 7.09
N GLY E 69 9.37 -21.61 6.19
CA GLY E 69 9.22 -20.24 5.71
C GLY E 69 9.70 -20.01 4.29
N GLY E 70 9.09 -19.03 3.65
CA GLY E 70 9.52 -18.56 2.34
C GLY E 70 10.99 -18.23 2.17
N PRO E 71 11.56 -17.45 3.12
CA PRO E 71 12.98 -17.07 2.99
C PRO E 71 13.95 -18.23 2.82
N SER E 72 13.92 -19.20 3.74
CA SER E 72 14.83 -20.34 3.62
C SER E 72 14.48 -21.18 2.38
N THR E 73 13.20 -21.22 2.04
CA THR E 73 12.75 -21.93 0.84
C THR E 73 13.28 -21.29 -0.43
N SER E 74 13.21 -19.96 -0.50
CA SER E 74 13.65 -19.21 -1.67
C SER E 74 15.12 -19.47 -1.97
N ILE E 75 15.91 -19.66 -0.92
CA ILE E 75 17.32 -19.95 -1.08
C ILE E 75 17.53 -21.32 -1.73
N ALA E 76 16.87 -22.33 -1.17
CA ALA E 76 17.00 -23.69 -1.69
C ALA E 76 16.57 -23.77 -3.15
N VAL E 77 15.43 -23.17 -3.47
CA VAL E 77 14.92 -23.18 -4.83
C VAL E 77 15.90 -22.52 -5.80
N GLU E 78 16.36 -21.32 -5.44
CA GLU E 78 17.33 -20.58 -6.24
C GLU E 78 18.60 -21.37 -6.49
N GLU E 79 19.18 -21.91 -5.44
CA GLU E 79 20.46 -22.62 -5.57
C GLU E 79 20.30 -23.95 -6.29
N LEU E 80 19.16 -24.61 -6.09
CA LEU E 80 18.84 -25.80 -6.87
C LEU E 80 18.64 -25.43 -8.33
N ALA E 81 17.97 -24.31 -8.58
CA ALA E 81 17.76 -23.83 -9.94
C ALA E 81 19.09 -23.53 -10.63
N GLN E 82 20.05 -23.00 -9.88
CA GLN E 82 21.38 -22.73 -10.43
C GLN E 82 22.06 -24.02 -10.86
N LEU E 83 21.71 -25.12 -10.20
CA LEU E 83 22.32 -26.41 -10.49
C LEU E 83 21.51 -27.24 -11.49
N GLY E 84 20.46 -26.64 -12.05
CA GLY E 84 19.73 -27.26 -13.13
C GLY E 84 18.32 -27.74 -12.83
N VAL E 85 17.91 -27.66 -11.56
CA VAL E 85 16.55 -28.07 -11.19
C VAL E 85 15.53 -27.06 -11.74
N ARG E 86 14.50 -27.58 -12.40
CA ARG E 86 13.48 -26.73 -13.02
C ARG E 86 12.09 -27.01 -12.48
N THR E 87 11.94 -28.13 -11.80
CA THR E 87 10.66 -28.54 -11.25
C THR E 87 10.75 -28.79 -9.76
N PHE E 88 9.87 -28.15 -9.00
CA PHE E 88 9.92 -28.22 -7.55
C PHE E 88 8.59 -28.68 -6.97
N LEU E 89 8.62 -29.83 -6.30
CA LEU E 89 7.41 -30.38 -5.71
C LEU E 89 7.44 -30.24 -4.19
N ARG E 90 6.63 -29.32 -3.68
CA ARG E 90 6.52 -29.14 -2.24
C ARG E 90 5.64 -30.22 -1.63
N VAL E 91 6.15 -30.88 -0.60
CA VAL E 91 5.40 -31.89 0.10
C VAL E 91 5.52 -31.63 1.60
N GLY E 92 4.48 -32.02 2.33
CA GLY E 92 4.49 -31.90 3.78
C GLY E 92 3.11 -32.19 4.30
N THR E 93 2.87 -31.82 5.54
CA THR E 93 1.55 -31.97 6.11
C THR E 93 1.05 -30.61 6.57
N THR E 94 -0.25 -30.45 6.68
CA THR E 94 -0.83 -29.14 6.95
C THR E 94 -2.05 -29.21 7.86
N GLY E 95 -2.44 -28.05 8.37
CA GLY E 95 -3.65 -27.92 9.16
C GLY E 95 -4.72 -27.20 8.38
N ALA E 96 -5.82 -27.90 8.11
CA ALA E 96 -6.93 -27.33 7.36
C ALA E 96 -7.75 -26.37 8.21
N ILE E 97 -8.47 -25.46 7.56
CA ILE E 97 -9.35 -24.54 8.27
C ILE E 97 -10.80 -24.68 7.83
N GLN E 98 -11.05 -25.62 6.91
CA GLN E 98 -12.40 -25.91 6.47
C GLN E 98 -12.93 -27.16 7.16
N PRO E 99 -14.16 -27.08 7.69
CA PRO E 99 -14.77 -28.22 8.39
C PRO E 99 -14.94 -29.47 7.52
N HIS E 100 -15.06 -29.29 6.20
CA HIS E 100 -15.26 -30.43 5.31
C HIS E 100 -13.96 -31.14 4.97
N VAL E 101 -12.83 -30.50 5.26
CA VAL E 101 -11.53 -31.10 5.00
C VAL E 101 -11.08 -31.92 6.21
N ASN E 102 -11.00 -33.23 6.03
CA ASN E 102 -10.70 -34.13 7.15
C ASN E 102 -9.23 -34.54 7.21
N VAL E 103 -8.80 -34.95 8.40
CA VAL E 103 -7.46 -35.48 8.58
C VAL E 103 -7.29 -36.72 7.71
N GLY E 104 -6.20 -36.76 6.95
CA GLY E 104 -5.95 -37.85 6.03
C GLY E 104 -6.22 -37.43 4.60
N ASP E 105 -7.00 -36.36 4.42
CA ASP E 105 -7.25 -35.83 3.09
C ASP E 105 -5.98 -35.19 2.54
N MET E 106 -5.96 -35.00 1.23
CA MET E 106 -4.84 -34.34 0.57
C MET E 106 -5.28 -32.99 0.02
N ILE E 107 -4.45 -31.97 0.23
CA ILE E 107 -4.70 -30.66 -0.36
C ILE E 107 -3.67 -30.39 -1.44
N VAL E 108 -4.14 -30.12 -2.64
CA VAL E 108 -3.24 -29.67 -3.71
C VAL E 108 -3.54 -28.20 -4.00
N THR E 109 -2.54 -27.37 -3.80
CA THR E 109 -2.69 -25.92 -3.91
C THR E 109 -2.92 -25.48 -5.34
N THR E 110 -4.01 -24.76 -5.59
CA THR E 110 -4.27 -24.18 -6.90
C THR E 110 -3.84 -22.72 -6.90
N GLY E 111 -3.60 -22.18 -5.72
CA GLY E 111 -3.19 -20.80 -5.57
C GLY E 111 -2.98 -20.49 -4.11
N SER E 112 -2.13 -19.51 -3.83
CA SER E 112 -1.83 -19.18 -2.45
C SER E 112 -2.12 -17.72 -2.12
N VAL E 113 -2.75 -17.50 -0.97
CA VAL E 113 -2.89 -16.16 -0.43
C VAL E 113 -1.51 -15.74 0.04
N ARG E 114 -1.03 -14.61 -0.47
CA ARG E 114 0.34 -14.20 -0.22
C ARG E 114 0.49 -13.42 1.09
N LEU E 115 0.44 -14.12 2.21
CA LEU E 115 0.62 -13.52 3.52
C LEU E 115 2.08 -13.62 3.93
N ASP E 116 2.97 -13.55 2.94
CA ASP E 116 4.40 -13.66 3.17
C ASP E 116 5.10 -12.39 2.73
N GLY E 117 6.43 -12.39 2.78
CA GLY E 117 7.21 -11.26 2.32
C GLY E 117 8.05 -11.61 1.12
N ALA E 118 8.54 -12.86 1.09
CA ALA E 118 9.50 -13.27 0.07
C ALA E 118 8.92 -13.29 -1.35
N SER E 119 7.64 -13.63 -1.49
CA SER E 119 7.00 -13.63 -2.80
C SER E 119 7.14 -12.27 -3.48
N LEU E 120 7.08 -11.21 -2.68
CA LEU E 120 7.20 -9.84 -3.17
C LEU E 120 8.58 -9.52 -3.72
N HIS E 121 9.55 -10.36 -3.41
CA HIS E 121 10.91 -10.16 -3.90
C HIS E 121 11.07 -10.73 -5.30
N PHE E 122 10.01 -11.35 -5.81
CA PHE E 122 10.04 -11.93 -7.15
C PHE E 122 8.98 -11.31 -8.04
N ALA E 123 7.86 -10.93 -7.45
CA ALA E 123 6.76 -10.34 -8.21
C ALA E 123 5.90 -9.47 -7.30
N PRO E 124 5.33 -8.39 -7.86
CA PRO E 124 4.46 -7.52 -7.06
C PRO E 124 3.23 -8.29 -6.59
N MET E 125 2.54 -7.78 -5.58
CA MET E 125 1.46 -8.51 -4.94
C MET E 125 0.34 -8.91 -5.91
N GLU E 126 0.17 -8.14 -6.99
CA GLU E 126 -0.86 -8.42 -7.98
CA GLU E 126 -0.87 -8.42 -7.97
C GLU E 126 -0.64 -9.77 -8.65
N PHE E 127 0.61 -10.22 -8.68
CA PHE E 127 0.95 -11.48 -9.33
C PHE E 127 0.40 -12.65 -8.51
N PRO E 128 -0.22 -13.61 -9.20
CA PRO E 128 -0.83 -14.75 -8.52
C PRO E 128 0.20 -15.81 -8.11
N ALA E 129 0.19 -16.19 -6.83
CA ALA E 129 0.99 -17.31 -6.38
C ALA E 129 0.30 -18.57 -6.88
N VAL E 130 0.62 -18.96 -8.11
CA VAL E 130 -0.04 -20.08 -8.77
CA VAL E 130 -0.04 -20.10 -8.75
C VAL E 130 0.96 -21.19 -9.12
N PRO E 131 0.55 -22.46 -8.93
CA PRO E 131 1.42 -23.57 -9.30
C PRO E 131 1.46 -23.75 -10.82
N ASP E 132 2.48 -24.43 -11.29
CA ASP E 132 2.53 -24.88 -12.68
C ASP E 132 1.38 -25.87 -12.88
N PHE E 133 0.66 -25.73 -13.98
CA PHE E 133 -0.52 -26.56 -14.20
C PHE E 133 -0.21 -28.05 -14.30
N ASP E 134 0.89 -28.40 -14.96
CA ASP E 134 1.31 -29.79 -15.07
C ASP E 134 1.59 -30.37 -13.69
N VAL E 135 2.25 -29.60 -12.83
CA VAL E 135 2.58 -30.06 -11.50
C VAL E 135 1.32 -30.27 -10.65
N ALA E 136 0.41 -29.30 -10.68
CA ALA E 136 -0.84 -29.40 -9.95
C ALA E 136 -1.64 -30.59 -10.46
N THR E 137 -1.65 -30.78 -11.77
CA THR E 137 -2.33 -31.91 -12.38
C THR E 137 -1.72 -33.23 -11.93
N ALA E 138 -0.40 -33.32 -11.96
CA ALA E 138 0.31 -34.52 -11.54
C ALA E 138 0.06 -34.82 -10.07
N MET E 139 0.04 -33.76 -9.25
CA MET E 139 -0.21 -33.91 -7.83
C MET E 139 -1.63 -34.38 -7.55
N LYS E 140 -2.60 -33.79 -8.25
CA LYS E 140 -3.99 -34.18 -8.08
C LYS E 140 -4.16 -35.64 -8.47
N ALA E 141 -3.54 -36.03 -9.59
CA ALA E 141 -3.61 -37.41 -10.07
C ALA E 141 -3.03 -38.38 -9.05
N ALA E 142 -1.82 -38.11 -8.58
CA ALA E 142 -1.16 -38.97 -7.61
C ALA E 142 -1.94 -39.04 -6.31
N ALA E 143 -2.43 -37.88 -5.86
CA ALA E 143 -3.19 -37.81 -4.62
C ALA E 143 -4.50 -38.58 -4.74
N GLN E 144 -5.21 -38.42 -5.85
CA GLN E 144 -6.46 -39.14 -6.05
C GLN E 144 -6.23 -40.65 -6.22
N GLU E 145 -5.16 -41.01 -6.90
CA GLU E 145 -4.83 -42.42 -7.10
C GLU E 145 -4.44 -43.09 -5.79
N SER E 146 -4.02 -42.30 -4.81
CA SER E 146 -3.68 -42.82 -3.50
C SER E 146 -4.95 -43.30 -2.77
N GLY E 147 -6.09 -42.84 -3.24
CA GLY E 147 -7.36 -43.25 -2.67
C GLY E 147 -7.88 -42.26 -1.64
N ALA E 148 -7.06 -41.26 -1.33
CA ALA E 148 -7.45 -40.24 -0.38
C ALA E 148 -8.41 -39.25 -1.01
N THR E 149 -9.19 -38.58 -0.18
CA THR E 149 -10.04 -37.50 -0.66
C THR E 149 -9.15 -36.28 -0.91
N VAL E 150 -9.27 -35.73 -2.11
CA VAL E 150 -8.37 -34.67 -2.53
C VAL E 150 -9.11 -33.34 -2.69
N HIS E 151 -8.52 -32.29 -2.15
CA HIS E 151 -9.08 -30.95 -2.26
C HIS E 151 -8.17 -30.08 -3.10
N MET E 152 -8.70 -29.56 -4.19
CA MET E 152 -7.99 -28.58 -5.00
C MET E 152 -8.49 -27.22 -4.58
N GLY E 153 -7.61 -26.37 -4.08
CA GLY E 153 -8.05 -25.05 -3.66
C GLY E 153 -6.96 -24.12 -3.17
N VAL E 154 -7.41 -22.97 -2.67
CA VAL E 154 -6.52 -21.91 -2.26
C VAL E 154 -5.97 -22.17 -0.87
N THR E 155 -4.67 -21.94 -0.71
CA THR E 155 -4.03 -22.09 0.59
CA THR E 155 -3.99 -22.10 0.56
C THR E 155 -3.52 -20.74 1.08
N ALA E 156 -3.71 -20.47 2.36
CA ALA E 156 -3.23 -19.23 2.95
C ALA E 156 -1.79 -19.42 3.41
N SER E 157 -0.87 -18.66 2.84
CA SER E 157 0.55 -18.87 3.09
C SER E 157 1.13 -17.76 3.95
N SER E 158 1.32 -18.06 5.23
CA SER E 158 1.65 -17.05 6.24
C SER E 158 3.13 -17.03 6.59
N ASP E 159 3.68 -15.84 6.80
CA ASP E 159 5.06 -15.69 7.22
C ASP E 159 5.24 -15.99 8.71
N THR E 160 4.13 -16.23 9.41
CA THR E 160 4.23 -16.64 10.81
C THR E 160 3.34 -17.85 11.08
N PHE E 161 3.68 -18.57 12.13
CA PHE E 161 2.89 -19.71 12.56
C PHE E 161 1.79 -19.25 13.49
N TYR E 162 2.04 -18.16 14.22
CA TYR E 162 1.10 -17.75 15.27
C TYR E 162 0.13 -16.61 14.89
N PRO E 163 0.61 -15.35 14.81
CA PRO E 163 -0.41 -14.32 14.57
C PRO E 163 -0.96 -14.34 13.14
N GLY E 164 -0.13 -14.72 12.18
CA GLY E 164 -0.54 -14.79 10.79
C GLY E 164 -1.53 -15.90 10.51
N GLN E 165 -1.63 -16.83 11.46
CA GLN E 165 -2.62 -17.90 11.37
C GLN E 165 -3.68 -17.67 12.44
N GLU E 166 -3.74 -16.42 12.89
CA GLU E 166 -4.64 -15.98 13.96
C GLU E 166 -4.72 -16.93 15.15
N ARG E 167 -3.56 -17.25 15.73
CA ARG E 167 -3.52 -17.99 16.97
C ARG E 167 -3.41 -17.00 18.12
N TYR E 168 -4.26 -17.18 19.14
CA TYR E 168 -4.27 -16.28 20.28
C TYR E 168 -3.65 -16.91 21.52
N ASP E 169 -3.44 -18.22 21.47
CA ASP E 169 -2.83 -18.94 22.59
C ASP E 169 -1.32 -18.73 22.60
N THR E 170 -0.92 -17.46 22.72
CA THR E 170 0.48 -17.09 22.58
C THR E 170 0.99 -16.32 23.79
N PHE E 171 2.24 -15.91 23.73
CA PHE E 171 2.87 -15.14 24.80
C PHE E 171 2.13 -13.83 25.08
N THR E 172 1.82 -13.08 24.02
CA THR E 172 1.12 -11.81 24.19
C THR E 172 -0.40 -12.01 24.10
N GLY E 173 -0.81 -13.06 23.41
CA GLY E 173 -2.22 -13.32 23.22
C GLY E 173 -2.88 -12.33 22.28
N ARG E 174 -2.07 -11.54 21.58
CA ARG E 174 -2.55 -10.50 20.65
CA ARG E 174 -2.66 -10.61 20.64
C ARG E 174 -2.26 -10.86 19.20
N VAL E 175 -3.04 -10.30 18.30
CA VAL E 175 -2.85 -10.47 16.86
C VAL E 175 -3.06 -9.09 16.26
N VAL E 176 -2.17 -8.68 15.36
CA VAL E 176 -2.30 -7.36 14.74
C VAL E 176 -3.63 -7.20 14.05
N ARG E 177 -4.06 -5.94 13.98
CA ARG E 177 -5.26 -5.52 13.26
C ARG E 177 -5.45 -6.29 11.97
N ARG E 178 -4.39 -6.35 11.17
CA ARG E 178 -4.42 -7.00 9.85
C ARG E 178 -4.94 -8.44 9.90
N PHE E 179 -4.57 -9.17 10.94
CA PHE E 179 -4.92 -10.58 11.02
C PHE E 179 -6.03 -10.91 12.01
N GLN E 180 -6.59 -9.89 12.66
CA GLN E 180 -7.75 -10.09 13.51
C GLN E 180 -8.95 -10.48 12.65
N GLY E 181 -9.57 -11.61 12.99
CA GLY E 181 -10.71 -12.11 12.24
C GLY E 181 -10.32 -12.65 10.87
N SER E 182 -9.03 -12.85 10.64
CA SER E 182 -8.56 -13.27 9.32
C SER E 182 -8.87 -14.72 8.98
N MET E 183 -8.80 -15.61 9.97
CA MET E 183 -9.09 -17.02 9.68
C MET E 183 -10.52 -17.20 9.20
N LYS E 184 -11.47 -16.52 9.85
CA LYS E 184 -12.87 -16.59 9.45
C LYS E 184 -13.05 -16.00 8.05
N GLU E 185 -12.29 -14.96 7.76
CA GLU E 185 -12.32 -14.35 6.42
C GLU E 185 -11.85 -15.36 5.37
N TRP E 186 -10.72 -16.00 5.62
CA TRP E 186 -10.21 -17.01 4.70
C TRP E 186 -11.17 -18.19 4.57
N GLN E 187 -11.72 -18.63 5.70
CA GLN E 187 -12.69 -19.72 5.70
C GLN E 187 -13.87 -19.39 4.80
N ASP E 188 -14.43 -18.20 4.97
CA ASP E 188 -15.58 -17.77 4.19
C ASP E 188 -15.24 -17.63 2.70
N MET E 189 -13.96 -17.40 2.41
CA MET E 189 -13.49 -17.28 1.03
C MET E 189 -13.12 -18.63 0.45
N GLY E 190 -13.29 -19.69 1.23
CA GLY E 190 -13.05 -21.04 0.76
C GLY E 190 -11.60 -21.49 0.85
N VAL E 191 -10.77 -20.74 1.57
CA VAL E 191 -9.38 -21.13 1.78
C VAL E 191 -9.34 -22.44 2.57
N LEU E 192 -8.53 -23.38 2.08
CA LEU E 192 -8.50 -24.73 2.66
C LEU E 192 -7.65 -24.86 3.91
N ASN E 193 -6.48 -24.22 3.91
CA ASN E 193 -5.52 -24.40 5.00
C ASN E 193 -4.52 -23.27 5.12
N PHE E 194 -3.81 -23.25 6.25
CA PHE E 194 -2.66 -22.39 6.43
C PHE E 194 -1.39 -23.20 6.20
N GLU E 195 -0.38 -22.55 5.62
CA GLU E 195 0.99 -23.03 5.72
C GLU E 195 1.94 -21.84 5.52
N MET E 196 3.23 -22.10 5.37
CA MET E 196 4.20 -21.01 5.49
C MET E 196 5.24 -20.92 4.38
N GLU E 197 5.03 -21.60 3.26
CA GLU E 197 6.03 -21.64 2.21
C GLU E 197 5.50 -21.45 0.80
N SER E 198 4.22 -21.76 0.59
CA SER E 198 3.68 -21.88 -0.77
C SER E 198 3.63 -20.58 -1.57
N ALA E 199 3.26 -19.46 -0.93
CA ALA E 199 3.18 -18.19 -1.64
C ALA E 199 4.54 -17.83 -2.22
N THR E 200 5.58 -17.98 -1.41
CA THR E 200 6.93 -17.71 -1.86
C THR E 200 7.32 -18.67 -2.98
N LEU E 201 7.17 -19.96 -2.72
CA LEU E 201 7.55 -21.00 -3.68
C LEU E 201 6.85 -20.80 -5.02
N LEU E 202 5.53 -20.69 -4.98
CA LEU E 202 4.75 -20.58 -6.21
C LEU E 202 4.99 -19.29 -6.98
N THR E 203 5.11 -18.18 -6.26
CA THR E 203 5.34 -16.88 -6.92
C THR E 203 6.73 -16.83 -7.52
N MET E 204 7.72 -17.28 -6.73
CA MET E 204 9.10 -17.32 -7.18
C MET E 204 9.24 -18.15 -8.45
N CYS E 205 8.64 -19.34 -8.46
CA CYS E 205 8.78 -20.23 -9.59
C CYS E 205 7.99 -19.76 -10.81
N ALA E 206 6.74 -19.36 -10.60
CA ALA E 206 5.90 -18.88 -11.68
C ALA E 206 6.51 -17.66 -12.37
N SER E 207 7.23 -16.83 -11.62
CA SER E 207 7.81 -15.62 -12.18
C SER E 207 9.23 -15.84 -12.69
N SER E 208 9.74 -17.06 -12.55
CA SER E 208 11.13 -17.35 -12.91
C SER E 208 11.31 -18.52 -13.86
N GLY E 209 10.23 -18.92 -14.52
CA GLY E 209 10.30 -20.02 -15.49
C GLY E 209 10.60 -21.35 -14.83
N LEU E 210 10.17 -21.51 -13.59
CA LEU E 210 10.28 -22.78 -12.89
C LEU E 210 8.89 -23.37 -12.69
N LYS E 211 8.81 -24.69 -12.65
CA LYS E 211 7.54 -25.37 -12.41
C LYS E 211 7.44 -25.78 -10.95
N ALA E 212 6.38 -25.34 -10.28
CA ALA E 212 6.21 -25.68 -8.87
C ALA E 212 4.77 -26.02 -8.52
N GLY E 213 4.61 -26.70 -7.40
CA GLY E 213 3.30 -27.06 -6.90
C GLY E 213 3.45 -27.53 -5.48
N CYS E 214 2.34 -27.55 -4.75
CA CYS E 214 2.34 -27.94 -3.36
CA CYS E 214 2.34 -27.93 -3.35
C CYS E 214 1.28 -28.98 -3.08
N VAL E 215 1.68 -30.06 -2.44
CA VAL E 215 0.75 -31.09 -2.01
C VAL E 215 0.99 -31.33 -0.53
N ALA E 216 -0.10 -31.44 0.23
CA ALA E 216 0.03 -31.63 1.66
C ALA E 216 -1.02 -32.61 2.18
N GLY E 217 -0.61 -33.44 3.13
CA GLY E 217 -1.55 -34.28 3.84
C GLY E 217 -2.11 -33.51 5.01
N VAL E 218 -3.40 -33.67 5.28
CA VAL E 218 -4.01 -32.97 6.41
C VAL E 218 -3.85 -33.81 7.68
N ILE E 219 -3.19 -33.25 8.67
CA ILE E 219 -2.96 -33.96 9.93
C ILE E 219 -3.68 -33.31 11.11
N ILE E 220 -4.27 -32.15 10.88
CA ILE E 220 -5.05 -31.47 11.90
C ILE E 220 -6.02 -30.49 11.26
N ASN E 221 -7.13 -30.23 11.93
CA ASN E 221 -8.10 -29.26 11.45
C ASN E 221 -8.42 -28.26 12.56
N ARG E 222 -8.20 -26.98 12.26
CA ARG E 222 -8.42 -25.90 13.23
C ARG E 222 -9.84 -25.87 13.76
N THR E 223 -10.79 -26.39 12.98
CA THR E 223 -12.20 -26.36 13.36
C THR E 223 -12.65 -27.64 14.05
N GLN E 224 -11.75 -28.61 14.16
CA GLN E 224 -12.07 -29.88 14.79
C GLN E 224 -11.31 -30.03 16.12
N LYS E 225 -11.95 -30.67 17.09
CA LYS E 225 -11.36 -30.81 18.41
C LYS E 225 -10.75 -32.19 18.64
N GLU E 226 -11.14 -33.15 17.80
CA GLU E 226 -10.61 -34.51 17.91
C GLU E 226 -9.12 -34.56 17.56
N ILE E 227 -8.36 -35.25 18.39
CA ILE E 227 -6.95 -35.50 18.11
C ILE E 227 -6.82 -36.80 17.35
N PRO E 228 -6.27 -36.75 16.12
CA PRO E 228 -6.07 -37.96 15.32
C PRO E 228 -5.11 -38.92 16.02
N ASP E 229 -5.37 -40.22 15.91
CA ASP E 229 -4.53 -41.21 16.57
C ASP E 229 -3.18 -41.35 15.86
N HIS E 230 -2.24 -42.00 16.53
CA HIS E 230 -0.87 -42.15 16.02
C HIS E 230 -0.83 -42.83 14.66
N ALA E 231 -1.64 -43.88 14.50
CA ALA E 231 -1.68 -44.62 13.25
C ALA E 231 -2.15 -43.75 12.09
N THR E 232 -3.22 -43.00 12.32
CA THR E 232 -3.78 -42.11 11.31
C THR E 232 -2.76 -41.05 10.88
N LEU E 233 -2.07 -40.47 11.85
CA LEU E 233 -1.05 -39.48 11.58
C LEU E 233 0.09 -40.07 10.76
N LYS E 234 0.53 -41.27 11.16
CA LYS E 234 1.59 -41.96 10.45
C LYS E 234 1.20 -42.27 9.01
N GLU E 235 -0.03 -42.74 8.83
CA GLU E 235 -0.54 -43.04 7.49
C GLU E 235 -0.59 -41.81 6.62
N THR E 236 -1.00 -40.70 7.20
CA THR E 236 -1.13 -39.44 6.47
C THR E 236 0.25 -38.91 6.05
N GLU E 237 1.20 -38.97 6.96
CA GLU E 237 2.58 -38.58 6.66
C GLU E 237 3.12 -39.45 5.52
N ALA E 238 2.98 -40.76 5.68
CA ALA E 238 3.45 -41.72 4.69
C ALA E 238 2.79 -41.51 3.34
N ARG E 239 1.48 -41.29 3.36
CA ARG E 239 0.75 -41.11 2.11
C ARG E 239 1.20 -39.84 1.39
N SER E 240 1.48 -38.79 2.15
CA SER E 240 1.87 -37.50 1.57
C SER E 240 3.16 -37.63 0.75
N ILE E 241 4.15 -38.33 1.30
CA ILE E 241 5.41 -38.49 0.58
C ILE E 241 5.31 -39.53 -0.54
N LYS E 242 4.45 -40.52 -0.36
CA LYS E 242 4.19 -41.47 -1.45
C LYS E 242 3.58 -40.74 -2.63
N VAL E 243 2.64 -39.84 -2.33
CA VAL E 243 1.97 -39.06 -3.34
C VAL E 243 2.91 -38.14 -4.11
N VAL E 244 3.80 -37.45 -3.39
CA VAL E 244 4.69 -36.51 -4.06
C VAL E 244 5.69 -37.22 -4.97
N VAL E 245 6.09 -38.43 -4.58
CA VAL E 245 7.00 -39.22 -5.40
C VAL E 245 6.28 -39.71 -6.65
N GLU E 246 5.03 -40.11 -6.48
CA GLU E 246 4.22 -40.53 -7.61
C GLU E 246 3.93 -39.34 -8.53
N ALA E 247 3.79 -38.16 -7.94
CA ALA E 247 3.60 -36.94 -8.73
C ALA E 247 4.86 -36.64 -9.52
N ALA E 248 6.01 -36.88 -8.88
CA ALA E 248 7.29 -36.72 -9.57
C ALA E 248 7.37 -37.67 -10.75
N ARG E 249 6.97 -38.92 -10.53
CA ARG E 249 6.95 -39.92 -11.59
C ARG E 249 6.15 -39.47 -12.80
N LYS E 250 5.00 -38.84 -12.54
CA LYS E 250 4.15 -38.33 -13.61
C LYS E 250 4.78 -37.13 -14.30
N MET E 251 5.58 -36.37 -13.56
CA MET E 251 6.25 -35.19 -14.11
C MET E 251 7.46 -35.57 -14.97
N LEU E 252 8.11 -36.68 -14.63
CA LEU E 252 9.29 -37.11 -15.36
C LEU E 252 8.95 -37.46 -16.81
N LYS E 253 9.76 -36.97 -17.74
CA LYS E 253 9.51 -37.18 -19.16
C LYS E 253 10.61 -38.02 -19.79
N LYS F 3 3.63 -28.04 29.91
CA LYS F 3 3.45 -27.50 28.56
C LYS F 3 4.73 -27.58 27.74
N THR F 4 4.64 -28.26 26.60
CA THR F 4 5.76 -28.37 25.67
C THR F 4 5.47 -27.60 24.39
N VAL F 5 6.33 -26.66 24.05
CA VAL F 5 6.12 -25.83 22.87
C VAL F 5 6.21 -26.64 21.59
N PHE F 6 5.38 -26.28 20.62
CA PHE F 6 5.16 -27.09 19.42
C PHE F 6 6.42 -27.42 18.63
N HIS F 7 7.22 -26.39 18.32
CA HIS F 7 8.36 -26.58 17.43
C HIS F 7 9.67 -26.86 18.18
N LEU F 8 9.93 -26.12 19.24
CA LEU F 8 11.21 -26.22 19.94
C LEU F 8 11.33 -27.52 20.74
N GLY F 9 10.20 -28.07 21.14
CA GLY F 9 10.17 -29.35 21.83
C GLY F 9 10.78 -29.30 23.22
N VAL F 10 10.66 -28.14 23.88
CA VAL F 10 11.18 -27.99 25.23
C VAL F 10 10.12 -27.44 26.17
N THR F 11 10.35 -27.61 27.47
CA THR F 11 9.43 -27.11 28.49
C THR F 11 10.10 -25.96 29.22
N GLU F 12 9.33 -25.23 30.02
CA GLU F 12 9.87 -24.13 30.79
C GLU F 12 10.88 -24.65 31.82
N ALA F 13 10.65 -25.86 32.31
CA ALA F 13 11.55 -26.50 33.26
C ALA F 13 12.89 -26.83 32.62
N ASP F 14 12.87 -27.17 31.33
CA ASP F 14 14.09 -27.44 30.59
C ASP F 14 15.01 -26.22 30.54
N LEU F 15 14.43 -25.04 30.61
CA LEU F 15 15.19 -23.80 30.47
C LEU F 15 15.82 -23.36 31.79
N ASN F 16 15.39 -23.97 32.88
CA ASN F 16 16.00 -23.74 34.19
C ASN F 16 16.05 -22.27 34.58
N GLY F 17 14.96 -21.55 34.32
CA GLY F 17 14.84 -20.16 34.72
C GLY F 17 15.47 -19.15 33.77
N ALA F 18 15.89 -19.61 32.60
CA ALA F 18 16.53 -18.72 31.63
C ALA F 18 15.55 -17.67 31.12
N THR F 19 15.96 -16.40 31.17
CA THR F 19 15.14 -15.33 30.64
C THR F 19 15.82 -14.65 29.47
N LEU F 20 16.99 -15.17 29.09
CA LEU F 20 17.73 -14.65 27.96
C LEU F 20 18.06 -15.78 27.00
N ALA F 21 17.91 -15.50 25.71
CA ALA F 21 18.26 -16.47 24.69
C ALA F 21 19.23 -15.88 23.69
N ILE F 22 20.25 -16.67 23.34
CA ILE F 22 21.11 -16.32 22.22
C ILE F 22 20.60 -17.11 21.02
N ILE F 23 20.26 -16.41 19.95
CA ILE F 23 19.61 -17.02 18.82
C ILE F 23 20.39 -16.85 17.52
N PRO F 24 21.27 -17.82 17.20
CA PRO F 24 21.96 -17.83 15.91
C PRO F 24 21.01 -18.38 14.85
N GLY F 25 21.32 -18.17 13.59
CA GLY F 25 20.50 -18.73 12.53
C GLY F 25 20.91 -20.16 12.22
N ASP F 26 22.20 -20.42 12.30
CA ASP F 26 22.77 -21.72 11.96
C ASP F 26 22.70 -22.65 13.17
N PRO F 27 22.04 -23.80 13.02
CA PRO F 27 21.92 -24.79 14.09
C PRO F 27 23.28 -25.27 14.60
N ALA F 28 24.27 -25.30 13.72
CA ALA F 28 25.61 -25.75 14.09
C ALA F 28 26.33 -24.77 15.01
N ARG F 29 25.84 -23.54 15.06
CA ARG F 29 26.47 -22.50 15.86
C ARG F 29 26.02 -22.55 17.32
N VAL F 30 24.92 -23.27 17.56
CA VAL F 30 24.31 -23.33 18.89
C VAL F 30 25.24 -23.94 19.93
N GLN F 31 25.77 -25.12 19.63
CA GLN F 31 26.68 -25.79 20.55
C GLN F 31 27.96 -24.96 20.73
N LYS F 32 28.42 -24.36 19.64
CA LYS F 32 29.65 -23.56 19.68
C LYS F 32 29.49 -22.36 20.61
N ILE F 33 28.29 -21.78 20.64
CA ILE F 33 28.00 -20.68 21.55
C ILE F 33 27.87 -21.19 22.97
N ALA F 34 27.14 -22.30 23.13
CA ALA F 34 26.85 -22.86 24.44
C ALA F 34 28.12 -23.24 25.19
N GLU F 35 29.10 -23.78 24.48
CA GLU F 35 30.33 -24.24 25.10
C GLU F 35 31.24 -23.09 25.56
N LEU F 36 30.91 -21.87 25.16
CA LEU F 36 31.60 -20.69 25.67
C LEU F 36 31.06 -20.34 27.05
N MET F 37 29.99 -21.01 27.44
CA MET F 37 29.37 -20.79 28.75
C MET F 37 29.50 -22.03 29.63
N ASP F 38 28.97 -21.95 30.85
CA ASP F 38 29.15 -23.00 31.83
C ASP F 38 28.04 -24.07 31.76
N ASN F 39 28.45 -25.32 31.99
CA ASN F 39 27.53 -26.46 32.00
C ASN F 39 26.55 -26.51 30.83
N PRO F 40 27.06 -26.49 29.59
CA PRO F 40 26.15 -26.52 28.45
C PRO F 40 25.44 -27.87 28.36
N VAL F 41 24.15 -27.84 28.07
CA VAL F 41 23.37 -29.07 27.95
C VAL F 41 22.49 -29.02 26.71
N PHE F 42 22.58 -30.06 25.89
CA PHE F 42 21.69 -30.20 24.74
C PHE F 42 20.27 -30.43 25.24
N LEU F 43 19.32 -29.66 24.73
CA LEU F 43 17.93 -29.81 25.13
C LEU F 43 17.11 -30.52 24.06
N ALA F 44 17.15 -30.02 22.84
CA ALA F 44 16.35 -30.58 21.76
C ALA F 44 16.88 -30.16 20.40
N SER F 45 16.57 -30.96 19.39
CA SER F 45 16.86 -30.60 18.01
C SER F 45 15.74 -31.07 17.10
N HIS F 46 14.98 -30.12 16.58
CA HIS F 46 13.85 -30.42 15.71
C HIS F 46 13.88 -29.42 14.57
N ARG F 47 13.89 -29.93 13.33
CA ARG F 47 13.97 -29.08 12.15
C ARG F 47 15.18 -28.15 12.26
N GLU F 48 15.00 -26.87 11.97
CA GLU F 48 16.11 -25.92 12.09
C GLU F 48 16.31 -25.42 13.52
N TYR F 49 15.64 -26.05 14.47
CA TYR F 49 15.70 -25.61 15.85
C TYR F 49 16.53 -26.52 16.75
N THR F 50 17.79 -26.14 16.95
CA THR F 50 18.65 -26.81 17.91
C THR F 50 18.71 -25.97 19.18
N VAL F 51 18.39 -26.58 20.31
CA VAL F 51 18.29 -25.86 21.56
C VAL F 51 19.26 -26.39 22.61
N TYR F 52 20.14 -25.51 23.08
CA TYR F 52 21.02 -25.83 24.19
C TYR F 52 20.67 -24.93 25.36
N ARG F 53 21.00 -25.40 26.56
CA ARG F 53 20.94 -24.54 27.74
C ARG F 53 22.35 -24.46 28.31
N ALA F 54 22.71 -23.29 28.83
CA ALA F 54 24.00 -23.12 29.45
C ALA F 54 23.89 -22.14 30.60
N GLU F 55 25.01 -21.90 31.28
CA GLU F 55 25.02 -21.01 32.42
C GLU F 55 26.08 -19.93 32.25
N LEU F 56 25.70 -18.70 32.55
CA LEU F 56 26.57 -17.55 32.40
C LEU F 56 26.52 -16.74 33.69
N ASP F 57 27.65 -16.71 34.39
CA ASP F 57 27.73 -16.06 35.71
C ASP F 57 26.63 -16.53 36.65
N GLY F 58 26.33 -17.81 36.62
CA GLY F 58 25.35 -18.41 37.51
C GLY F 58 23.92 -18.38 37.01
N GLN F 59 23.71 -17.72 35.88
CA GLN F 59 22.35 -17.61 35.33
C GLN F 59 22.16 -18.46 34.08
N SER F 60 21.00 -19.10 33.98
CA SER F 60 20.69 -19.93 32.82
C SER F 60 20.51 -19.10 31.58
N VAL F 61 21.07 -19.58 30.47
CA VAL F 61 20.93 -18.94 29.18
C VAL F 61 20.57 -19.99 28.15
N VAL F 62 19.56 -19.70 27.33
CA VAL F 62 19.18 -20.60 26.26
C VAL F 62 19.91 -20.23 24.98
N VAL F 63 20.41 -21.23 24.26
CA VAL F 63 20.89 -21.02 22.91
C VAL F 63 19.99 -21.82 21.98
N CYS F 64 19.41 -21.15 21.00
CA CYS F 64 18.42 -21.76 20.13
C CYS F 64 18.55 -21.19 18.71
N SER F 65 18.81 -22.06 17.75
CA SER F 65 18.88 -21.62 16.36
C SER F 65 17.49 -21.23 15.87
N THR F 66 17.47 -20.32 14.90
CA THR F 66 16.22 -19.80 14.37
C THR F 66 15.99 -20.28 12.96
N GLY F 67 17.03 -20.86 12.35
CA GLY F 67 17.01 -21.15 10.93
C GLY F 67 17.16 -19.85 10.18
N ILE F 68 17.02 -19.91 8.86
CA ILE F 68 17.08 -18.72 8.04
C ILE F 68 15.68 -18.15 7.83
N GLY F 69 15.52 -16.85 8.08
CA GLY F 69 14.31 -16.16 7.72
C GLY F 69 13.43 -15.75 8.88
N GLY F 70 12.70 -14.66 8.68
CA GLY F 70 11.72 -14.18 9.63
C GLY F 70 10.71 -15.22 10.12
N PRO F 71 10.14 -16.02 9.21
CA PRO F 71 9.19 -17.04 9.64
C PRO F 71 9.71 -18.01 10.69
N SER F 72 10.81 -18.70 10.41
CA SER F 72 11.33 -19.67 11.37
C SER F 72 11.86 -18.98 12.63
N THR F 73 12.33 -17.74 12.47
CA THR F 73 12.77 -16.95 13.62
C THR F 73 11.60 -16.63 14.54
N SER F 74 10.51 -16.13 13.97
CA SER F 74 9.33 -15.72 14.75
C SER F 74 8.76 -16.87 15.58
N ILE F 75 8.86 -18.08 15.04
CA ILE F 75 8.42 -19.26 15.76
C ILE F 75 9.29 -19.49 16.99
N ALA F 76 10.61 -19.42 16.80
CA ALA F 76 11.54 -19.65 17.88
C ALA F 76 11.37 -18.67 19.04
N VAL F 77 11.28 -17.37 18.73
CA VAL F 77 11.17 -16.38 19.79
CA VAL F 77 11.13 -16.32 19.73
C VAL F 77 9.82 -16.45 20.51
N GLU F 78 8.74 -16.67 19.77
CA GLU F 78 7.42 -16.82 20.39
C GLU F 78 7.41 -17.96 21.40
N GLU F 79 7.92 -19.12 20.98
CA GLU F 79 7.91 -20.30 21.84
C GLU F 79 8.86 -20.17 23.03
N LEU F 80 9.99 -19.50 22.81
CA LEU F 80 10.90 -19.21 23.92
C LEU F 80 10.25 -18.21 24.88
N ALA F 81 9.52 -17.26 24.32
CA ALA F 81 8.80 -16.27 25.12
C ALA F 81 7.72 -16.93 25.98
N GLN F 82 7.02 -17.90 25.40
CA GLN F 82 6.01 -18.66 26.13
C GLN F 82 6.64 -19.37 27.32
N LEU F 83 7.91 -19.71 27.19
CA LEU F 83 8.62 -20.42 28.25
C LEU F 83 9.43 -19.48 29.14
N GLY F 84 9.17 -18.18 29.03
CA GLY F 84 9.73 -17.22 29.96
C GLY F 84 10.91 -16.39 29.49
N VAL F 85 11.39 -16.64 28.28
CA VAL F 85 12.50 -15.86 27.74
C VAL F 85 12.00 -14.46 27.37
N ARG F 86 12.76 -13.44 27.78
CA ARG F 86 12.36 -12.05 27.59
C ARG F 86 13.36 -11.27 26.77
N THR F 87 14.60 -11.78 26.72
CA THR F 87 15.66 -11.10 26.00
C THR F 87 16.26 -12.01 24.93
N PHE F 88 16.41 -11.48 23.73
CA PHE F 88 16.86 -12.28 22.59
C PHE F 88 18.03 -11.62 21.89
N LEU F 89 19.17 -12.31 21.86
CA LEU F 89 20.35 -11.79 21.19
CA LEU F 89 20.35 -11.79 21.19
C LEU F 89 20.63 -12.59 19.93
N ARG F 90 20.28 -12.03 18.79
CA ARG F 90 20.61 -12.68 17.53
C ARG F 90 22.10 -12.48 17.25
N VAL F 91 22.78 -13.58 16.95
CA VAL F 91 24.12 -13.50 16.41
C VAL F 91 24.10 -14.14 15.03
N GLY F 92 24.44 -13.36 14.02
CA GLY F 92 24.30 -13.84 12.66
C GLY F 92 25.47 -13.55 11.75
N THR F 93 25.28 -13.85 10.47
CA THR F 93 26.22 -13.49 9.44
C THR F 93 25.55 -12.43 8.58
N THR F 94 26.34 -11.55 8.00
CA THR F 94 25.79 -10.43 7.25
C THR F 94 26.70 -10.00 6.12
N GLY F 95 26.12 -9.31 5.14
CA GLY F 95 26.90 -8.75 4.05
C GLY F 95 26.90 -7.24 4.14
N ALA F 96 28.09 -6.65 4.19
CA ALA F 96 28.22 -5.20 4.25
C ALA F 96 27.94 -4.57 2.90
N ILE F 97 27.29 -3.41 2.91
CA ILE F 97 27.03 -2.69 1.66
C ILE F 97 27.70 -1.32 1.68
N GLN F 98 28.50 -1.07 2.70
CA GLN F 98 29.36 0.10 2.75
C GLN F 98 30.81 -0.35 2.54
N PRO F 99 31.54 0.34 1.67
CA PRO F 99 32.89 -0.08 1.25
C PRO F 99 33.90 -0.12 2.39
N HIS F 100 33.74 0.74 3.39
CA HIS F 100 34.73 0.85 4.46
C HIS F 100 34.63 -0.30 5.48
N VAL F 101 33.50 -1.01 5.46
CA VAL F 101 33.34 -2.16 6.34
C VAL F 101 34.16 -3.34 5.82
N ASN F 102 34.90 -3.97 6.71
CA ASN F 102 35.75 -5.09 6.34
C ASN F 102 35.14 -6.44 6.72
N VAL F 103 35.48 -7.48 5.97
CA VAL F 103 35.11 -8.82 6.35
C VAL F 103 35.73 -9.10 7.72
N GLY F 104 34.94 -9.66 8.63
CA GLY F 104 35.41 -9.94 9.97
C GLY F 104 34.94 -8.90 10.97
N ASP F 105 34.47 -7.76 10.46
CA ASP F 105 33.90 -6.73 11.31
C ASP F 105 32.58 -7.19 11.91
N MET F 106 32.15 -6.51 12.97
CA MET F 106 30.85 -6.78 13.57
C MET F 106 29.93 -5.61 13.29
N ILE F 107 28.66 -5.91 13.06
CA ILE F 107 27.67 -4.86 12.89
C ILE F 107 26.52 -5.06 13.88
N VAL F 108 26.29 -4.04 14.72
CA VAL F 108 25.16 -4.06 15.62
C VAL F 108 24.06 -3.20 15.01
N THR F 109 22.90 -3.81 14.82
CA THR F 109 21.77 -3.14 14.20
C THR F 109 21.14 -2.14 15.16
N THR F 110 20.99 -0.89 14.72
CA THR F 110 20.31 0.13 15.50
C THR F 110 18.88 0.27 15.03
N GLY F 111 18.61 -0.28 13.86
CA GLY F 111 17.28 -0.27 13.27
C GLY F 111 17.31 -1.06 11.98
N SER F 112 16.20 -1.70 11.64
CA SER F 112 16.18 -2.53 10.44
C SER F 112 15.23 -2.00 9.37
N VAL F 113 15.70 -1.98 8.13
CA VAL F 113 14.81 -1.75 7.00
C VAL F 113 13.97 -3.00 6.85
N ARG F 114 12.66 -2.85 6.90
CA ARG F 114 11.76 -4.01 6.95
C ARG F 114 11.43 -4.53 5.55
N LEU F 115 12.36 -5.29 4.98
CA LEU F 115 12.16 -5.90 3.69
C LEU F 115 11.71 -7.34 3.88
N ASP F 116 11.00 -7.57 4.99
CA ASP F 116 10.50 -8.89 5.33
C ASP F 116 8.98 -8.87 5.37
N GLY F 117 8.37 -10.02 5.61
CA GLY F 117 6.92 -10.10 5.71
C GLY F 117 6.46 -10.39 7.13
N ALA F 118 7.29 -11.12 7.88
CA ALA F 118 6.91 -11.56 9.22
C ALA F 118 6.74 -10.41 10.21
N SER F 119 7.51 -9.35 10.03
CA SER F 119 7.40 -8.18 10.91
C SER F 119 5.98 -7.60 10.85
N LEU F 120 5.38 -7.68 9.66
CA LEU F 120 4.02 -7.17 9.44
C LEU F 120 2.96 -7.97 10.20
N HIS F 121 3.35 -9.14 10.69
CA HIS F 121 2.42 -9.98 11.45
C HIS F 121 2.42 -9.60 12.93
N PHE F 122 3.28 -8.65 13.30
CA PHE F 122 3.38 -8.19 14.68
C PHE F 122 3.13 -6.70 14.81
N ALA F 123 3.42 -5.96 13.75
CA ALA F 123 3.18 -4.52 13.74
C ALA F 123 3.10 -4.01 12.31
N PRO F 124 2.27 -2.98 12.09
CA PRO F 124 2.18 -2.39 10.75
C PRO F 124 3.53 -1.80 10.34
N MET F 125 3.72 -1.56 9.06
CA MET F 125 5.02 -1.17 8.51
C MET F 125 5.57 0.12 9.13
N GLU F 126 4.67 0.98 9.60
CA GLU F 126 5.07 2.24 10.23
C GLU F 126 5.90 2.01 11.50
N PHE F 127 5.68 0.89 12.17
CA PHE F 127 6.39 0.59 13.41
C PHE F 127 7.88 0.36 13.13
N PRO F 128 8.74 0.95 13.97
CA PRO F 128 10.19 0.83 13.76
C PRO F 128 10.76 -0.53 14.18
N ALA F 129 11.51 -1.16 13.30
CA ALA F 129 12.24 -2.38 13.65
C ALA F 129 13.49 -1.98 14.42
N VAL F 130 13.31 -1.66 15.70
CA VAL F 130 14.37 -1.15 16.56
CA VAL F 130 14.41 -1.19 16.53
C VAL F 130 14.72 -2.15 17.66
N PRO F 131 16.02 -2.30 17.97
CA PRO F 131 16.44 -3.17 19.07
C PRO F 131 16.18 -2.52 20.43
N ASP F 132 16.18 -3.33 21.47
CA ASP F 132 16.20 -2.82 22.82
C ASP F 132 17.50 -2.07 23.00
N PHE F 133 17.44 -0.90 23.61
CA PHE F 133 18.61 -0.04 23.72
C PHE F 133 19.72 -0.67 24.57
N ASP F 134 19.32 -1.31 25.68
CA ASP F 134 20.28 -2.00 26.52
C ASP F 134 21.02 -3.09 25.76
N VAL F 135 20.27 -3.84 24.94
CA VAL F 135 20.87 -4.92 24.15
C VAL F 135 21.87 -4.37 23.14
N ALA F 136 21.47 -3.34 22.41
CA ALA F 136 22.35 -2.71 21.43
C ALA F 136 23.60 -2.15 22.10
N THR F 137 23.41 -1.55 23.27
CA THR F 137 24.52 -1.00 24.04
C THR F 137 25.45 -2.09 24.52
N ALA F 138 24.87 -3.19 24.98
CA ALA F 138 25.65 -4.33 25.46
C ALA F 138 26.43 -5.00 24.32
N MET F 139 25.83 -5.04 23.14
CA MET F 139 26.47 -5.64 21.98
C MET F 139 27.64 -4.79 21.52
N LYS F 140 27.45 -3.47 21.50
CA LYS F 140 28.52 -2.56 21.10
C LYS F 140 29.69 -2.70 22.06
N ALA F 141 29.40 -2.66 23.35
CA ALA F 141 30.42 -2.76 24.38
C ALA F 141 31.16 -4.09 24.30
N ALA F 142 30.40 -5.17 24.14
CA ALA F 142 30.99 -6.51 24.04
C ALA F 142 31.90 -6.63 22.81
N ALA F 143 31.45 -6.09 21.69
CA ALA F 143 32.22 -6.15 20.46
C ALA F 143 33.55 -5.42 20.59
N GLN F 144 33.50 -4.22 21.19
CA GLN F 144 34.70 -3.44 21.42
C GLN F 144 35.66 -4.13 22.38
N GLU F 145 35.09 -4.68 23.46
CA GLU F 145 35.88 -5.33 24.50
C GLU F 145 36.45 -6.67 24.05
N SER F 146 35.89 -7.21 22.98
CA SER F 146 36.38 -8.47 22.43
C SER F 146 37.44 -8.21 21.36
N GLY F 147 37.80 -6.95 21.18
CA GLY F 147 38.82 -6.57 20.23
C GLY F 147 38.31 -6.44 18.81
N ALA F 148 37.03 -6.72 18.62
CA ALA F 148 36.43 -6.65 17.29
C ALA F 148 36.22 -5.22 16.83
N THR F 149 36.23 -5.01 15.53
CA THR F 149 35.83 -3.74 14.95
C THR F 149 34.31 -3.77 14.78
N VAL F 150 33.62 -2.85 15.43
CA VAL F 150 32.16 -2.85 15.42
C VAL F 150 31.57 -1.61 14.78
N HIS F 151 30.48 -1.80 14.03
CA HIS F 151 29.76 -0.69 13.43
C HIS F 151 28.34 -0.64 13.94
N MET F 152 27.89 0.54 14.33
CA MET F 152 26.49 0.75 14.73
C MET F 152 25.75 1.36 13.56
N GLY F 153 24.61 0.80 13.19
CA GLY F 153 23.83 1.38 12.12
C GLY F 153 22.66 0.57 11.63
N VAL F 154 21.99 1.11 10.63
CA VAL F 154 20.78 0.51 10.06
C VAL F 154 21.11 -0.71 9.22
N THR F 155 20.30 -1.75 9.37
CA THR F 155 20.46 -2.98 8.61
C THR F 155 19.26 -3.17 7.68
N ALA F 156 19.53 -3.47 6.41
CA ALA F 156 18.44 -3.85 5.51
C ALA F 156 18.17 -5.34 5.69
N SER F 157 16.99 -5.66 6.22
CA SER F 157 16.66 -7.04 6.55
C SER F 157 15.67 -7.64 5.56
N SER F 158 16.18 -8.55 4.72
CA SER F 158 15.45 -9.03 3.56
C SER F 158 14.89 -10.45 3.73
N ASP F 159 13.70 -10.67 3.18
CA ASP F 159 13.08 -12.00 3.21
C ASP F 159 13.71 -12.94 2.18
N THR F 160 14.61 -12.42 1.35
CA THR F 160 15.36 -13.29 0.45
C THR F 160 16.85 -13.00 0.53
N PHE F 161 17.65 -13.97 0.13
CA PHE F 161 19.09 -13.81 0.10
C PHE F 161 19.51 -13.23 -1.23
N TYR F 162 18.71 -13.49 -2.27
CA TYR F 162 19.13 -13.12 -3.62
C TYR F 162 18.51 -11.81 -4.16
N PRO F 163 17.24 -11.83 -4.62
CA PRO F 163 16.81 -10.58 -5.25
C PRO F 163 16.56 -9.45 -4.25
N GLY F 164 16.13 -9.78 -3.04
CA GLY F 164 15.88 -8.78 -2.02
C GLY F 164 17.15 -8.09 -1.53
N GLN F 165 18.29 -8.71 -1.80
CA GLN F 165 19.57 -8.09 -1.50
C GLN F 165 20.26 -7.69 -2.79
N GLU F 166 19.44 -7.61 -3.84
CA GLU F 166 19.86 -7.26 -5.20
C GLU F 166 21.08 -8.03 -5.69
N ARG F 167 21.06 -9.34 -5.52
CA ARG F 167 22.07 -10.20 -6.10
C ARG F 167 21.65 -10.56 -7.52
N TYR F 168 22.57 -10.40 -8.46
CA TYR F 168 22.29 -10.67 -9.86
C TYR F 168 22.88 -11.98 -10.35
N ASP F 169 23.83 -12.53 -9.61
CA ASP F 169 24.44 -13.80 -10.00
C ASP F 169 23.53 -14.95 -9.59
N THR F 170 22.39 -15.03 -10.26
CA THR F 170 21.34 -15.96 -9.90
C THR F 170 20.85 -16.70 -11.13
N PHE F 171 19.93 -17.65 -10.93
CA PHE F 171 19.41 -18.46 -12.03
C PHE F 171 18.76 -17.62 -13.13
N THR F 172 17.99 -16.61 -12.75
CA THR F 172 17.34 -15.77 -13.75
C THR F 172 18.16 -14.53 -14.06
N GLY F 173 18.94 -14.09 -13.09
CA GLY F 173 19.73 -12.87 -13.25
C GLY F 173 18.85 -11.64 -13.19
N ARG F 174 17.59 -11.84 -12.81
CA ARG F 174 16.64 -10.73 -12.72
CA ARG F 174 16.63 -10.74 -12.71
C ARG F 174 16.38 -10.34 -11.27
N VAL F 175 16.03 -9.08 -11.09
CA VAL F 175 15.62 -8.57 -9.78
C VAL F 175 14.33 -7.79 -10.01
N VAL F 176 13.30 -8.12 -9.22
CA VAL F 176 12.00 -7.47 -9.37
C VAL F 176 12.15 -5.95 -9.22
N ARG F 177 11.33 -5.23 -9.98
CA ARG F 177 11.35 -3.77 -10.05
C ARG F 177 11.56 -3.08 -8.70
N ARG F 178 10.83 -3.55 -7.69
CA ARG F 178 10.90 -3.02 -6.34
CA ARG F 178 10.91 -3.00 -6.34
C ARG F 178 12.34 -2.97 -5.81
N PHE F 179 13.11 -4.00 -6.13
CA PHE F 179 14.47 -4.11 -5.61
C PHE F 179 15.59 -3.71 -6.57
N GLN F 180 15.23 -3.33 -7.79
CA GLN F 180 16.23 -2.83 -8.73
C GLN F 180 16.83 -1.54 -8.21
N GLY F 181 18.15 -1.49 -8.12
CA GLY F 181 18.85 -0.33 -7.61
C GLY F 181 18.71 -0.12 -6.12
N SER F 182 18.14 -1.12 -5.43
CA SER F 182 17.87 -0.97 -4.00
C SER F 182 19.14 -0.93 -3.15
N MET F 183 20.15 -1.73 -3.51
CA MET F 183 21.37 -1.76 -2.71
C MET F 183 22.06 -0.40 -2.70
N LYS F 184 22.13 0.25 -3.86
CA LYS F 184 22.71 1.59 -3.89
C LYS F 184 21.83 2.60 -3.17
N GLU F 185 20.50 2.40 -3.22
CA GLU F 185 19.62 3.29 -2.49
C GLU F 185 19.85 3.17 -0.99
N TRP F 186 19.93 1.94 -0.49
CA TRP F 186 20.23 1.72 0.91
C TRP F 186 21.62 2.28 1.25
N GLN F 187 22.58 1.97 0.40
CA GLN F 187 23.94 2.44 0.62
C GLN F 187 23.98 3.96 0.71
N ASP F 188 23.27 4.63 -0.19
CA ASP F 188 23.18 6.08 -0.16
C ASP F 188 22.57 6.58 1.14
N MET F 189 21.63 5.80 1.69
CA MET F 189 20.93 6.19 2.91
C MET F 189 21.73 5.85 4.16
N GLY F 190 22.91 5.28 3.98
CA GLY F 190 23.79 4.98 5.09
C GLY F 190 23.57 3.61 5.71
N VAL F 191 22.73 2.80 5.08
CA VAL F 191 22.51 1.43 5.55
C VAL F 191 23.83 0.66 5.49
N LEU F 192 24.12 -0.10 6.54
CA LEU F 192 25.41 -0.74 6.68
C LEU F 192 25.47 -2.11 6.02
N ASN F 193 24.39 -2.86 6.11
CA ASN F 193 24.46 -4.27 5.77
C ASN F 193 23.15 -4.92 5.40
N PHE F 194 23.26 -6.10 4.78
CA PHE F 194 22.12 -6.94 4.46
C PHE F 194 22.10 -8.12 5.41
N GLU F 195 20.90 -8.56 5.78
CA GLU F 195 20.72 -9.64 6.72
C GLU F 195 19.27 -10.07 6.54
N MET F 196 18.84 -11.17 7.16
CA MET F 196 17.52 -11.70 6.86
C MET F 196 16.53 -11.84 8.03
N GLU F 197 16.99 -11.65 9.25
CA GLU F 197 16.14 -11.92 10.41
C GLU F 197 15.87 -10.71 11.32
N SER F 198 16.70 -9.69 11.24
CA SER F 198 16.62 -8.58 12.19
C SER F 198 15.30 -7.82 12.17
N ALA F 199 14.75 -7.56 10.98
CA ALA F 199 13.47 -6.84 10.89
C ALA F 199 12.37 -7.58 11.62
N THR F 200 12.27 -8.87 11.36
CA THR F 200 11.27 -9.71 12.00
C THR F 200 11.51 -9.74 13.52
N LEU F 201 12.72 -10.09 13.91
CA LEU F 201 13.07 -10.19 15.32
C LEU F 201 12.86 -8.88 16.08
N LEU F 202 13.40 -7.79 15.54
CA LEU F 202 13.32 -6.49 16.21
C LEU F 202 11.89 -5.97 16.30
N THR F 203 11.12 -6.12 15.22
CA THR F 203 9.73 -5.65 15.22
C THR F 203 8.89 -6.47 16.17
N MET F 204 9.02 -7.79 16.07
CA MET F 204 8.28 -8.71 16.91
C MET F 204 8.51 -8.44 18.38
N CYS F 205 9.79 -8.30 18.76
CA CYS F 205 10.13 -8.10 20.16
C CYS F 205 9.79 -6.70 20.69
N ALA F 206 10.07 -5.67 19.89
CA ALA F 206 9.79 -4.30 20.31
C ALA F 206 8.30 -4.05 20.45
N SER F 207 7.50 -4.87 19.78
CA SER F 207 6.04 -4.71 19.82
C SER F 207 5.39 -5.71 20.77
N SER F 208 6.19 -6.55 21.41
CA SER F 208 5.66 -7.62 22.25
C SER F 208 6.22 -7.65 23.67
N GLY F 209 6.87 -6.55 24.07
CA GLY F 209 7.43 -6.46 25.40
C GLY F 209 8.64 -7.35 25.60
N LEU F 210 9.37 -7.61 24.52
CA LEU F 210 10.58 -8.41 24.59
C LEU F 210 11.79 -7.55 24.20
N LYS F 211 12.95 -7.87 24.76
CA LYS F 211 14.16 -7.13 24.45
C LYS F 211 14.95 -7.89 23.40
N ALA F 212 15.30 -7.22 22.31
CA ALA F 212 16.04 -7.87 21.24
C ALA F 212 17.15 -7.00 20.68
N GLY F 213 18.07 -7.66 19.98
CA GLY F 213 19.14 -6.98 19.29
C GLY F 213 19.80 -7.93 18.32
N CYS F 214 20.52 -7.37 17.36
CA CYS F 214 21.17 -8.19 16.36
C CYS F 214 22.61 -7.74 16.17
N VAL F 215 23.53 -8.66 16.42
CA VAL F 215 24.92 -8.45 16.08
C VAL F 215 25.28 -9.49 15.03
N ALA F 216 25.99 -9.08 14.00
CA ALA F 216 26.32 -10.01 12.93
C ALA F 216 27.74 -9.82 12.42
N GLY F 217 28.41 -10.94 12.16
CA GLY F 217 29.75 -10.89 11.60
C GLY F 217 29.69 -10.69 10.11
N VAL F 218 30.44 -9.71 9.62
CA VAL F 218 30.52 -9.42 8.19
C VAL F 218 31.36 -10.49 7.51
N ILE F 219 30.71 -11.30 6.67
CA ILE F 219 31.40 -12.37 5.99
C ILE F 219 31.62 -12.03 4.52
N ILE F 220 31.16 -10.84 4.13
CA ILE F 220 31.27 -10.42 2.74
C ILE F 220 31.00 -8.92 2.62
N ASN F 221 31.72 -8.28 1.70
CA ASN F 221 31.40 -6.91 1.35
C ASN F 221 30.89 -6.88 -0.09
N ARG F 222 29.68 -6.37 -0.27
CA ARG F 222 29.02 -6.37 -1.56
C ARG F 222 29.66 -5.40 -2.56
N THR F 223 30.59 -4.59 -2.07
CA THR F 223 31.40 -3.76 -2.94
C THR F 223 32.29 -4.66 -3.79
N GLN F 224 32.64 -5.83 -3.26
CA GLN F 224 33.49 -6.77 -3.98
C GLN F 224 32.72 -7.87 -4.71
N LYS F 225 31.83 -8.57 -4.01
CA LYS F 225 31.23 -9.77 -4.59
C LYS F 225 29.88 -10.12 -3.99
N GLU F 226 29.26 -11.16 -4.52
CA GLU F 226 27.94 -11.58 -4.07
C GLU F 226 27.95 -12.83 -3.22
N ILE F 227 28.96 -13.68 -3.43
CA ILE F 227 29.07 -14.91 -2.64
C ILE F 227 30.23 -14.81 -1.65
N PRO F 228 29.93 -14.97 -0.36
CA PRO F 228 30.95 -14.84 0.69
C PRO F 228 32.08 -15.85 0.53
N ASP F 229 33.26 -15.42 0.65
CA ASP F 229 34.43 -16.28 0.63
C ASP F 229 34.36 -17.33 1.75
N HIS F 230 34.80 -18.54 1.48
CA HIS F 230 34.73 -19.63 2.47
C HIS F 230 35.91 -19.72 3.45
N ALA F 231 36.93 -18.91 3.21
CA ALA F 231 38.15 -18.88 4.01
C ALA F 231 38.01 -18.16 5.35
N THR F 232 37.21 -17.09 5.38
CA THR F 232 37.12 -16.25 6.57
C THR F 232 35.88 -16.52 7.42
N LEU F 233 35.03 -17.44 6.95
CA LEU F 233 33.76 -17.72 7.61
C LEU F 233 33.90 -18.13 9.08
N LYS F 234 34.71 -19.14 9.34
CA LYS F 234 34.83 -19.68 10.70
C LYS F 234 35.45 -18.70 11.69
N GLU F 235 36.45 -17.95 11.26
CA GLU F 235 37.08 -16.95 12.13
C GLU F 235 36.12 -15.83 12.48
N THR F 236 35.37 -15.36 11.48
CA THR F 236 34.38 -14.32 11.69
C THR F 236 33.29 -14.80 12.64
N GLU F 237 32.81 -16.02 12.41
CA GLU F 237 31.80 -16.62 13.27
C GLU F 237 32.28 -16.75 14.71
N ALA F 238 33.51 -17.23 14.87
CA ALA F 238 34.10 -17.42 16.20
C ALA F 238 34.16 -16.10 16.96
N ARG F 239 34.51 -15.03 16.24
CA ARG F 239 34.57 -13.71 16.84
C ARG F 239 33.18 -13.26 17.26
N SER F 240 32.20 -13.46 16.39
CA SER F 240 30.83 -13.02 16.64
C SER F 240 30.22 -13.71 17.86
N ILE F 241 30.50 -14.99 18.05
CA ILE F 241 29.92 -15.71 19.18
C ILE F 241 30.58 -15.32 20.50
N LYS F 242 31.87 -15.01 20.45
CA LYS F 242 32.57 -14.47 21.61
C LYS F 242 31.88 -13.17 22.01
N VAL F 243 31.58 -12.35 21.01
CA VAL F 243 30.93 -11.06 21.23
C VAL F 243 29.53 -11.21 21.83
N VAL F 244 28.72 -12.09 21.25
CA VAL F 244 27.33 -12.22 21.68
C VAL F 244 27.22 -12.81 23.09
N VAL F 245 28.15 -13.68 23.46
CA VAL F 245 28.15 -14.24 24.80
C VAL F 245 28.53 -13.17 25.82
N GLU F 246 29.50 -12.33 25.46
CA GLU F 246 29.88 -11.22 26.32
C GLU F 246 28.73 -10.20 26.41
N ALA F 247 28.01 -10.05 25.30
CA ALA F 247 26.86 -9.16 25.28
C ALA F 247 25.75 -9.72 26.18
N ALA F 248 25.60 -11.03 26.17
CA ALA F 248 24.65 -11.70 27.06
C ALA F 248 25.03 -11.51 28.51
N ARG F 249 26.33 -11.62 28.79
CA ARG F 249 26.84 -11.42 30.15
C ARG F 249 26.51 -10.02 30.65
N LYS F 250 26.62 -9.03 29.78
CA LYS F 250 26.32 -7.65 30.15
C LYS F 250 24.84 -7.43 30.39
N MET F 251 24.01 -8.21 29.71
CA MET F 251 22.55 -8.11 29.85
C MET F 251 22.04 -8.76 31.14
N LEU F 252 22.84 -9.65 31.72
CA LEU F 252 22.42 -10.39 32.90
C LEU F 252 22.76 -9.67 34.21
NA NA G . 4.45 23.96 11.26
C1 EDO H . 28.62 18.50 34.63
O1 EDO H . 28.21 19.09 35.86
C2 EDO H . 28.28 19.41 33.46
O2 EDO H . 28.45 18.68 32.25
C1 EDO I . -10.52 -2.89 8.85
O1 EDO I . -10.11 -2.51 7.53
C2 EDO I . -9.43 -2.55 9.85
O2 EDO I . -9.31 -1.12 9.96
C1 EDO J . 26.00 36.94 28.59
O1 EDO J . 26.83 37.87 27.89
C2 EDO J . 25.73 37.44 30.00
O2 EDO J . 25.16 36.42 30.82
C1 EDO K . 24.46 32.28 32.45
O1 EDO K . 25.49 32.54 33.39
C2 EDO K . 24.74 30.95 31.75
O2 EDO K . 23.93 30.84 30.58
C1 EDO L . -14.99 7.00 11.17
O1 EDO L . -15.48 7.29 12.48
C2 EDO L . -14.50 8.28 10.51
O2 EDO L . -14.04 7.98 9.19
C1 EDO M . 8.44 22.91 22.33
O1 EDO M . 9.65 23.65 22.21
C2 EDO M . 8.21 22.57 23.79
O2 EDO M . 7.20 23.44 24.34
C1 EDO N . 5.86 20.19 22.27
O1 EDO N . 6.58 19.80 23.46
C2 EDO N . 6.70 19.87 21.04
O2 EDO N . 6.59 20.94 20.10
C1 EDO O . 13.32 13.71 40.10
O1 EDO O . 13.37 12.28 40.19
C2 EDO O . 13.13 14.12 38.65
O2 EDO O . 11.89 13.61 38.15
C1 EDO P . 0.74 6.07 5.63
O1 EDO P . 1.88 6.41 4.83
C2 EDO P . 1.21 5.53 6.98
O2 EDO P . 1.69 6.58 7.81
C1 EDO Q . 22.44 33.84 29.07
O1 EDO Q . 23.59 32.97 29.07
C2 EDO Q . 22.88 35.27 28.78
O2 EDO Q . 21.74 36.07 28.45
C1 EOH R . 6.64 35.70 10.84
C2 EOH R . 7.29 36.90 11.53
O EOH R . 7.21 35.42 9.58
C1 EDO S . 30.03 7.08 25.08
O1 EDO S . 30.12 6.19 26.18
C2 EDO S . 31.04 6.68 24.01
O2 EDO S . 30.89 7.52 22.86
C1 EDO T . 18.46 9.62 41.38
O1 EDO T . 19.15 9.52 42.63
C2 EDO T . 18.58 8.31 40.62
O2 EDO T . 17.86 8.39 39.39
C1 EDO U . -6.35 -3.85 20.10
O1 EDO U . -6.92 -4.16 21.38
C2 EDO U . -7.24 -4.41 19.00
O2 EDO U . -6.65 -4.12 17.73
C1 EDO V . 19.96 39.53 22.14
O1 EDO V . 18.72 39.04 21.63
C2 EDO V . 21.09 38.60 21.73
O2 EDO V . 21.21 38.60 20.30
C1 EDO W . 14.49 26.45 36.26
O1 EDO W . 15.78 25.82 36.32
C2 EDO W . 14.35 27.21 34.95
O2 EDO W . 13.00 27.66 34.80
C1 EDO X . 4.07 23.90 31.29
O1 EDO X . 5.11 24.09 32.27
C2 EDO X . 4.16 22.48 30.75
O2 EDO X . 3.22 22.33 29.66
C1 EOH Y . 4.70 -2.58 29.11
C2 EOH Y . 5.51 -2.16 30.33
O EOH Y . 4.78 -1.62 28.08
C1 PEG Z . 31.51 28.62 30.42
O1 PEG Z . 32.45 27.66 30.10
C2 PEG Z . 30.37 28.00 31.15
O2 PEG Z . 29.54 28.98 31.67
C3 PEG Z . 28.85 28.72 32.83
C4 PEG Z . 28.08 29.95 33.22
O4 PEG Z . 28.96 30.98 33.45
C1 PEG AA . 1.98 1.02 36.32
O1 PEG AA . 2.05 0.34 35.12
C2 PEG AA . 3.26 0.86 37.06
O2 PEG AA . 3.69 2.10 37.49
C3 PEG AA . 2.99 2.77 38.48
C4 PEG AA . 3.41 4.19 38.53
O4 PEG AA . 2.95 4.84 37.39
C1 PEG BA . 28.24 22.63 4.26
O1 PEG BA . 26.95 22.15 4.37
C2 PEG BA . 28.28 24.09 4.55
O2 PEG BA . 27.88 24.82 3.43
C3 PEG BA . 27.61 26.17 3.55
C4 PEG BA . 27.05 26.68 2.27
O4 PEG BA . 26.56 27.96 2.47
C1 PEG CA . 14.13 35.16 5.29
O1 PEG CA . 13.18 34.33 4.74
C2 PEG CA . 15.22 35.44 4.31
O2 PEG CA . 15.77 34.29 3.81
C3 PEG CA . 15.51 33.93 2.51
C4 PEG CA . 16.66 34.24 1.58
O4 PEG CA . 16.24 34.16 0.26
C1 PEG DA . -10.18 12.05 24.26
O1 PEG DA . -10.60 11.39 23.13
C2 PEG DA . -8.69 12.02 24.32
O2 PEG DA . -8.20 13.31 24.25
C3 PEG DA . -8.11 14.08 25.38
C4 PEG DA . -6.95 13.62 26.22
O4 PEG DA . -5.98 14.58 26.22
C1 PEG EA . 31.73 15.96 7.87
O1 PEG EA . 32.94 16.54 7.53
C2 PEG EA . 30.76 16.17 6.75
O2 PEG EA . 30.50 17.51 6.60
C3 PEG EA . 30.61 18.09 5.36
C4 PEG EA . 29.66 17.44 4.41
O4 PEG EA . 29.55 18.21 3.27
C1 PEG FA . 25.79 3.43 33.42
O1 PEG FA . 24.90 3.50 34.46
C2 PEG FA . 26.79 4.53 33.55
O2 PEG FA . 27.79 4.39 32.62
C3 PEG FA . 28.49 3.21 32.54
C4 PEG FA . 29.86 3.47 32.01
O4 PEG FA . 30.66 3.98 33.02
P PO4 GA . 2.40 29.89 2.80
O1 PO4 GA . 2.19 28.89 1.68
O2 PO4 GA . 1.07 30.43 3.24
O3 PO4 GA . 3.27 31.02 2.30
O4 PO4 GA . 3.10 29.21 3.97
P PO4 HA . -23.20 24.02 13.35
O1 PO4 HA . -24.48 23.24 13.25
O2 PO4 HA . -22.30 23.40 14.40
O3 PO4 HA . -22.49 24.01 12.02
O4 PO4 HA . -23.50 25.45 13.75
S SO4 IA . 9.74 2.77 -9.88
O1 SO4 IA . 10.72 2.96 -10.94
O2 SO4 IA . 9.56 1.35 -9.62
O3 SO4 IA . 8.45 3.34 -10.30
O4 SO4 IA . 10.18 3.44 -8.66
S SO4 JA . -13.82 32.34 -17.43
O1 SO4 JA . -14.63 32.34 -18.64
O2 SO4 JA . -13.62 30.96 -16.99
O3 SO4 JA . -12.52 32.95 -17.72
O4 SO4 JA . -14.50 33.10 -16.38
C1 EDO KA . 4.15 30.00 24.18
O1 EDO KA . 2.89 29.87 23.52
C2 EDO KA . 4.45 31.48 24.41
O2 EDO KA . 4.31 32.19 23.18
C1 EDO LA . 5.69 26.07 -1.82
O1 EDO LA . 5.81 25.24 -2.98
C2 EDO LA . 5.88 25.21 -0.57
O2 EDO LA . 5.86 26.05 0.59
C1 EDO MA . -9.63 34.20 -16.09
O1 EDO MA . -9.55 33.03 -15.26
C2 EDO MA . -8.21 34.71 -16.39
O2 EDO MA . -7.55 35.03 -15.17
C1 EOH NA . -20.60 17.93 3.85
C2 EOH NA . -21.55 18.94 3.21
O EOH NA . -19.25 18.20 3.53
C1 EDO OA . 2.44 42.31 12.75
O1 EDO OA . 2.72 42.11 14.14
C2 EDO OA . 3.17 41.25 11.92
O2 EDO OA . 2.83 41.41 10.54
C1 EDO PA . -19.00 42.52 16.09
O1 EDO PA . -18.98 43.37 17.24
C2 EDO PA . -20.36 41.84 15.97
O2 EDO PA . -20.38 40.96 14.84
C1 PEG QA . -6.56 27.29 -16.37
O1 PEG QA . -5.62 28.07 -17.02
C2 PEG QA . -7.69 28.15 -15.91
O2 PEG QA . -8.79 27.36 -15.66
C3 PEG QA . -10.06 27.89 -15.84
C4 PEG QA . -11.08 26.84 -15.57
O4 PEG QA . -12.23 27.45 -15.11
C1 PEG RA . 16.19 10.64 -12.50
O1 PEG RA . 16.46 9.92 -11.35
C2 PEG RA . 14.74 10.97 -12.56
O2 PEG RA . 14.15 10.25 -13.58
C3 PEG RA . 13.64 10.94 -14.67
C4 PEG RA . 12.19 10.65 -14.82
O4 PEG RA . 11.58 11.68 -15.50
C1 PEG SA . 4.17 10.59 -5.63
O1 PEG SA . 4.22 9.76 -4.53
C2 PEG SA . 5.50 10.67 -6.29
O2 PEG SA . 5.46 10.06 -7.52
C3 PEG SA . 5.39 8.68 -7.60
C4 PEG SA . 4.13 8.27 -8.28
O4 PEG SA . 3.88 6.95 -8.01
P PO4 TA . -25.29 4.75 -15.61
O1 PO4 TA . -24.54 3.52 -16.01
O2 PO4 TA . -26.78 4.44 -15.53
O3 PO4 TA . -25.07 5.84 -16.64
O4 PO4 TA . -24.80 5.23 -14.26
K K UA . -18.53 -2.48 -19.21
CL CL VA . -27.12 2.50 -6.95
S SO4 WA . -39.07 17.55 -14.33
O1 SO4 WA . -40.52 17.72 -14.31
O2 SO4 WA . -38.74 16.13 -14.33
O3 SO4 WA . -38.52 18.18 -15.53
O4 SO4 WA . -38.49 18.18 -13.15
C1 EDO XA . -25.55 3.24 5.84
O1 EDO XA . -25.65 4.67 5.88
C2 EDO XA . -24.44 2.81 6.76
O2 EDO XA . -24.52 1.40 7.00
C1 EDO YA . -16.63 3.77 11.85
O1 EDO YA . -15.47 3.60 11.03
C2 EDO YA . -17.71 4.47 11.03
O2 EDO YA . -18.88 4.66 11.82
C1 EDO ZA . -23.90 2.01 -9.95
O1 EDO ZA . -24.43 2.12 -11.27
C2 EDO ZA . -24.43 3.13 -9.08
O2 EDO ZA . -24.16 2.83 -7.70
C1 EDO AB . -20.48 28.79 -10.34
O1 EDO AB . -21.71 28.38 -9.73
C2 EDO AB . -19.45 27.69 -10.10
O2 EDO AB . -18.15 28.07 -10.56
C1 EDO BB . -25.15 27.02 -3.58
O1 EDO BB . -26.46 26.56 -3.22
C2 EDO BB . -25.26 28.34 -4.34
O2 EDO BB . -26.07 28.15 -5.50
C1 EDO CB . -32.08 -7.47 -3.16
O1 EDO CB . -32.50 -6.48 -2.20
C2 EDO CB . -30.68 -7.14 -3.65
O2 EDO CB . -30.13 -8.21 -4.42
C1 EOH DB . -38.56 6.21 -5.25
C2 EOH DB . -39.70 7.19 -5.01
O EOH DB . -38.84 5.28 -6.27
C1 PEG EB . -27.54 15.95 2.04
O1 PEG EB . -28.84 16.39 2.23
C2 PEG EB . -26.66 17.10 1.66
O2 PEG EB . -26.86 17.39 0.32
C3 PEG EB . -26.15 18.43 -0.25
C4 PEG EB . -26.92 19.70 -0.10
O4 PEG EB . -27.15 20.26 -1.35
C1 PEG FB . -34.54 17.17 -35.21
O1 PEG FB . -33.38 17.78 -35.64
C2 PEG FB . -34.81 15.95 -36.04
O2 PEG FB . -34.72 16.26 -37.38
C3 PEG FB . -33.68 15.76 -38.12
C4 PEG FB . -33.94 15.98 -39.58
O4 PEG FB . -32.89 16.70 -40.13
C1 PEG GB . -25.96 -7.35 6.65
O1 PEG GB . -24.93 -6.57 7.15
C2 PEG GB . -25.63 -8.80 6.84
O2 PEG GB . -25.75 -9.46 5.63
C3 PEG GB . -26.99 -9.75 5.11
C4 PEG GB . -26.88 -10.97 4.25
O4 PEG GB . -27.92 -10.99 3.35
C1 PEG HB . -37.46 -3.79 -1.24
O1 PEG HB . -37.14 -4.99 -0.67
C2 PEG HB . -38.03 -4.04 -2.60
O2 PEG HB . -39.40 -3.78 -2.60
C3 PEG HB . -40.24 -4.58 -3.32
C4 PEG HB . -39.74 -4.74 -4.72
O4 PEG HB . -38.99 -5.90 -4.80
C1 PEG IB . -7.81 -3.49 -1.19
O1 PEG IB . -7.74 -4.10 0.05
C2 PEG IB . -7.73 -2.01 -1.03
O2 PEG IB . -6.48 -1.56 -1.34
C3 PEG IB . -6.11 -1.39 -2.66
C4 PEG IB . -6.93 -0.31 -3.28
O4 PEG IB . -6.36 0.07 -4.48
C1 PEG JB . -35.75 21.44 -30.46
O1 PEG JB . -36.99 20.82 -30.38
C2 PEG JB . -34.86 20.88 -29.41
O2 PEG JB . -33.54 21.19 -29.70
C3 PEG JB . -32.86 22.07 -28.90
C4 PEG JB . -31.62 21.41 -28.38
O4 PEG JB . -31.49 21.68 -27.03
S SO4 KB . -33.68 -1.07 -21.78
O1 SO4 KB . -34.85 -1.89 -21.48
O2 SO4 KB . -33.33 -1.24 -23.19
O3 SO4 KB . -34.00 0.33 -21.52
O4 SO4 KB . -32.56 -1.49 -20.94
C1 EDO LB . -0.85 -32.67 -22.71
O1 EDO LB . -0.23 -33.72 -21.95
C2 EDO LB . 0.03 -31.44 -22.72
O2 EDO LB . 0.20 -30.96 -21.38
C1 EDO MB . 4.36 -19.05 -15.40
O1 EDO MB . 4.09 -20.23 -14.65
C2 EDO MB . 3.61 -17.88 -14.78
O2 EDO MB . 4.04 -16.64 -15.36
C1 EDO NB . -15.73 -13.68 -27.90
O1 EDO NB . -17.00 -14.32 -27.75
C2 EDO NB . -15.88 -12.17 -27.69
O2 EDO NB . -16.64 -11.92 -26.51
C1 EDO OB . -7.95 -6.48 -23.81
O1 EDO OB . -6.92 -7.37 -24.26
C2 EDO OB . -9.28 -6.88 -24.45
O2 EDO OB . -10.29 -5.94 -24.07
C1 EOH PB . -13.40 -10.31 -25.24
C2 EOH PB . -12.34 -9.85 -26.24
O EOH PB . -13.97 -9.22 -24.54
C1 PEG QB . 10.44 3.16 -15.08
O1 PEG QB . 9.69 2.01 -15.23
C2 PEG QB . 9.83 4.03 -14.03
O2 PEG QB . 10.67 5.10 -13.78
C3 PEG QB . 10.43 5.94 -12.72
C4 PEG QB . 10.81 7.33 -13.09
O4 PEG QB . 11.28 8.01 -11.99
C1 PEG RB . -4.77 7.35 -32.98
O1 PEG RB . -5.87 7.94 -33.56
C2 PEG RB . -4.35 8.15 -31.79
O2 PEG RB . -3.34 7.52 -31.11
C3 PEG RB . -2.07 8.07 -31.13
C4 PEG RB . -1.23 7.37 -32.15
O4 PEG RB . 0.10 7.68 -31.94
NA NA SB . 13.90 -21.43 7.99
S SO4 TB . 5.55 -29.18 6.98
O1 SO4 TB . 6.19 -30.45 7.30
O2 SO4 TB . 4.61 -29.38 5.88
O3 SO4 TB . 6.56 -28.20 6.58
O4 SO4 TB . 4.83 -28.68 8.16
S SO4 UB . -9.96 -4.99 13.46
O1 SO4 UB . -10.25 -4.51 12.12
O2 SO4 UB . -8.89 -5.97 13.38
O3 SO4 UB . -11.13 -5.64 14.04
O4 SO4 UB . -9.55 -3.87 14.29
C1 EDO VB . 28.00 -18.73 6.59
O1 EDO VB . 26.77 -19.25 6.08
C2 EDO VB . 28.62 -19.76 7.53
O2 EDO VB . 29.51 -19.09 8.44
C1 EDO WB . -3.03 -37.02 -15.54
O1 EDO WB . -2.03 -36.93 -14.52
C2 EDO WB . -4.26 -36.21 -15.12
O2 EDO WB . -5.42 -37.03 -15.22
C1 EDO XB . 0.17 -25.89 10.39
O1 EDO XB . -0.21 -24.55 10.75
C2 EDO XB . 0.05 -26.04 8.88
O2 EDO XB . -1.28 -25.68 8.48
C1 EDO YB . 19.32 -31.61 10.11
O1 EDO YB . 20.57 -32.28 10.28
C2 EDO YB . 19.53 -30.31 9.34
O2 EDO YB . 19.86 -30.59 7.96
C1 EDO ZB . -1.03 -4.88 -2.47
O1 EDO ZB . -0.46 -5.09 -1.17
C2 EDO ZB . -0.77 -3.45 -2.92
O2 EDO ZB . -1.35 -3.26 -4.23
C1 PEG AC . -8.43 -18.40 17.03
O1 PEG AC . -8.68 -17.76 15.83
C2 PEG AC . -8.40 -19.87 16.81
O2 PEG AC . -7.13 -20.34 17.05
C3 PEG AC . -6.89 -21.07 18.20
C4 PEG AC . -5.75 -20.47 18.94
O4 PEG AC . -6.02 -19.13 19.17
C1 PEG BC . 26.38 -23.25 7.18
C2 PEG BC . 27.27 -24.31 6.63
O2 PEG BC . 27.03 -25.52 7.27
C3 PEG BC . 28.00 -26.06 8.06
C4 PEG BC . 27.51 -27.32 8.67
O4 PEG BC . 28.52 -27.90 9.41
C1 PEG CC . -16.03 -15.54 16.10
O1 PEG CC . -16.38 -14.87 14.94
C2 PEG CC . -14.86 -16.42 15.84
O2 PEG CC . -15.14 -17.24 14.77
C3 PEG CC . -14.16 -18.10 14.30
C4 PEG CC . -14.60 -18.72 13.03
O4 PEG CC . -13.52 -19.32 12.41
P PO4 DC . 22.97 -16.48 10.21
O1 PO4 DC . 21.88 -17.28 9.53
O2 PO4 DC . 24.31 -17.05 9.82
O3 PO4 DC . 22.88 -15.03 9.77
O4 PO4 DC . 22.79 -16.57 11.71
CL CL EC . 25.36 -11.58 2.63
S SO4 FC . 32.95 4.95 20.84
O1 SO4 FC . 31.73 4.93 20.02
O2 SO4 FC . 34.12 4.74 19.99
O3 SO4 FC . 33.06 6.24 21.50
O4 SO4 FC . 32.88 3.88 21.84
C1 EDO GC . 21.65 -12.90 5.12
O1 EDO GC . 21.75 -14.33 4.97
C2 EDO GC . 22.46 -12.22 4.03
O2 EDO GC . 22.87 -10.92 4.47
C1 EDO HC . 39.14 -1.90 2.30
O1 EDO HC . 39.44 -3.29 2.49
C2 EDO HC . 39.02 -1.62 0.80
O2 EDO HC . 38.26 -2.66 0.17
C1 EDO IC . 10.35 -4.43 26.14
O1 EDO IC . 10.78 -4.07 24.83
C2 EDO IC . 11.47 -4.17 27.14
O2 EDO IC . 11.24 -4.94 28.33
C1 EDO JC . 31.49 -21.53 0.69
O1 EDO JC . 31.26 -21.61 2.10
C2 EDO JC . 31.85 -20.09 0.32
O2 EDO JC . 32.21 -20.02 -1.06
C1 EDO KC . 12.30 -34.48 14.04
O1 EDO KC . 13.71 -34.67 14.05
C2 EDO KC . 11.96 -33.00 14.15
O2 EDO KC . 10.57 -32.75 13.82
C1 EDO LC . 15.36 -27.69 36.00
O1 EDO LC . 14.20 -26.84 35.86
C2 EDO LC . 15.12 -29.02 35.29
O2 EDO LC . 16.09 -29.21 34.28
C1 EDO MC . 16.12 2.06 -6.04
O1 EDO MC . 15.86 1.62 -4.70
C2 EDO MC . 16.51 3.54 -6.04
O2 EDO MC . 17.20 3.84 -7.26
C1 EOH NC . 11.27 -32.37 26.18
C2 EOH NC . 9.79 -32.24 25.87
O EOH NC . 11.87 -31.13 26.41
C1 PEG OC . 23.59 -7.91 -13.91
O1 PEG OC . 22.39 -8.52 -14.24
C2 PEG OC . 23.46 -6.44 -14.06
O2 PEG OC . 22.63 -5.95 -13.09
C3 PEG OC . 21.63 -5.05 -13.43
C4 PEG OC . 22.11 -3.66 -13.24
O4 PEG OC . 21.25 -2.79 -13.87
C1 PEG PC . 10.13 -36.88 18.94
O1 PEG PC . 9.30 -36.99 17.85
C2 PEG PC . 9.77 -35.68 19.73
O2 PEG PC . 10.71 -35.46 20.72
C3 PEG PC . 10.58 -34.40 21.57
C4 PEG PC . 11.86 -34.14 22.28
O4 PEG PC . 12.06 -32.78 22.42
C1 PEG QC . 25.55 7.81 8.20
O1 PEG QC . 24.20 7.63 8.47
C2 PEG QC . 25.84 7.48 6.78
O2 PEG QC . 26.28 8.59 6.09
C3 PEG QC . 25.68 9.08 4.96
C4 PEG QC . 24.51 8.32 4.44
O4 PEG QC . 23.65 9.20 3.78
C1 PEG RC . 21.42 -34.57 17.29
O1 PEG RC . 20.17 -34.44 17.86
C2 PEG RC . 21.76 -33.31 16.57
O2 PEG RC . 22.17 -32.35 17.46
C3 PEG RC . 21.90 -31.02 17.23
C4 PEG RC . 22.51 -30.59 15.93
O4 PEG RC . 21.85 -29.47 15.44
C1 PEG SC . 33.07 -24.43 29.53
O1 PEG SC . 32.19 -24.80 28.53
C2 PEG SC . 33.28 -22.96 29.50
O2 PEG SC . 34.02 -22.61 28.40
C3 PEG SC . 34.30 -21.29 28.16
C4 PEG SC . 35.55 -21.17 27.35
O4 PEG SC . 36.61 -21.68 28.07
C1 PEG TC . 37.60 -2.12 24.71
O1 PEG TC . 38.09 -2.40 25.98
C2 PEG TC . 37.11 -0.71 24.66
O2 PEG TC . 36.18 -0.52 25.67
C3 PEG TC . 35.04 0.19 25.40
C4 PEG TC . 33.84 -0.64 25.70
O4 PEG TC . 33.77 -0.89 27.06
C1 PEG UC . 28.15 6.61 3.69
O1 PEG UC . 29.09 5.61 3.97
C2 PEG UC . 26.93 5.98 3.08
O2 PEG UC . 26.54 6.59 1.89
C3 PEG UC . 27.46 6.76 0.87
C4 PEG UC . 26.73 6.72 -0.42
O4 PEG UC . 27.21 5.76 -1.29
#